data_9N26
#
_entry.id   9N26
#
_cell.length_a   92.937
_cell.length_b   92.937
_cell.length_c   405.763
_cell.angle_alpha   90.000
_cell.angle_beta   90.000
_cell.angle_gamma   120.000
#
_symmetry.space_group_name_H-M   'P 61'
#
loop_
_entity.id
_entity.type
_entity.pdbx_description
1 polymer 'DNA gyrase subunit B fusion with DNA gyrase subunit A'
2 polymer "DNA (5'-D(*AP*GP*CP*CP*GP*TP*AP*GP*GP*GP*CP*CP*CP*TP*AP*CP*GP*GP*CP*T)-3')"
3 non-polymer 'MANGANESE (II) ION'
4 non-polymer N-{(2r,5r)-2-[2-(6-methoxyquinolin-4-yl)ethyl]-1,3-dioxan-5-yl}-3-oxo-3,4-dihydro-2H-1,4-benzothiazine-6-carboxamide
5 water water
#
loop_
_entity_poly.entity_id
_entity_poly.type
_entity_poly.pdbx_seq_one_letter_code
_entity_poly.pdbx_strand_id
1 'polypeptide(L)'
;GMDVASLPGKLADCSSKSPEECEIFLVEGDSAGGSTKSGRDSRTQAILPLRGKILNVEKARLDRILNNNEIRQMITAFGT
GIGGDFDLAKARYHKIVIMTDADVDGAHIRTLLLTFFYRFMRPLIEAGYVYIAQPPTGYKGLGEMNADQLWETTMNPEHR
ALLQVKLEDAIEADQTFEMLMGDVVENRRQFIEDNAVYANLDFAELPQSRINERNITSEMRESFLDYAMSVIVARALPDV
RDGLKPVHRRILYGLNEQGMTPDKSYKKSARIVGDVMGKYHPHGDSSIYEAMVRMAQDFSYRYPLVDGQGNFGSMDGDGA
AAMRFTEARMTKITLELLRDINKDTIDFIDNYDGNEREPSVLPARFPNLLANGASGIAVGMATNIPPHNLTELINGVLSL
SKNPDISIAELMEDIEGPDFPTAGLILGKSGIRRAYETGRGSIQMRSRAVIEERGGGRQRIVVTEIPFQVNKARMIEKIA
ELVRDKKIDGITDLRDETSLRTGVRVVIDVRKDANASVILNNLYKQTPLQTSFGVNMIALVNGRPKLINLKEALVHYLEH
QKTVVRRRTQYNLRKAKDRAHILEGLRIALDHIDEIISTIRESDTDKVAMESLQQRFKLSEKQAQAILDMRLRRLTGLER
DKIEAEYNELLNYISELETILADEEVLLQLVRDELTEIRDRFGDDRRTEIQLG
;
A,B
2 'polydeoxyribonucleotide' (DA)(DG)(DC)(DC)(DG)(DT)(DA)(DG)(DG)(DG)(DC)(DC)(DC)(DT)(DA)(DC)(DG)(DG)(DC)(DT) C,D
#
# COMPACT_ATOMS: atom_id res chain seq x y z
N GLY A 9 -7.48 -4.37 29.51
CA GLY A 9 -6.95 -5.04 28.32
C GLY A 9 -8.04 -5.25 27.25
N LYS A 10 -7.69 -5.96 26.17
CA LYS A 10 -8.65 -6.30 25.13
C LYS A 10 -9.16 -7.73 25.29
N LEU A 11 -9.24 -8.25 26.53
CA LEU A 11 -9.92 -9.51 26.75
C LEU A 11 -11.38 -9.35 26.31
N ALA A 12 -11.84 -10.16 25.35
CA ALA A 12 -13.26 -10.24 25.03
C ALA A 12 -13.84 -11.52 25.63
N ASP A 13 -14.35 -11.40 26.87
CA ASP A 13 -14.72 -12.57 27.67
C ASP A 13 -16.04 -13.15 27.19
N CYS A 14 -16.24 -14.44 27.50
CA CYS A 14 -17.52 -15.11 27.31
C CYS A 14 -18.41 -14.80 28.51
N SER A 15 -19.70 -15.16 28.41
CA SER A 15 -20.71 -14.84 29.42
C SER A 15 -20.75 -15.89 30.53
N SER A 16 -20.67 -17.18 30.18
CA SER A 16 -20.61 -18.21 31.19
C SER A 16 -19.36 -18.02 32.06
N LYS A 17 -19.48 -18.40 33.34
CA LYS A 17 -18.41 -18.23 34.31
C LYS A 17 -18.06 -19.57 34.97
N SER A 18 -18.53 -20.68 34.39
CA SER A 18 -18.06 -21.98 34.83
C SER A 18 -16.81 -22.36 34.03
N PRO A 19 -15.62 -22.27 34.66
CA PRO A 19 -14.37 -22.68 34.02
C PRO A 19 -14.49 -23.86 33.08
N GLU A 20 -15.20 -24.92 33.52
CA GLU A 20 -15.11 -26.22 32.87
C GLU A 20 -15.66 -26.20 31.45
N GLU A 21 -16.54 -25.24 31.10
CA GLU A 21 -17.08 -25.21 29.76
C GLU A 21 -16.52 -24.04 28.95
N CYS A 22 -15.62 -23.25 29.54
CA CYS A 22 -15.13 -22.03 28.91
C CYS A 22 -13.76 -22.23 28.28
N GLU A 23 -13.59 -21.56 27.14
CA GLU A 23 -12.37 -21.63 26.35
C GLU A 23 -11.89 -20.20 26.10
N ILE A 24 -10.56 -20.00 26.14
CA ILE A 24 -10.00 -18.73 25.71
C ILE A 24 -9.05 -18.97 24.54
N PHE A 25 -9.23 -18.21 23.45
CA PHE A 25 -8.40 -18.32 22.27
C PHE A 25 -7.42 -17.15 22.22
N LEU A 26 -6.12 -17.47 22.11
CA LEU A 26 -5.05 -16.49 21.98
C LEU A 26 -4.75 -16.30 20.50
N VAL A 27 -4.87 -15.06 20.01
CA VAL A 27 -4.63 -14.76 18.61
C VAL A 27 -3.58 -13.65 18.55
N GLU A 28 -3.02 -13.41 17.35
CA GLU A 28 -1.83 -12.56 17.25
C GLU A 28 -2.11 -11.07 17.43
N GLY A 29 -3.34 -10.62 17.15
CA GLY A 29 -3.69 -9.20 17.18
C GLY A 29 -5.17 -8.98 16.87
N ASP A 30 -5.55 -7.70 16.64
CA ASP A 30 -6.94 -7.31 16.46
C ASP A 30 -7.46 -7.70 15.08
N SER A 31 -6.59 -7.70 14.07
CA SER A 31 -7.02 -8.14 12.76
C SER A 31 -7.54 -9.57 12.83
N ALA A 32 -6.78 -10.45 13.50
CA ALA A 32 -7.18 -11.84 13.70
C ALA A 32 -8.35 -11.91 14.69
N GLY A 33 -8.32 -11.05 15.70
CA GLY A 33 -9.28 -11.10 16.78
C GLY A 33 -10.69 -10.74 16.30
N GLY A 34 -10.79 -9.93 15.27
CA GLY A 34 -12.08 -9.49 14.77
C GLY A 34 -12.82 -10.62 14.06
N SER A 35 -12.10 -11.44 13.29
CA SER A 35 -12.70 -12.62 12.68
C SER A 35 -13.10 -13.61 13.76
N THR A 36 -12.25 -13.71 14.79
CA THR A 36 -12.46 -14.66 15.86
C THR A 36 -13.70 -14.26 16.64
N LYS A 37 -13.83 -12.96 16.94
CA LYS A 37 -14.94 -12.43 17.72
C LYS A 37 -16.26 -12.52 16.94
N SER A 38 -16.25 -12.32 15.62
CA SER A 38 -17.46 -12.43 14.82
C SER A 38 -17.90 -13.90 14.67
N GLY A 39 -16.94 -14.83 14.62
CA GLY A 39 -17.23 -16.23 14.40
C GLY A 39 -17.58 -17.01 15.68
N ARG A 40 -17.11 -16.56 16.85
CA ARG A 40 -17.14 -17.40 18.04
C ARG A 40 -18.56 -17.62 18.57
N ASP A 41 -18.67 -18.61 19.46
CA ASP A 41 -19.77 -18.73 20.40
C ASP A 41 -19.46 -17.90 21.63
N SER A 42 -20.05 -16.71 21.73
CA SER A 42 -19.70 -15.80 22.80
C SER A 42 -20.09 -16.32 24.19
N ARG A 43 -20.84 -17.42 24.28
CA ARG A 43 -21.24 -17.94 25.57
C ARG A 43 -20.05 -18.64 26.26
N THR A 44 -19.25 -19.41 25.50
CA THR A 44 -18.23 -20.28 26.08
C THR A 44 -16.81 -19.97 25.59
N GLN A 45 -16.65 -18.95 24.73
CA GLN A 45 -15.40 -18.70 24.02
C GLN A 45 -14.96 -17.25 24.19
N ALA A 46 -13.94 -17.05 25.03
CA ALA A 46 -13.28 -15.77 25.20
C ALA A 46 -12.16 -15.63 24.17
N ILE A 47 -11.82 -14.39 23.82
CA ILE A 47 -10.73 -14.16 22.88
C ILE A 47 -9.79 -13.13 23.47
N LEU A 48 -8.49 -13.44 23.41
CA LEU A 48 -7.48 -12.51 23.86
C LEU A 48 -6.52 -12.22 22.71
N PRO A 49 -6.63 -11.06 22.03
CA PRO A 49 -5.62 -10.66 21.07
C PRO A 49 -4.31 -10.29 21.76
N LEU A 50 -3.19 -10.79 21.23
CA LEU A 50 -1.87 -10.36 21.67
C LEU A 50 -1.42 -9.20 20.78
N ARG A 51 -0.09 -9.09 20.54
CA ARG A 51 0.50 -8.00 19.78
C ARG A 51 1.76 -8.50 19.07
N GLY A 52 1.61 -9.51 18.21
CA GLY A 52 2.75 -10.02 17.46
C GLY A 52 3.66 -10.84 18.36
N LYS A 53 4.97 -10.77 18.10
CA LYS A 53 5.93 -11.60 18.80
C LYS A 53 5.87 -11.19 20.27
N ILE A 54 5.72 -12.17 21.17
CA ILE A 54 5.77 -11.90 22.60
C ILE A 54 7.20 -12.14 23.10
N LEU A 55 7.46 -11.63 24.29
CA LEU A 55 8.71 -11.85 25.00
C LEU A 55 9.08 -13.33 25.07
N ASN A 56 10.36 -13.59 24.78
CA ASN A 56 10.97 -14.88 25.01
C ASN A 56 11.42 -14.94 26.48
N VAL A 57 10.68 -15.67 27.30
CA VAL A 57 10.89 -15.58 28.75
C VAL A 57 12.09 -16.44 29.16
N GLU A 58 12.53 -17.33 28.25
CA GLU A 58 13.73 -18.11 28.48
C GLU A 58 14.96 -17.21 28.39
N LYS A 59 14.87 -16.06 27.69
CA LYS A 59 16.02 -15.16 27.60
C LYS A 59 15.88 -13.93 28.48
N ALA A 60 14.70 -13.65 29.04
CA ALA A 60 14.47 -12.39 29.74
C ALA A 60 14.51 -12.61 31.25
N ARG A 61 14.85 -11.57 32.01
CA ARG A 61 14.76 -11.64 33.46
C ARG A 61 13.34 -11.24 33.95
N LEU A 62 13.06 -11.59 35.21
CA LEU A 62 11.71 -11.52 35.78
C LEU A 62 11.14 -10.09 35.69
N ASP A 63 11.95 -9.05 35.96
CA ASP A 63 11.43 -7.70 35.93
C ASP A 63 10.84 -7.41 34.56
N ARG A 64 11.54 -7.82 33.50
CA ARG A 64 11.10 -7.56 32.14
C ARG A 64 9.81 -8.34 31.87
N ILE A 65 9.81 -9.62 32.23
CA ILE A 65 8.64 -10.47 32.09
C ILE A 65 7.40 -9.82 32.73
N LEU A 66 7.46 -9.44 34.03
CA LEU A 66 6.25 -9.06 34.74
C LEU A 66 5.77 -7.66 34.34
N ASN A 67 6.63 -6.91 33.65
CA ASN A 67 6.22 -5.59 33.17
C ASN A 67 5.77 -5.65 31.71
N ASN A 68 5.74 -6.84 31.09
CA ASN A 68 5.35 -6.97 29.70
C ASN A 68 3.82 -7.05 29.60
N ASN A 69 3.24 -6.20 28.75
CA ASN A 69 1.79 -5.99 28.73
C ASN A 69 1.03 -7.26 28.34
N GLU A 70 1.53 -8.02 27.37
CA GLU A 70 0.80 -9.19 26.90
C GLU A 70 0.89 -10.32 27.92
N ILE A 71 2.06 -10.50 28.56
CA ILE A 71 2.23 -11.47 29.62
C ILE A 71 1.20 -11.16 30.72
N ARG A 72 1.16 -9.90 31.16
CA ARG A 72 0.28 -9.50 32.25
C ARG A 72 -1.18 -9.80 31.90
N GLN A 73 -1.61 -9.40 30.70
CA GLN A 73 -2.96 -9.66 30.27
C GLN A 73 -3.27 -11.15 30.27
N MET A 74 -2.32 -12.02 29.93
CA MET A 74 -2.61 -13.43 29.98
C MET A 74 -2.72 -13.91 31.43
N ILE A 75 -1.83 -13.46 32.33
CA ILE A 75 -1.88 -13.86 33.73
C ILE A 75 -3.23 -13.45 34.33
N THR A 76 -3.62 -12.19 34.16
CA THR A 76 -4.90 -11.68 34.63
C THR A 76 -6.06 -12.54 34.10
N ALA A 77 -6.07 -12.80 32.79
CA ALA A 77 -7.20 -13.45 32.15
C ALA A 77 -7.34 -14.90 32.62
N PHE A 78 -6.23 -15.61 32.83
CA PHE A 78 -6.31 -17.00 33.24
C PHE A 78 -6.68 -17.14 34.71
N GLY A 79 -6.28 -16.17 35.54
CA GLY A 79 -6.66 -16.15 36.96
C GLY A 79 -5.86 -17.10 37.86
N THR A 80 -4.85 -17.81 37.33
CA THR A 80 -4.17 -18.85 38.10
C THR A 80 -3.02 -18.32 38.95
N GLY A 81 -2.57 -17.08 38.71
CA GLY A 81 -1.23 -16.67 39.10
C GLY A 81 -0.15 -17.46 38.35
N ILE A 82 1.11 -17.33 38.78
CA ILE A 82 2.27 -17.91 38.12
C ILE A 82 3.27 -18.49 39.14
N GLY A 83 4.11 -19.42 38.67
CA GLY A 83 5.23 -19.94 39.45
C GLY A 83 4.77 -20.74 40.67
N GLY A 84 5.44 -20.49 41.81
CA GLY A 84 5.09 -21.08 43.08
C GLY A 84 3.64 -20.84 43.46
N ASP A 85 3.11 -19.64 43.13
CA ASP A 85 1.76 -19.24 43.50
C ASP A 85 0.72 -19.66 42.48
N PHE A 86 1.10 -20.52 41.53
CA PHE A 86 0.14 -21.03 40.58
C PHE A 86 -0.92 -21.84 41.31
N ASP A 87 -2.20 -21.59 40.97
CA ASP A 87 -3.31 -22.35 41.52
C ASP A 87 -4.26 -22.79 40.40
N LEU A 88 -4.21 -24.10 40.06
CA LEU A 88 -5.03 -24.67 39.02
C LEU A 88 -6.53 -24.44 39.26
N ALA A 89 -6.96 -24.43 40.53
CA ALA A 89 -8.39 -24.32 40.86
C ALA A 89 -8.96 -22.96 40.47
N LYS A 90 -8.13 -21.93 40.33
CA LYS A 90 -8.63 -20.60 40.00
C LYS A 90 -8.60 -20.35 38.49
N ALA A 91 -8.29 -21.39 37.69
CA ALA A 91 -8.32 -21.23 36.24
C ALA A 91 -9.71 -20.76 35.81
N ARG A 92 -9.78 -19.68 35.03
CA ARG A 92 -11.08 -19.20 34.56
C ARG A 92 -11.50 -19.96 33.29
N TYR A 93 -10.62 -20.78 32.70
CA TYR A 93 -10.91 -21.52 31.48
C TYR A 93 -10.24 -22.88 31.60
N HIS A 94 -10.87 -23.96 31.11
CA HIS A 94 -10.23 -25.28 31.14
C HIS A 94 -9.67 -25.62 29.76
N LYS A 95 -9.91 -24.74 28.78
CA LYS A 95 -9.21 -24.77 27.51
C LYS A 95 -8.58 -23.42 27.21
N ILE A 96 -7.24 -23.40 27.10
CA ILE A 96 -6.48 -22.26 26.61
C ILE A 96 -5.95 -22.64 25.24
N VAL A 97 -6.44 -21.99 24.17
CA VAL A 97 -6.19 -22.42 22.81
C VAL A 97 -5.27 -21.42 22.11
N ILE A 98 -4.10 -21.90 21.69
CA ILE A 98 -3.19 -21.11 20.88
C ILE A 98 -3.68 -21.18 19.44
N MET A 99 -4.00 -20.01 18.87
CA MET A 99 -4.49 -19.90 17.51
C MET A 99 -3.75 -18.76 16.80
N THR A 100 -2.45 -18.99 16.56
CA THR A 100 -1.64 -18.05 15.79
C THR A 100 -1.94 -18.25 14.31
N ASP A 101 -1.42 -17.34 13.48
CA ASP A 101 -1.69 -17.41 12.06
C ASP A 101 -1.00 -18.65 11.53
N ALA A 102 -1.53 -19.18 10.41
CA ALA A 102 -0.95 -20.36 9.78
C ALA A 102 0.24 -19.98 8.89
N ASP A 103 1.31 -19.45 9.51
CA ASP A 103 2.55 -19.20 8.80
C ASP A 103 3.71 -19.45 9.77
N VAL A 104 4.97 -19.33 9.27
CA VAL A 104 6.14 -19.65 10.07
C VAL A 104 6.23 -18.71 11.27
N ASP A 105 5.81 -17.47 11.11
CA ASP A 105 5.87 -16.49 12.19
C ASP A 105 4.82 -16.87 13.23
N GLY A 106 3.70 -17.44 12.77
CA GLY A 106 2.73 -18.01 13.68
C GLY A 106 3.32 -19.15 14.50
N ALA A 107 4.10 -20.01 13.82
CA ALA A 107 4.76 -21.12 14.50
C ALA A 107 5.71 -20.58 15.56
N HIS A 108 6.45 -19.51 15.24
CA HIS A 108 7.36 -18.90 16.17
C HIS A 108 6.59 -18.41 17.40
N ILE A 109 5.44 -17.76 17.18
CA ILE A 109 4.69 -17.16 18.27
C ILE A 109 4.15 -18.29 19.15
N ARG A 110 3.78 -19.39 18.53
CA ARG A 110 3.39 -20.57 19.27
C ARG A 110 4.53 -21.05 20.18
N THR A 111 5.77 -21.12 19.68
CA THR A 111 6.88 -21.62 20.52
C THR A 111 7.12 -20.67 21.69
N LEU A 112 6.93 -19.37 21.46
CA LEU A 112 7.09 -18.35 22.48
C LEU A 112 6.01 -18.50 23.56
N LEU A 113 4.77 -18.74 23.13
CA LEU A 113 3.69 -18.92 24.07
C LEU A 113 3.94 -20.17 24.94
N LEU A 114 4.33 -21.27 24.32
CA LEU A 114 4.58 -22.51 25.05
C LEU A 114 5.72 -22.35 26.06
N THR A 115 6.72 -21.53 25.74
CA THR A 115 7.85 -21.30 26.63
C THR A 115 7.36 -20.58 27.89
N PHE A 116 6.50 -19.59 27.69
CA PHE A 116 5.88 -18.90 28.81
C PHE A 116 5.07 -19.87 29.66
N PHE A 117 4.17 -20.64 29.07
CA PHE A 117 3.34 -21.57 29.84
C PHE A 117 4.21 -22.60 30.59
N TYR A 118 5.22 -23.13 29.90
CA TYR A 118 6.07 -24.17 30.44
C TYR A 118 6.85 -23.69 31.65
N ARG A 119 7.35 -22.45 31.62
CA ARG A 119 8.24 -21.94 32.64
C ARG A 119 7.48 -21.25 33.77
N PHE A 120 6.28 -20.73 33.49
CA PHE A 120 5.51 -20.01 34.50
C PHE A 120 4.20 -20.69 34.88
N MET A 121 3.70 -21.63 34.06
CA MET A 121 2.38 -22.19 34.32
C MET A 121 2.35 -23.67 33.97
N ARG A 122 3.37 -24.41 34.41
CA ARG A 122 3.54 -25.79 34.00
C ARG A 122 2.35 -26.68 34.36
N PRO A 123 1.73 -26.52 35.56
CA PRO A 123 0.57 -27.36 35.92
C PRO A 123 -0.59 -27.24 34.93
N LEU A 124 -0.75 -26.07 34.31
CA LEU A 124 -1.76 -25.88 33.28
C LEU A 124 -1.52 -26.84 32.11
N ILE A 125 -0.26 -27.02 31.72
CA ILE A 125 0.04 -28.01 30.70
C ILE A 125 -0.23 -29.42 31.23
N GLU A 126 0.26 -29.71 32.44
CA GLU A 126 0.15 -31.03 33.04
C GLU A 126 -1.31 -31.47 33.19
N ALA A 127 -2.21 -30.52 33.53
CA ALA A 127 -3.63 -30.79 33.65
C ALA A 127 -4.35 -30.91 32.29
N GLY A 128 -3.64 -30.71 31.17
CA GLY A 128 -4.23 -30.86 29.84
C GLY A 128 -5.14 -29.69 29.45
N TYR A 129 -4.84 -28.50 29.93
CA TYR A 129 -5.66 -27.34 29.67
C TYR A 129 -5.19 -26.57 28.44
N VAL A 130 -4.01 -26.91 27.90
CA VAL A 130 -3.41 -26.15 26.82
C VAL A 130 -3.60 -26.91 25.51
N TYR A 131 -4.11 -26.19 24.51
CA TYR A 131 -4.45 -26.74 23.20
C TYR A 131 -3.91 -25.82 22.11
N ILE A 132 -3.77 -26.42 20.91
CA ILE A 132 -3.34 -25.75 19.70
C ILE A 132 -4.42 -25.92 18.66
N ALA A 133 -4.95 -24.80 18.17
CA ALA A 133 -5.89 -24.79 17.08
C ALA A 133 -5.15 -25.03 15.78
N GLN A 134 -5.88 -25.46 14.75
CA GLN A 134 -5.25 -25.80 13.49
C GLN A 134 -5.97 -25.09 12.36
N PRO A 135 -5.85 -23.75 12.24
CA PRO A 135 -6.53 -23.05 11.16
C PRO A 135 -5.92 -23.40 9.81
N PRO A 136 -6.67 -23.30 8.68
CA PRO A 136 -6.18 -23.75 7.38
C PRO A 136 -5.08 -22.83 6.81
N THR A 137 -4.20 -23.39 5.97
CA THR A 137 -3.13 -22.65 5.32
C THR A 137 -3.70 -21.92 4.12
N GLY A 138 -2.89 -21.05 3.48
CA GLY A 138 -3.33 -20.29 2.32
C GLY A 138 -3.94 -18.94 2.70
N TYR A 139 -3.96 -18.64 4.00
CA TYR A 139 -4.35 -17.33 4.52
C TYR A 139 -3.16 -16.71 5.26
N LYS A 140 -2.90 -15.43 4.96
CA LYS A 140 -1.82 -14.64 5.52
C LYS A 140 -2.00 -14.49 7.03
N GLY A 141 -3.25 -14.32 7.45
CA GLY A 141 -3.59 -14.38 8.86
C GLY A 141 -5.09 -14.58 9.04
N LEU A 142 -5.53 -14.72 10.30
CA LEU A 142 -6.93 -15.03 10.55
C LEU A 142 -7.80 -13.87 10.03
N GLY A 143 -7.25 -12.65 10.05
CA GLY A 143 -8.00 -11.48 9.60
C GLY A 143 -8.37 -11.57 8.11
N GLU A 144 -7.75 -12.53 7.39
CA GLU A 144 -8.02 -12.75 5.97
C GLU A 144 -9.20 -13.71 5.81
N MET A 145 -9.60 -14.38 6.90
CA MET A 145 -10.69 -15.35 6.83
C MET A 145 -12.02 -14.68 7.17
N ASN A 146 -13.11 -15.07 6.48
CA ASN A 146 -14.44 -14.69 6.91
C ASN A 146 -14.75 -15.44 8.19
N ALA A 147 -15.60 -14.85 9.02
CA ALA A 147 -15.93 -15.36 10.34
C ALA A 147 -16.53 -16.77 10.29
N ASP A 148 -17.41 -17.01 9.33
CA ASP A 148 -18.08 -18.30 9.19
C ASP A 148 -17.03 -19.39 8.89
N GLN A 149 -16.08 -19.08 8.00
CA GLN A 149 -15.03 -20.03 7.66
C GLN A 149 -14.21 -20.35 8.92
N LEU A 150 -13.89 -19.33 9.72
CA LEU A 150 -13.01 -19.52 10.87
C LEU A 150 -13.73 -20.38 11.91
N TRP A 151 -15.02 -20.10 12.11
CA TRP A 151 -15.85 -20.90 13.02
C TRP A 151 -15.85 -22.37 12.61
N GLU A 152 -16.15 -22.64 11.33
CA GLU A 152 -16.43 -23.99 10.88
C GLU A 152 -15.17 -24.86 10.84
N THR A 153 -14.03 -24.26 10.53
CA THR A 153 -12.78 -25.00 10.37
C THR A 153 -12.07 -25.13 11.72
N THR A 154 -12.19 -24.15 12.61
CA THR A 154 -11.20 -24.04 13.67
C THR A 154 -11.82 -23.97 15.07
N MET A 155 -12.97 -23.31 15.22
CA MET A 155 -13.46 -23.03 16.55
C MET A 155 -14.68 -23.87 16.91
N ASN A 156 -15.39 -24.40 15.92
CA ASN A 156 -16.65 -25.10 16.15
C ASN A 156 -16.36 -26.45 16.77
N PRO A 157 -16.82 -26.71 18.02
CA PRO A 157 -16.52 -27.98 18.70
C PRO A 157 -17.01 -29.22 17.95
N GLU A 158 -17.97 -29.05 17.04
CA GLU A 158 -18.51 -30.16 16.27
C GLU A 158 -17.59 -30.58 15.12
N HIS A 159 -16.73 -29.70 14.61
CA HIS A 159 -15.91 -30.08 13.45
C HIS A 159 -14.42 -29.82 13.65
N ARG A 160 -14.02 -29.03 14.65
CA ARG A 160 -12.63 -28.62 14.79
C ARG A 160 -11.75 -29.78 15.22
N ALA A 161 -10.43 -29.57 15.14
CA ALA A 161 -9.45 -30.55 15.56
C ALA A 161 -8.34 -29.84 16.34
N LEU A 162 -8.61 -29.67 17.63
CA LEU A 162 -7.65 -29.16 18.59
C LEU A 162 -6.57 -30.21 18.88
N LEU A 163 -5.32 -29.77 19.02
CA LEU A 163 -4.28 -30.64 19.54
C LEU A 163 -4.17 -30.32 21.02
N GLN A 164 -4.34 -31.34 21.85
CA GLN A 164 -4.12 -31.15 23.26
C GLN A 164 -2.65 -31.36 23.53
N VAL A 165 -2.03 -30.38 24.19
CA VAL A 165 -0.61 -30.43 24.45
C VAL A 165 -0.34 -31.38 25.62
N LYS A 166 0.56 -32.36 25.37
CA LYS A 166 0.95 -33.31 26.40
C LYS A 166 2.42 -33.15 26.75
N LEU A 167 2.68 -33.15 28.06
CA LEU A 167 4.02 -33.20 28.62
C LEU A 167 4.35 -34.63 29.04
N GLU A 168 5.20 -35.34 28.28
CA GLU A 168 5.57 -36.71 28.61
C GLU A 168 6.69 -36.70 29.65
N ASP A 169 7.84 -36.09 29.29
CA ASP A 169 9.07 -36.26 30.03
C ASP A 169 9.69 -34.90 30.34
N ALA A 170 9.61 -34.50 31.61
CA ALA A 170 9.92 -33.14 32.02
C ALA A 170 11.41 -32.82 31.87
N ILE A 171 12.28 -33.83 31.97
CA ILE A 171 13.71 -33.60 31.87
C ILE A 171 14.05 -33.28 30.40
N GLU A 172 13.47 -34.04 29.46
CA GLU A 172 13.67 -33.81 28.04
C GLU A 172 13.06 -32.47 27.64
N ALA A 173 11.87 -32.14 28.17
CA ALA A 173 11.21 -30.88 27.88
C ALA A 173 12.09 -29.72 28.36
N ASP A 174 12.65 -29.84 29.58
CA ASP A 174 13.53 -28.81 30.13
C ASP A 174 14.67 -28.54 29.16
N GLN A 175 15.26 -29.63 28.65
CA GLN A 175 16.42 -29.55 27.79
C GLN A 175 16.03 -28.89 26.47
N THR A 176 14.82 -29.24 25.96
CA THR A 176 14.31 -28.70 24.71
C THR A 176 14.13 -27.19 24.82
N PHE A 177 13.44 -26.73 25.86
CA PHE A 177 13.21 -25.31 26.08
C PHE A 177 14.54 -24.56 26.18
N GLU A 178 15.52 -25.14 26.86
CA GLU A 178 16.80 -24.49 27.08
C GLU A 178 17.56 -24.43 25.75
N MET A 179 17.59 -25.51 25.00
CA MET A 179 18.34 -25.54 23.75
C MET A 179 17.71 -24.59 22.71
N LEU A 180 16.40 -24.72 22.47
CA LEU A 180 15.74 -23.95 21.42
C LEU A 180 15.56 -22.48 21.78
N MET A 181 15.25 -22.16 23.04
CA MET A 181 14.77 -20.83 23.40
C MET A 181 15.77 -20.08 24.27
N GLY A 182 16.83 -20.76 24.74
CA GLY A 182 17.78 -20.17 25.67
C GLY A 182 18.84 -19.29 25.01
N ASP A 183 19.73 -18.75 25.84
CA ASP A 183 20.67 -17.73 25.44
C ASP A 183 21.91 -18.32 24.74
N VAL A 184 22.16 -19.63 24.77
CA VAL A 184 23.36 -20.15 24.13
C VAL A 184 23.07 -20.44 22.64
N VAL A 185 23.66 -19.69 21.74
CA VAL A 185 23.32 -19.83 20.33
C VAL A 185 23.82 -21.17 19.77
N GLU A 186 25.01 -21.61 20.18
CA GLU A 186 25.68 -22.71 19.51
C GLU A 186 24.85 -23.99 19.54
N ASN A 187 24.16 -24.30 20.65
CA ASN A 187 23.40 -25.55 20.74
C ASN A 187 22.19 -25.49 19.83
N ARG A 188 21.61 -24.29 19.73
CA ARG A 188 20.54 -24.04 18.78
C ARG A 188 21.04 -24.18 17.35
N ARG A 189 22.24 -23.65 17.08
CA ARG A 189 22.85 -23.80 15.75
C ARG A 189 23.10 -25.28 15.44
N GLN A 190 23.65 -26.00 16.42
CA GLN A 190 23.88 -27.44 16.28
C GLN A 190 22.56 -28.15 16.01
N PHE A 191 21.50 -27.76 16.72
CA PHE A 191 20.20 -28.37 16.54
C PHE A 191 19.72 -28.18 15.09
N ILE A 192 19.92 -26.98 14.53
CA ILE A 192 19.41 -26.72 13.18
C ILE A 192 20.23 -27.53 12.19
N GLU A 193 21.56 -27.54 12.32
CA GLU A 193 22.41 -28.27 11.40
C GLU A 193 22.02 -29.76 11.43
N ASP A 194 21.81 -30.30 12.62
CA ASP A 194 21.49 -31.72 12.74
C ASP A 194 20.13 -32.07 12.16
N ASN A 195 19.19 -31.12 12.04
CA ASN A 195 17.82 -31.50 11.72
C ASN A 195 17.33 -30.91 10.39
N ALA A 196 18.00 -29.88 9.89
CA ALA A 196 17.48 -29.16 8.75
C ALA A 196 17.51 -30.06 7.51
N VAL A 197 16.45 -30.03 6.72
CA VAL A 197 16.45 -30.65 5.40
C VAL A 197 16.27 -29.56 4.35
N TYR A 198 17.36 -29.24 3.64
CA TYR A 198 17.38 -28.18 2.64
C TYR A 198 17.07 -28.76 1.26
N ALA A 199 16.03 -28.22 0.60
CA ALA A 199 15.74 -28.51 -0.80
C ALA A 199 15.65 -30.02 -1.03
N ASN A 212 -6.75 -34.98 18.66
CA ASN A 212 -5.45 -35.65 18.91
C ASN A 212 -4.74 -34.98 20.08
N GLU A 213 -3.60 -35.57 20.44
CA GLU A 213 -2.68 -35.04 21.43
C GLU A 213 -1.38 -34.69 20.72
N ARG A 214 -0.63 -33.75 21.30
CA ARG A 214 0.63 -33.33 20.72
C ARG A 214 1.67 -33.22 21.83
N ASN A 215 2.72 -34.01 21.71
CA ASN A 215 3.82 -33.97 22.67
C ASN A 215 4.50 -32.61 22.55
N ILE A 216 4.72 -31.93 23.68
CA ILE A 216 5.20 -30.56 23.70
C ILE A 216 6.62 -30.45 23.17
N THR A 217 7.46 -31.46 23.45
CA THR A 217 8.81 -31.49 22.95
C THR A 217 8.81 -31.59 21.43
N SER A 218 8.01 -32.50 20.85
CA SER A 218 7.87 -32.63 19.42
C SER A 218 7.34 -31.33 18.79
N GLU A 219 6.39 -30.67 19.44
CA GLU A 219 5.79 -29.45 18.94
C GLU A 219 6.82 -28.32 18.90
N MET A 220 7.59 -28.19 19.97
CA MET A 220 8.60 -27.17 20.07
C MET A 220 9.67 -27.40 19.02
N ARG A 221 10.14 -28.66 18.87
CA ARG A 221 11.23 -28.94 17.95
C ARG A 221 10.76 -28.69 16.52
N GLU A 222 9.57 -29.14 16.14
CA GLU A 222 9.11 -28.98 14.78
C GLU A 222 8.75 -27.53 14.42
N SER A 223 8.04 -26.84 15.31
CA SER A 223 7.66 -25.46 15.05
C SER A 223 8.90 -24.58 15.01
N PHE A 224 9.79 -24.72 15.99
CA PHE A 224 10.99 -23.89 16.00
C PHE A 224 11.81 -24.12 14.71
N LEU A 225 11.97 -25.37 14.31
CA LEU A 225 12.77 -25.72 13.15
C LEU A 225 12.16 -25.12 11.88
N ASP A 226 10.83 -25.21 11.72
CA ASP A 226 10.14 -24.53 10.64
C ASP A 226 10.55 -23.06 10.59
N TYR A 227 10.44 -22.37 11.73
CA TYR A 227 10.71 -20.94 11.81
C TYR A 227 12.16 -20.71 11.41
N ALA A 228 13.08 -21.46 12.05
CA ALA A 228 14.49 -21.17 11.91
C ALA A 228 14.92 -21.36 10.46
N MET A 229 14.52 -22.47 9.85
CA MET A 229 14.93 -22.76 8.48
C MET A 229 14.38 -21.70 7.53
N SER A 230 13.16 -21.22 7.79
CA SER A 230 12.52 -20.22 6.95
C SER A 230 13.25 -18.87 7.00
N VAL A 231 13.78 -18.54 8.18
CA VAL A 231 14.52 -17.31 8.38
C VAL A 231 15.89 -17.45 7.71
N ILE A 232 16.48 -18.64 7.79
CA ILE A 232 17.81 -18.89 7.25
C ILE A 232 17.76 -18.83 5.71
N VAL A 233 16.84 -19.59 5.12
CA VAL A 233 16.88 -19.84 3.69
C VAL A 233 15.97 -18.86 2.95
N ALA A 234 15.07 -18.15 3.64
CA ALA A 234 14.08 -17.33 2.95
C ALA A 234 13.74 -16.06 3.71
N ARG A 235 14.74 -15.38 4.27
CA ARG A 235 14.50 -14.06 4.84
C ARG A 235 15.80 -13.28 5.05
N ALA A 236 16.67 -13.82 5.93
CA ALA A 236 17.69 -13.00 6.58
C ALA A 236 19.08 -13.09 5.92
N LEU A 237 19.33 -14.10 5.08
CA LEU A 237 20.66 -14.32 4.54
C LEU A 237 20.65 -14.13 3.02
N PRO A 238 21.70 -13.54 2.41
CA PRO A 238 21.78 -13.41 0.97
C PRO A 238 22.25 -14.66 0.26
N ASP A 239 21.80 -14.79 -0.99
CA ASP A 239 22.25 -15.80 -1.91
C ASP A 239 23.65 -15.42 -2.42
N VAL A 240 24.56 -16.39 -2.45
CA VAL A 240 25.92 -16.08 -2.87
C VAL A 240 25.93 -15.59 -4.33
N ARG A 241 24.96 -16.01 -5.15
CA ARG A 241 25.03 -15.81 -6.59
C ARG A 241 24.68 -14.37 -6.99
N ASP A 242 23.56 -13.82 -6.50
CA ASP A 242 23.18 -12.45 -6.81
C ASP A 242 23.33 -11.53 -5.60
N GLY A 243 23.69 -12.04 -4.42
CA GLY A 243 23.89 -11.16 -3.26
C GLY A 243 22.58 -10.65 -2.61
N LEU A 244 21.43 -11.27 -2.92
CA LEU A 244 20.14 -10.72 -2.54
C LEU A 244 19.42 -11.61 -1.52
N LYS A 245 18.67 -10.97 -0.62
CA LYS A 245 17.69 -11.65 0.21
C LYS A 245 16.38 -11.63 -0.55
N PRO A 246 15.41 -12.50 -0.21
CA PRO A 246 14.14 -12.53 -0.92
C PRO A 246 13.42 -11.19 -1.06
N VAL A 247 13.39 -10.36 -0.02
CA VAL A 247 12.62 -9.13 -0.12
C VAL A 247 13.22 -8.23 -1.20
N HIS A 248 14.55 -8.11 -1.23
CA HIS A 248 15.20 -7.25 -2.21
C HIS A 248 15.04 -7.81 -3.62
N ARG A 249 15.14 -9.14 -3.76
CA ARG A 249 14.91 -9.79 -5.06
C ARG A 249 13.49 -9.52 -5.58
N ARG A 250 12.49 -9.57 -4.71
CA ARG A 250 11.10 -9.39 -5.12
C ARG A 250 10.82 -7.94 -5.52
N ILE A 251 11.37 -6.98 -4.75
CA ILE A 251 11.30 -5.56 -5.11
C ILE A 251 11.89 -5.33 -6.51
N LEU A 252 13.10 -5.83 -6.75
CA LEU A 252 13.80 -5.51 -7.98
C LEU A 252 13.07 -6.18 -9.14
N TYR A 253 12.63 -7.43 -8.94
CA TYR A 253 11.87 -8.14 -9.95
C TYR A 253 10.57 -7.38 -10.23
N GLY A 254 9.90 -6.94 -9.16
CA GLY A 254 8.68 -6.16 -9.24
C GLY A 254 8.85 -4.88 -10.06
N LEU A 255 9.94 -4.14 -9.80
CA LEU A 255 10.27 -2.97 -10.58
C LEU A 255 10.43 -3.36 -12.05
N ASN A 256 11.11 -4.48 -12.32
CA ASN A 256 11.38 -4.87 -13.69
C ASN A 256 10.09 -5.24 -14.42
N GLU A 257 9.16 -5.90 -13.72
CA GLU A 257 7.96 -6.44 -14.33
C GLU A 257 7.05 -5.30 -14.75
N GLN A 258 7.02 -4.25 -13.93
CA GLN A 258 6.24 -3.07 -14.23
C GLN A 258 6.99 -2.06 -15.10
N GLY A 259 8.15 -2.44 -15.67
CA GLY A 259 8.91 -1.57 -16.56
C GLY A 259 9.28 -0.23 -15.92
N MET A 260 9.74 -0.24 -14.67
CA MET A 260 10.13 1.01 -14.02
C MET A 260 11.64 1.19 -14.16
N THR A 261 12.07 1.33 -15.42
CA THR A 261 13.47 1.40 -15.79
C THR A 261 13.99 2.82 -15.60
N PRO A 262 15.31 3.05 -15.65
CA PRO A 262 15.85 4.39 -15.37
C PRO A 262 15.37 5.48 -16.34
N ASP A 263 14.96 5.08 -17.56
CA ASP A 263 14.54 5.99 -18.61
C ASP A 263 13.09 6.45 -18.44
N LYS A 264 12.30 5.72 -17.65
CA LYS A 264 10.89 6.03 -17.46
C LYS A 264 10.74 6.87 -16.21
N SER A 265 9.58 7.50 -16.04
CA SER A 265 9.38 8.39 -14.91
C SER A 265 9.30 7.60 -13.60
N TYR A 266 9.45 8.32 -12.47
CA TYR A 266 9.40 7.73 -11.15
C TYR A 266 8.00 7.21 -10.87
N LYS A 267 7.91 6.05 -10.21
CA LYS A 267 6.64 5.47 -9.83
C LYS A 267 6.45 5.61 -8.33
N LYS A 268 5.20 5.76 -7.90
CA LYS A 268 4.88 5.99 -6.50
C LYS A 268 5.26 4.77 -5.67
N SER A 269 5.87 5.03 -4.50
CA SER A 269 6.35 3.97 -3.63
C SER A 269 5.20 3.06 -3.16
N ALA A 270 4.05 3.65 -2.85
CA ALA A 270 2.91 2.92 -2.32
C ALA A 270 2.43 1.86 -3.31
N ARG A 271 2.49 2.17 -4.60
CA ARG A 271 2.01 1.22 -5.61
C ARG A 271 3.01 0.08 -5.80
N ILE A 272 4.33 0.40 -5.73
CA ILE A 272 5.36 -0.61 -5.85
C ILE A 272 5.19 -1.61 -4.71
N VAL A 273 5.00 -1.07 -3.51
CA VAL A 273 4.95 -1.87 -2.29
C VAL A 273 3.72 -2.77 -2.31
N GLY A 274 2.53 -2.22 -2.62
CA GLY A 274 1.31 -3.01 -2.69
C GLY A 274 1.40 -4.10 -3.75
N ASP A 275 1.95 -3.72 -4.92
CA ASP A 275 2.19 -4.66 -6.00
C ASP A 275 3.09 -5.82 -5.52
N VAL A 276 4.22 -5.50 -4.88
CA VAL A 276 5.18 -6.51 -4.45
C VAL A 276 4.57 -7.37 -3.34
N MET A 277 3.83 -6.73 -2.44
CA MET A 277 3.22 -7.46 -1.34
C MET A 277 2.21 -8.46 -1.93
N GLY A 278 1.35 -7.98 -2.83
CA GLY A 278 0.33 -8.82 -3.42
C GLY A 278 0.90 -10.04 -4.16
N LYS A 279 1.89 -9.79 -5.02
CA LYS A 279 2.30 -10.76 -6.01
C LYS A 279 3.40 -11.68 -5.48
N TYR A 280 4.28 -11.20 -4.59
CA TYR A 280 5.50 -11.97 -4.28
C TYR A 280 5.82 -12.11 -2.80
N HIS A 281 5.45 -11.13 -1.96
CA HIS A 281 6.08 -10.99 -0.65
C HIS A 281 5.01 -10.76 0.42
N PRO A 282 4.49 -11.86 1.02
CA PRO A 282 3.31 -11.77 1.88
C PRO A 282 3.67 -11.39 3.31
N HIS A 283 4.16 -10.18 3.49
CA HIS A 283 4.71 -9.73 4.76
C HIS A 283 4.27 -8.29 4.91
N GLY A 284 4.57 -7.68 6.07
CA GLY A 284 4.19 -6.30 6.35
C GLY A 284 4.76 -5.31 5.32
N ASP A 285 4.01 -4.19 5.17
CA ASP A 285 4.35 -3.03 4.35
C ASP A 285 5.73 -2.45 4.70
N SER A 286 5.99 -2.27 5.98
CA SER A 286 7.18 -1.62 6.45
C SER A 286 8.42 -2.44 6.11
N SER A 287 8.32 -3.79 6.10
CA SER A 287 9.45 -4.63 5.74
C SER A 287 9.85 -4.37 4.27
N ILE A 288 8.84 -4.21 3.39
CA ILE A 288 9.10 -4.02 1.97
C ILE A 288 9.62 -2.61 1.69
N TYR A 289 8.94 -1.62 2.27
CA TYR A 289 9.25 -0.24 1.96
C TYR A 289 10.63 0.12 2.49
N GLU A 290 10.95 -0.37 3.69
CA GLU A 290 12.24 -0.05 4.29
C GLU A 290 13.37 -0.75 3.55
N ALA A 291 13.16 -1.96 3.04
CA ALA A 291 14.17 -2.62 2.24
C ALA A 291 14.44 -1.81 0.95
N MET A 292 13.37 -1.26 0.36
CA MET A 292 13.48 -0.45 -0.84
C MET A 292 14.21 0.86 -0.57
N VAL A 293 13.83 1.52 0.52
CA VAL A 293 14.48 2.72 0.99
C VAL A 293 15.99 2.50 1.12
N ARG A 294 16.39 1.43 1.79
CA ARG A 294 17.81 1.23 2.03
C ARG A 294 18.55 1.13 0.71
N MET A 295 17.96 0.44 -0.28
CA MET A 295 18.60 0.19 -1.57
C MET A 295 18.80 1.50 -2.33
N ALA A 296 18.10 2.57 -1.92
CA ALA A 296 18.15 3.87 -2.57
C ALA A 296 19.09 4.84 -1.84
N GLN A 297 19.71 4.41 -0.73
CA GLN A 297 20.45 5.33 0.12
C GLN A 297 21.93 5.20 -0.22
N ASP A 298 22.55 6.33 -0.60
CA ASP A 298 23.92 6.29 -1.08
C ASP A 298 24.92 6.18 0.08
N PHE A 299 24.45 6.30 1.33
CA PHE A 299 25.27 6.05 2.52
C PHE A 299 25.08 4.62 3.03
N SER A 300 24.20 3.81 2.40
CA SER A 300 23.97 2.42 2.79
C SER A 300 24.51 1.47 1.72
N TYR A 301 24.18 1.75 0.46
CA TYR A 301 24.53 0.91 -0.67
C TYR A 301 25.69 1.57 -1.43
N ARG A 302 26.79 0.82 -1.51
CA ARG A 302 27.97 1.23 -2.26
C ARG A 302 27.62 1.45 -3.73
N TYR A 303 26.71 0.63 -4.27
CA TYR A 303 26.12 0.78 -5.60
C TYR A 303 24.61 0.72 -5.44
N PRO A 304 23.94 1.86 -5.26
CA PRO A 304 22.50 1.87 -5.06
C PRO A 304 21.75 1.13 -6.16
N LEU A 305 20.73 0.38 -5.72
CA LEU A 305 19.89 -0.42 -6.61
C LEU A 305 18.56 0.26 -6.92
N VAL A 306 18.20 1.27 -6.13
CA VAL A 306 16.96 1.99 -6.31
C VAL A 306 17.27 3.48 -6.40
N ASP A 307 16.59 4.13 -7.35
CA ASP A 307 16.70 5.58 -7.53
C ASP A 307 15.44 6.16 -6.90
N GLY A 308 15.60 6.85 -5.77
CA GLY A 308 14.48 7.40 -5.02
C GLY A 308 14.28 8.89 -5.30
N GLN A 309 13.02 9.33 -5.28
CA GLN A 309 12.63 10.73 -5.36
C GLN A 309 11.93 11.09 -4.06
N GLY A 310 12.41 12.14 -3.40
CA GLY A 310 11.85 12.58 -2.14
C GLY A 310 12.75 12.21 -0.98
N ASN A 311 12.20 12.33 0.23
CA ASN A 311 12.90 12.05 1.47
C ASN A 311 13.08 10.53 1.66
N PHE A 312 14.34 10.08 1.57
CA PHE A 312 14.68 8.66 1.67
C PHE A 312 15.59 8.47 2.88
N GLY A 313 15.49 9.39 3.85
CA GLY A 313 16.19 9.25 5.12
C GLY A 313 17.58 9.89 5.02
N SER A 314 18.28 9.92 6.17
CA SER A 314 19.59 10.54 6.32
C SER A 314 20.54 9.68 7.15
N MET A 315 21.78 10.13 7.24
CA MET A 315 22.81 9.49 8.05
C MET A 315 22.58 9.80 9.54
N ASP A 316 21.59 10.63 9.86
CA ASP A 316 21.27 10.90 11.25
C ASP A 316 20.20 9.96 11.77
N GLY A 317 19.76 8.99 10.96
CA GLY A 317 18.80 8.00 11.41
C GLY A 317 17.36 8.45 11.19
N ASP A 318 17.13 9.66 10.66
CA ASP A 318 15.80 10.00 10.20
C ASP A 318 15.32 8.93 9.24
N GLY A 319 14.08 8.49 9.38
CA GLY A 319 13.54 7.57 8.40
C GLY A 319 13.19 8.28 7.09
N ALA A 320 12.83 7.49 6.08
CA ALA A 320 12.25 8.00 4.87
C ALA A 320 10.90 8.63 5.21
N ALA A 321 10.42 9.55 4.36
CA ALA A 321 9.01 9.93 4.32
C ALA A 321 8.13 8.68 4.19
N ALA A 322 6.89 8.80 4.69
CA ALA A 322 5.90 7.75 4.47
C ALA A 322 5.75 7.52 2.97
N MET A 323 5.38 6.28 2.63
CA MET A 323 5.46 5.80 1.26
C MET A 323 4.42 6.46 0.36
N ARG A 324 3.41 7.12 0.94
CA ARG A 324 2.45 7.91 0.16
C ARG A 324 3.16 9.06 -0.59
N PHE A 325 4.29 9.54 -0.06
CA PHE A 325 4.94 10.71 -0.59
C PHE A 325 6.04 10.36 -1.59
N THR A 326 6.73 9.21 -1.42
CA THR A 326 7.94 8.99 -2.20
C THR A 326 7.66 8.27 -3.51
N GLU A 327 8.65 8.36 -4.41
CA GLU A 327 8.61 7.66 -5.68
C GLU A 327 9.97 6.98 -5.91
N ALA A 328 10.02 6.02 -6.85
CA ALA A 328 11.21 5.22 -7.08
C ALA A 328 11.18 4.59 -8.47
N ARG A 329 12.37 4.12 -8.89
CA ARG A 329 12.58 3.30 -10.07
C ARG A 329 13.94 2.63 -9.92
N MET A 330 14.32 1.79 -10.88
CA MET A 330 15.62 1.15 -10.85
C MET A 330 16.72 2.16 -11.18
N THR A 331 17.94 1.88 -10.70
CA THR A 331 19.14 2.56 -11.14
C THR A 331 19.64 1.86 -12.40
N LYS A 332 20.61 2.49 -13.08
CA LYS A 332 21.19 1.89 -14.29
C LYS A 332 21.86 0.56 -13.95
N ILE A 333 22.56 0.51 -12.80
CA ILE A 333 23.31 -0.69 -12.46
C ILE A 333 22.37 -1.84 -12.13
N THR A 334 21.13 -1.55 -11.70
CA THR A 334 20.17 -2.61 -11.42
C THR A 334 19.79 -3.34 -12.70
N LEU A 335 19.68 -2.62 -13.83
CA LEU A 335 19.47 -3.27 -15.12
C LEU A 335 20.48 -4.41 -15.30
N GLU A 336 21.70 -4.26 -14.81
CA GLU A 336 22.70 -5.31 -14.96
C GLU A 336 22.42 -6.53 -14.08
N LEU A 337 21.65 -6.37 -12.98
CA LEU A 337 21.22 -7.49 -12.16
C LEU A 337 20.17 -8.31 -12.90
N LEU A 338 19.32 -7.61 -13.66
CA LEU A 338 18.17 -8.22 -14.32
C LEU A 338 18.46 -8.61 -15.77
N ARG A 339 19.64 -8.27 -16.28
CA ARG A 339 19.97 -8.49 -17.68
C ARG A 339 19.93 -9.98 -17.99
N ASP A 340 19.13 -10.34 -19.01
CA ASP A 340 19.02 -11.69 -19.57
C ASP A 340 18.06 -12.56 -18.78
N ILE A 341 17.24 -11.92 -17.93
CA ILE A 341 16.34 -12.68 -17.08
C ILE A 341 15.24 -13.33 -17.91
N ASN A 342 14.91 -12.75 -19.08
CA ASN A 342 13.90 -13.33 -19.95
C ASN A 342 14.49 -14.26 -21.02
N LYS A 343 15.73 -14.71 -20.84
CA LYS A 343 16.37 -15.60 -21.80
C LYS A 343 16.78 -16.91 -21.15
N ASP A 344 15.95 -17.36 -20.18
CA ASP A 344 16.04 -18.68 -19.61
C ASP A 344 17.40 -18.92 -18.94
N THR A 345 17.93 -17.87 -18.29
CA THR A 345 19.24 -17.94 -17.63
C THR A 345 19.12 -18.41 -16.19
N ILE A 346 17.93 -18.23 -15.59
CA ILE A 346 17.69 -18.56 -14.18
C ILE A 346 16.37 -19.29 -14.05
N ASP A 347 16.22 -20.14 -13.03
CA ASP A 347 14.98 -20.87 -12.83
C ASP A 347 13.94 -20.01 -12.13
N PHE A 348 12.74 -19.93 -12.74
CA PHE A 348 11.58 -19.35 -12.10
C PHE A 348 10.91 -20.40 -11.21
N ILE A 349 10.17 -19.91 -10.21
CA ILE A 349 9.42 -20.78 -9.31
C ILE A 349 8.01 -20.22 -9.13
N ASP A 350 7.15 -21.05 -8.56
CA ASP A 350 5.84 -20.58 -8.12
C ASP A 350 6.01 -19.60 -6.97
N ASN A 351 5.20 -18.53 -6.96
CA ASN A 351 5.14 -17.63 -5.83
C ASN A 351 4.41 -18.33 -4.68
N TYR A 352 4.09 -17.60 -3.60
CA TYR A 352 3.67 -18.18 -2.33
C TYR A 352 2.27 -18.80 -2.41
N ASP A 353 1.41 -18.31 -3.31
CA ASP A 353 0.05 -18.79 -3.42
C ASP A 353 -0.22 -19.45 -4.79
N GLY A 354 0.79 -19.62 -5.65
CA GLY A 354 0.59 -20.34 -6.89
C GLY A 354 -0.03 -19.50 -8.02
N ASN A 355 -0.33 -18.22 -7.80
CA ASN A 355 -0.91 -17.41 -8.86
C ASN A 355 0.13 -16.63 -9.67
N GLU A 356 1.41 -16.66 -9.27
CA GLU A 356 2.44 -15.92 -9.97
C GLU A 356 3.71 -16.78 -10.07
N ARG A 357 4.62 -16.28 -10.90
CA ARG A 357 5.95 -16.85 -11.01
C ARG A 357 6.94 -15.75 -10.58
N GLU A 358 8.07 -16.18 -10.00
CA GLU A 358 9.09 -15.25 -9.55
C GLU A 358 10.44 -15.90 -9.76
N PRO A 359 11.53 -15.12 -9.85
CA PRO A 359 12.85 -15.70 -10.03
C PRO A 359 13.41 -16.29 -8.72
N SER A 360 14.04 -17.46 -8.85
CA SER A 360 14.78 -18.05 -7.74
C SER A 360 16.02 -17.23 -7.47
N VAL A 361 16.57 -16.59 -8.52
CA VAL A 361 17.83 -15.85 -8.43
C VAL A 361 17.91 -14.92 -9.62
N LEU A 362 18.63 -13.80 -9.50
CA LEU A 362 18.75 -12.88 -10.62
C LEU A 362 20.03 -13.23 -11.37
N PRO A 363 20.10 -12.95 -12.69
CA PRO A 363 21.33 -13.21 -13.45
C PRO A 363 22.57 -12.52 -12.87
N ALA A 364 22.45 -11.30 -12.34
CA ALA A 364 23.49 -10.69 -11.54
C ALA A 364 24.79 -10.56 -12.33
N ARG A 365 24.80 -9.64 -13.30
CA ARG A 365 25.90 -9.55 -14.25
C ARG A 365 27.08 -8.77 -13.66
N PHE A 366 26.94 -8.30 -12.40
CA PHE A 366 28.09 -7.89 -11.60
C PHE A 366 28.00 -8.58 -10.23
N PRO A 367 29.15 -8.78 -9.50
CA PRO A 367 29.20 -9.54 -8.23
C PRO A 367 28.64 -8.77 -7.03
N ASN A 368 27.31 -8.80 -6.92
CA ASN A 368 26.59 -7.88 -6.07
C ASN A 368 26.79 -8.22 -4.58
N LEU A 369 26.95 -9.50 -4.24
CA LEU A 369 27.13 -9.88 -2.84
C LEU A 369 28.26 -9.07 -2.20
N LEU A 370 29.45 -9.11 -2.82
CA LEU A 370 30.61 -8.41 -2.27
C LEU A 370 30.50 -6.93 -2.56
N ALA A 371 29.86 -6.53 -3.66
CA ALA A 371 29.90 -5.12 -4.05
C ALA A 371 29.12 -4.27 -3.04
N ASN A 372 27.92 -4.74 -2.69
CA ASN A 372 27.05 -3.99 -1.78
C ASN A 372 27.06 -4.53 -0.36
N GLY A 373 27.61 -5.73 -0.14
CA GLY A 373 27.65 -6.29 1.20
C GLY A 373 26.29 -6.85 1.63
N ALA A 374 26.21 -7.26 2.91
CA ALA A 374 24.98 -7.76 3.51
C ALA A 374 25.15 -7.85 5.02
N SER A 375 24.10 -7.43 5.76
CA SER A 375 23.95 -7.78 7.16
C SER A 375 22.59 -8.41 7.42
N GLY A 376 22.56 -9.44 8.25
CA GLY A 376 21.34 -10.16 8.54
C GLY A 376 21.49 -10.98 9.82
N ILE A 377 20.45 -10.87 10.67
CA ILE A 377 20.33 -11.65 11.88
C ILE A 377 19.35 -12.77 11.59
N ALA A 378 19.82 -14.02 11.57
CA ALA A 378 18.93 -15.15 11.29
C ALA A 378 18.57 -15.83 12.62
N VAL A 379 18.51 -17.17 12.63
CA VAL A 379 18.37 -17.95 13.85
C VAL A 379 19.52 -18.94 13.84
N GLY A 380 20.30 -19.01 14.94
CA GLY A 380 21.42 -19.92 14.98
C GLY A 380 22.69 -19.28 14.40
N MET A 381 22.56 -18.15 13.71
CA MET A 381 23.66 -17.59 12.96
C MET A 381 23.27 -16.20 12.44
N ALA A 382 24.27 -15.46 11.96
CA ALA A 382 24.11 -14.16 11.36
C ALA A 382 25.14 -14.00 10.24
N THR A 383 25.04 -12.88 9.51
CA THR A 383 25.98 -12.58 8.45
C THR A 383 26.30 -11.09 8.52
N ASN A 384 27.55 -10.76 8.19
CA ASN A 384 28.02 -9.39 8.10
C ASN A 384 29.12 -9.35 7.04
N ILE A 385 28.75 -8.91 5.84
CA ILE A 385 29.64 -8.88 4.69
C ILE A 385 29.83 -7.43 4.27
N PRO A 386 31.06 -6.87 4.29
CA PRO A 386 31.27 -5.47 3.96
C PRO A 386 31.21 -5.25 2.45
N PRO A 387 30.83 -4.04 1.98
CA PRO A 387 30.85 -3.76 0.55
C PRO A 387 32.27 -3.54 0.02
N HIS A 388 32.40 -3.57 -1.30
CA HIS A 388 33.67 -3.56 -2.01
C HIS A 388 33.58 -2.65 -3.25
N ASN A 389 34.74 -2.33 -3.81
CA ASN A 389 34.87 -1.49 -4.98
C ASN A 389 34.63 -2.37 -6.20
N LEU A 390 33.76 -1.96 -7.10
CA LEU A 390 33.35 -2.86 -8.16
C LEU A 390 34.47 -3.11 -9.19
N THR A 391 35.31 -2.10 -9.44
CA THR A 391 36.48 -2.20 -10.30
C THR A 391 37.40 -3.29 -9.79
N GLU A 392 37.67 -3.23 -8.48
CA GLU A 392 38.57 -4.17 -7.83
C GLU A 392 37.99 -5.57 -7.90
N LEU A 393 36.70 -5.71 -7.54
CA LEU A 393 36.04 -7.00 -7.57
C LEU A 393 36.16 -7.62 -8.96
N ILE A 394 35.82 -6.86 -10.00
CA ILE A 394 35.79 -7.43 -11.34
C ILE A 394 37.20 -7.83 -11.76
N ASN A 395 38.19 -7.01 -11.47
CA ASN A 395 39.58 -7.39 -11.72
C ASN A 395 39.88 -8.71 -11.00
N GLY A 396 39.36 -8.87 -9.78
CA GLY A 396 39.59 -10.11 -9.04
C GLY A 396 38.99 -11.31 -9.75
N VAL A 397 37.79 -11.13 -10.30
CA VAL A 397 37.11 -12.25 -10.91
C VAL A 397 37.85 -12.66 -12.18
N LEU A 398 38.32 -11.64 -12.91
CA LEU A 398 39.10 -11.81 -14.13
C LEU A 398 40.38 -12.59 -13.84
N SER A 399 41.12 -12.18 -12.79
CA SER A 399 42.34 -12.88 -12.37
C SER A 399 42.00 -14.33 -12.00
N LEU A 400 40.88 -14.53 -11.31
CA LEU A 400 40.45 -15.88 -10.97
C LEU A 400 40.11 -16.69 -12.21
N SER A 401 39.44 -16.05 -13.19
CA SER A 401 39.02 -16.72 -14.42
C SER A 401 40.22 -17.26 -15.18
N LYS A 402 41.38 -16.62 -15.00
CA LYS A 402 42.59 -17.03 -15.68
C LYS A 402 43.42 -17.98 -14.83
N ASN A 403 42.98 -18.32 -13.60
CA ASN A 403 43.86 -19.06 -12.71
C ASN A 403 43.08 -19.63 -11.54
N PRO A 404 42.45 -20.81 -11.75
CA PRO A 404 41.68 -21.50 -10.72
C PRO A 404 42.41 -21.60 -9.40
N ASP A 405 43.74 -21.66 -9.44
CA ASP A 405 44.54 -21.95 -8.26
C ASP A 405 45.05 -20.68 -7.59
N ILE A 406 44.57 -19.49 -8.01
CA ILE A 406 45.02 -18.23 -7.44
C ILE A 406 44.80 -18.20 -5.92
N SER A 407 45.79 -17.65 -5.21
CA SER A 407 45.79 -17.57 -3.76
C SER A 407 44.98 -16.35 -3.31
N ILE A 408 44.75 -16.25 -1.99
CA ILE A 408 44.07 -15.12 -1.39
C ILE A 408 44.95 -13.87 -1.50
N ALA A 409 46.25 -14.03 -1.19
CA ALA A 409 47.21 -12.95 -1.27
C ALA A 409 47.27 -12.38 -2.68
N GLU A 410 47.18 -13.27 -3.68
CA GLU A 410 47.14 -12.84 -5.07
C GLU A 410 45.84 -12.06 -5.33
N LEU A 411 44.70 -12.58 -4.86
CA LEU A 411 43.44 -11.88 -5.09
C LEU A 411 43.51 -10.50 -4.47
N MET A 412 44.28 -10.37 -3.38
CA MET A 412 44.30 -9.13 -2.63
C MET A 412 45.10 -8.07 -3.38
N GLU A 413 45.76 -8.45 -4.48
CA GLU A 413 46.46 -7.50 -5.35
C GLU A 413 45.45 -6.72 -6.19
N ASP A 414 44.30 -7.33 -6.47
CA ASP A 414 43.17 -6.62 -7.06
C ASP A 414 42.27 -6.02 -5.96
N ILE A 415 41.87 -6.87 -5.01
CA ILE A 415 40.90 -6.52 -3.98
C ILE A 415 41.62 -6.18 -2.69
N GLU A 416 41.84 -4.89 -2.47
CA GLU A 416 42.67 -4.48 -1.36
C GLU A 416 41.91 -4.64 -0.04
N GLY A 417 40.58 -4.56 -0.10
CA GLY A 417 39.79 -4.52 1.11
C GLY A 417 38.39 -3.99 0.86
N PRO A 418 37.56 -3.88 1.91
CA PRO A 418 36.25 -3.28 1.75
C PRO A 418 36.39 -1.85 1.26
N ASP A 419 35.32 -1.39 0.58
CA ASP A 419 35.20 -0.02 0.16
C ASP A 419 33.81 0.48 0.51
N PHE A 420 33.70 1.24 1.60
CA PHE A 420 32.41 1.61 2.15
C PHE A 420 31.81 2.82 1.44
N PRO A 421 30.47 2.90 1.26
CA PRO A 421 29.85 4.07 0.65
C PRO A 421 30.23 5.35 1.37
N THR A 422 30.52 5.25 2.68
CA THR A 422 30.80 6.40 3.54
C THR A 422 32.29 6.74 3.60
N ALA A 423 33.12 6.07 2.77
CA ALA A 423 34.56 6.33 2.68
C ALA A 423 35.27 6.00 4.00
N GLY A 424 36.00 6.96 4.55
CA GLY A 424 36.72 6.80 5.81
C GLY A 424 38.01 6.01 5.64
N LEU A 425 38.50 5.46 6.77
CA LEU A 425 39.79 4.78 6.84
C LEU A 425 39.58 3.38 7.42
N ILE A 426 40.44 2.44 6.97
CA ILE A 426 40.63 1.16 7.59
C ILE A 426 42.07 1.13 8.09
N LEU A 427 42.24 0.75 9.36
CA LEU A 427 43.54 0.59 9.99
C LEU A 427 44.13 -0.77 9.66
N GLY A 428 45.06 -0.81 8.70
CA GLY A 428 45.92 -1.95 8.50
C GLY A 428 45.21 -3.04 7.74
N LYS A 429 45.96 -4.12 7.51
CA LYS A 429 45.53 -5.15 6.58
C LYS A 429 45.36 -6.50 7.28
N SER A 430 45.57 -6.55 8.59
CA SER A 430 45.50 -7.81 9.33
C SER A 430 44.08 -8.39 9.37
N GLY A 431 43.13 -7.53 9.74
CA GLY A 431 41.75 -7.94 9.86
C GLY A 431 41.18 -8.27 8.49
N ILE A 432 41.52 -7.47 7.49
CA ILE A 432 41.11 -7.76 6.12
C ILE A 432 41.60 -9.13 5.74
N ARG A 433 42.90 -9.43 5.99
CA ARG A 433 43.49 -10.66 5.50
C ARG A 433 42.80 -11.87 6.15
N ARG A 434 42.62 -11.82 7.48
CA ARG A 434 41.96 -12.89 8.20
C ARG A 434 40.53 -13.09 7.67
N ALA A 435 39.82 -11.99 7.46
CA ALA A 435 38.45 -12.04 6.97
C ALA A 435 38.40 -12.71 5.59
N TYR A 436 39.33 -12.37 4.69
CA TYR A 436 39.33 -12.96 3.36
C TYR A 436 39.82 -14.41 3.32
N GLU A 437 40.65 -14.82 4.28
CA GLU A 437 41.16 -16.19 4.35
C GLU A 437 40.13 -17.11 4.98
N THR A 438 39.38 -16.61 5.98
CA THR A 438 38.57 -17.47 6.83
C THR A 438 37.07 -17.13 6.77
N GLY A 439 36.71 -15.94 6.26
CA GLY A 439 35.32 -15.49 6.29
C GLY A 439 34.99 -14.71 7.57
N ARG A 440 35.92 -14.69 8.53
CA ARG A 440 35.70 -13.98 9.79
C ARG A 440 36.92 -13.14 10.13
N GLY A 441 36.67 -11.95 10.69
CA GLY A 441 37.77 -11.07 11.08
C GLY A 441 37.25 -9.68 11.39
N SER A 442 37.98 -8.97 12.23
CA SER A 442 37.61 -7.66 12.72
C SER A 442 38.37 -6.61 11.92
N ILE A 443 37.64 -5.66 11.33
CA ILE A 443 38.27 -4.58 10.57
C ILE A 443 38.00 -3.26 11.26
N GLN A 444 39.07 -2.53 11.62
CA GLN A 444 38.93 -1.26 12.33
C GLN A 444 38.69 -0.15 11.31
N MET A 445 37.55 0.54 11.44
CA MET A 445 37.20 1.70 10.62
C MET A 445 37.38 2.97 11.45
N ARG A 446 37.93 4.00 10.83
CA ARG A 446 38.18 5.24 11.54
C ARG A 446 37.60 6.38 10.71
N SER A 447 37.03 7.39 11.39
CA SER A 447 36.62 8.61 10.73
C SER A 447 37.78 9.24 9.98
N ARG A 448 37.46 10.04 8.96
CA ARG A 448 38.41 10.97 8.39
C ARG A 448 38.31 12.27 9.18
N ALA A 449 39.38 12.52 9.94
CA ALA A 449 39.46 13.66 10.81
C ALA A 449 40.80 14.35 10.59
N VAL A 450 40.78 15.69 10.66
CA VAL A 450 41.99 16.49 10.58
C VAL A 450 41.96 17.52 11.69
N ILE A 451 43.14 18.00 12.03
CA ILE A 451 43.32 19.11 12.95
C ILE A 451 43.71 20.35 12.16
N GLU A 452 43.06 21.47 12.47
CA GLU A 452 43.19 22.71 11.73
C GLU A 452 42.98 23.89 12.68
N GLU A 453 43.54 25.04 12.29
CA GLU A 453 43.43 26.27 13.08
C GLU A 453 42.07 26.91 12.87
N ARG A 454 41.62 27.63 13.91
CA ARG A 454 40.32 28.30 13.84
C ARG A 454 40.44 29.78 14.22
N GLY A 455 41.65 30.30 14.39
CA GLY A 455 41.86 31.69 14.78
C GLY A 455 42.20 31.86 16.26
N GLY A 456 43.08 32.84 16.55
CA GLY A 456 43.38 33.21 17.93
C GLY A 456 44.32 32.20 18.56
N GLY A 457 45.10 31.50 17.74
CA GLY A 457 45.99 30.46 18.21
C GLY A 457 45.24 29.23 18.74
N ARG A 458 43.96 29.07 18.34
CA ARG A 458 43.17 27.91 18.72
C ARG A 458 43.00 26.96 17.53
N GLN A 459 42.57 25.74 17.86
CA GLN A 459 42.44 24.65 16.91
C GLN A 459 41.06 24.03 17.05
N ARG A 460 40.71 23.22 16.05
CA ARG A 460 39.54 22.37 16.04
C ARG A 460 39.85 21.09 15.27
N ILE A 461 39.11 20.04 15.62
CA ILE A 461 39.12 18.78 14.90
C ILE A 461 37.95 18.84 13.93
N VAL A 462 38.17 18.48 12.66
CA VAL A 462 37.10 18.46 11.68
C VAL A 462 36.95 17.07 11.08
N VAL A 463 35.75 16.51 11.21
CA VAL A 463 35.45 15.19 10.70
C VAL A 463 34.60 15.34 9.44
N THR A 464 35.03 14.72 8.33
CA THR A 464 34.29 14.83 7.08
C THR A 464 33.80 13.48 6.61
N GLU A 465 34.27 12.39 7.21
CA GLU A 465 33.75 11.08 6.86
C GLU A 465 33.61 10.30 8.16
N ILE A 466 32.57 9.46 8.25
CA ILE A 466 32.40 8.62 9.44
C ILE A 466 32.33 7.16 9.03
N PRO A 467 32.53 6.22 9.97
CA PRO A 467 32.48 4.80 9.64
C PRO A 467 31.11 4.37 9.12
N PHE A 468 31.11 3.33 8.29
CA PHE A 468 29.90 2.71 7.76
C PHE A 468 28.97 2.31 8.91
N GLN A 469 27.69 2.63 8.76
CA GLN A 469 26.61 2.18 9.63
C GLN A 469 26.55 2.96 10.94
N VAL A 470 27.39 3.98 11.10
CA VAL A 470 27.35 4.81 12.29
C VAL A 470 26.35 5.93 12.04
N ASN A 471 25.44 6.11 13.00
CA ASN A 471 24.51 7.20 12.98
C ASN A 471 25.24 8.46 13.45
N LYS A 472 25.23 9.47 12.57
CA LYS A 472 26.06 10.66 12.78
C LYS A 472 25.58 11.40 14.03
N ALA A 473 24.25 11.60 14.15
CA ALA A 473 23.66 12.36 15.25
C ALA A 473 23.96 11.68 16.58
N ARG A 474 23.95 10.35 16.56
CA ARG A 474 24.11 9.58 17.76
C ARG A 474 25.57 9.61 18.20
N MET A 475 26.49 9.62 17.22
CA MET A 475 27.91 9.69 17.52
C MET A 475 28.22 11.04 18.17
N ILE A 476 27.57 12.10 17.66
CA ILE A 476 27.74 13.45 18.19
C ILE A 476 27.21 13.51 19.62
N GLU A 477 26.08 12.84 19.87
CA GLU A 477 25.47 12.80 21.19
C GLU A 477 26.38 12.07 22.18
N LYS A 478 27.06 11.02 21.74
CA LYS A 478 27.98 10.30 22.60
C LYS A 478 29.16 11.19 22.98
N ILE A 479 29.54 12.12 22.08
CA ILE A 479 30.69 12.97 22.34
C ILE A 479 30.29 14.01 23.37
N ALA A 480 29.09 14.58 23.17
CA ALA A 480 28.52 15.55 24.08
C ALA A 480 28.47 14.95 25.49
N GLU A 481 28.07 13.68 25.58
CA GLU A 481 27.94 13.00 26.87
C GLU A 481 29.30 12.85 27.55
N LEU A 482 30.32 12.41 26.81
CA LEU A 482 31.66 12.33 27.38
C LEU A 482 32.06 13.68 27.98
N VAL A 483 31.79 14.77 27.24
CA VAL A 483 32.22 16.11 27.62
C VAL A 483 31.46 16.52 28.88
N ARG A 484 30.13 16.40 28.84
CA ARG A 484 29.26 16.81 29.92
C ARG A 484 29.63 16.05 31.20
N ASP A 485 30.07 14.80 31.06
CA ASP A 485 30.36 13.94 32.20
C ASP A 485 31.85 13.92 32.55
N LYS A 486 32.64 14.83 31.98
CA LYS A 486 34.03 15.02 32.38
C LYS A 486 34.84 13.74 32.16
N LYS A 487 34.46 12.95 31.16
CA LYS A 487 35.23 11.75 30.82
C LYS A 487 36.25 12.05 29.72
N ILE A 488 36.25 13.29 29.21
CA ILE A 488 37.26 13.69 28.22
C ILE A 488 37.60 15.15 28.47
N ASP A 489 38.88 15.49 28.40
CA ASP A 489 39.36 16.84 28.64
C ASP A 489 39.66 17.55 27.31
N GLY A 490 39.25 18.84 27.21
CA GLY A 490 39.85 19.80 26.30
C GLY A 490 38.93 20.24 25.16
N ILE A 491 37.66 19.80 25.19
CA ILE A 491 36.70 20.17 24.17
C ILE A 491 35.85 21.35 24.66
N THR A 492 35.75 22.41 23.84
CA THR A 492 35.05 23.63 24.19
C THR A 492 33.77 23.76 23.37
N ASP A 493 33.63 23.03 22.27
CA ASP A 493 32.41 23.18 21.48
C ASP A 493 32.29 22.01 20.51
N LEU A 494 31.08 21.81 19.99
CA LEU A 494 30.79 20.64 19.17
C LEU A 494 29.58 20.96 18.28
N ARG A 495 29.77 20.90 16.96
CA ARG A 495 28.72 21.31 16.03
C ARG A 495 28.72 20.39 14.81
N ASP A 496 27.51 20.09 14.32
CA ASP A 496 27.32 19.48 13.03
C ASP A 496 27.11 20.57 12.00
N GLU A 497 28.08 20.77 11.11
CA GLU A 497 28.01 21.79 10.07
C GLU A 497 27.73 21.10 8.73
N THR A 498 27.35 19.82 8.75
CA THR A 498 26.98 19.10 7.54
C THR A 498 25.97 19.92 6.74
N SER A 499 26.05 19.82 5.40
CA SER A 499 25.06 20.42 4.52
C SER A 499 25.17 19.80 3.14
N LEU A 500 24.19 20.06 2.29
CA LEU A 500 24.21 19.49 0.94
C LEU A 500 25.43 20.02 0.19
N ARG A 501 25.75 21.31 0.38
CA ARG A 501 26.84 21.99 -0.30
C ARG A 501 28.20 21.56 0.26
N THR A 502 28.30 21.53 1.59
CA THR A 502 29.53 21.27 2.33
C THR A 502 29.87 19.78 2.36
N GLY A 503 28.87 18.90 2.38
CA GLY A 503 29.08 17.50 2.72
C GLY A 503 29.19 17.35 4.24
N VAL A 504 29.52 16.15 4.71
CA VAL A 504 29.61 15.86 6.14
C VAL A 504 30.71 16.74 6.74
N ARG A 505 30.38 17.47 7.81
CA ARG A 505 31.35 18.31 8.49
C ARG A 505 31.01 18.40 9.97
N VAL A 506 31.74 17.66 10.79
CA VAL A 506 31.54 17.76 12.23
C VAL A 506 32.79 18.38 12.83
N VAL A 507 32.56 19.44 13.62
CA VAL A 507 33.61 20.24 14.18
C VAL A 507 33.62 20.08 15.70
N ILE A 508 34.81 19.85 16.25
CA ILE A 508 35.04 19.80 17.67
C ILE A 508 36.10 20.86 18.02
N ASP A 509 35.67 21.94 18.68
CA ASP A 509 36.61 22.95 19.11
C ASP A 509 37.44 22.45 20.29
N VAL A 510 38.72 22.82 20.26
CA VAL A 510 39.70 22.34 21.21
C VAL A 510 40.16 23.54 22.01
N ARG A 511 40.41 23.34 23.31
CA ARG A 511 40.73 24.44 24.22
C ARG A 511 42.14 24.91 23.91
N LYS A 512 42.31 26.24 23.96
CA LYS A 512 43.60 26.84 23.67
C LYS A 512 44.67 26.14 24.52
N ASP A 513 45.72 25.69 23.83
CA ASP A 513 46.91 25.11 24.44
C ASP A 513 46.73 23.61 24.69
N ALA A 514 45.51 23.07 24.58
CA ALA A 514 45.32 21.63 24.70
C ALA A 514 45.90 20.91 23.48
N ASN A 515 46.33 19.66 23.61
CA ASN A 515 46.92 18.95 22.48
C ASN A 515 45.80 18.27 21.69
N ALA A 516 45.53 18.76 20.46
CA ALA A 516 44.36 18.33 19.72
C ALA A 516 44.51 16.89 19.24
N SER A 517 45.74 16.44 19.01
CA SER A 517 46.01 15.09 18.58
C SER A 517 45.66 14.08 19.69
N VAL A 518 45.86 14.48 20.95
CA VAL A 518 45.59 13.62 22.09
C VAL A 518 44.07 13.51 22.26
N ILE A 519 43.38 14.64 22.13
CA ILE A 519 41.93 14.66 22.21
C ILE A 519 41.36 13.76 21.11
N LEU A 520 41.92 13.85 19.90
CA LEU A 520 41.42 13.08 18.78
C LEU A 520 41.56 11.59 19.10
N ASN A 521 42.75 11.17 19.56
CA ASN A 521 43.03 9.79 19.89
C ASN A 521 42.09 9.29 21.01
N ASN A 522 41.72 10.17 21.94
CA ASN A 522 40.80 9.78 23.00
C ASN A 522 39.40 9.56 22.43
N LEU A 523 38.99 10.45 21.51
CA LEU A 523 37.72 10.30 20.85
C LEU A 523 37.65 8.95 20.14
N TYR A 524 38.78 8.52 19.53
CA TYR A 524 38.79 7.25 18.80
C TYR A 524 38.58 6.10 19.79
N LYS A 525 39.17 6.23 20.99
CA LYS A 525 39.08 5.20 22.01
C LYS A 525 37.67 5.11 22.61
N GLN A 526 36.93 6.21 22.68
CA GLN A 526 35.80 6.27 23.58
C GLN A 526 34.50 6.53 22.83
N THR A 527 34.52 6.59 21.49
CA THR A 527 33.33 6.98 20.75
C THR A 527 33.29 6.21 19.44
N PRO A 528 32.12 6.20 18.77
CA PRO A 528 31.99 5.59 17.44
C PRO A 528 32.76 6.30 16.31
N LEU A 529 33.52 7.35 16.61
CA LEU A 529 34.45 7.93 15.64
C LEU A 529 35.37 6.85 15.07
N GLN A 530 35.71 5.84 15.90
CA GLN A 530 36.31 4.61 15.45
C GLN A 530 35.37 3.46 15.85
N THR A 531 35.19 2.51 14.92
CA THR A 531 34.22 1.43 15.05
C THR A 531 34.81 0.22 14.35
N SER A 532 34.47 -0.97 14.86
CA SER A 532 34.89 -2.25 14.32
C SER A 532 33.83 -2.80 13.38
N PHE A 533 34.24 -3.37 12.23
CA PHE A 533 33.31 -4.12 11.38
C PHE A 533 33.67 -5.59 11.53
N GLY A 534 32.80 -6.37 12.17
CA GLY A 534 33.05 -7.78 12.41
C GLY A 534 32.59 -8.60 11.21
N VAL A 535 33.54 -8.97 10.35
CA VAL A 535 33.21 -9.74 9.17
C VAL A 535 32.75 -11.14 9.57
N ASN A 536 31.70 -11.60 8.90
CA ASN A 536 31.13 -12.90 9.16
C ASN A 536 30.38 -13.31 7.90
N MET A 537 31.15 -13.83 6.94
CA MET A 537 30.63 -14.03 5.60
C MET A 537 29.85 -15.33 5.50
N ILE A 538 28.57 -15.25 5.93
CA ILE A 538 27.63 -16.34 5.70
C ILE A 538 26.67 -16.00 4.55
N ALA A 539 26.55 -16.94 3.62
CA ALA A 539 25.64 -16.78 2.49
C ALA A 539 25.04 -18.13 2.15
N LEU A 540 23.92 -18.11 1.42
CA LEU A 540 23.33 -19.34 0.91
C LEU A 540 24.10 -19.80 -0.33
N VAL A 541 24.55 -21.05 -0.23
CA VAL A 541 25.27 -21.75 -1.27
C VAL A 541 24.52 -23.04 -1.52
N ASN A 542 24.03 -23.27 -2.74
CA ASN A 542 23.11 -24.37 -2.99
C ASN A 542 22.02 -24.38 -1.95
N GLY A 543 21.52 -23.19 -1.56
CA GLY A 543 20.31 -23.12 -0.74
C GLY A 543 20.52 -23.45 0.74
N ARG A 544 21.78 -23.51 1.19
CA ARG A 544 22.08 -23.84 2.56
C ARG A 544 23.09 -22.82 3.08
N PRO A 545 23.06 -22.42 4.37
CA PRO A 545 24.00 -21.41 4.88
C PRO A 545 25.43 -21.92 4.98
N LYS A 546 26.40 -21.12 4.51
CA LYS A 546 27.81 -21.48 4.56
C LYS A 546 28.65 -20.24 4.88
N LEU A 547 29.59 -20.41 5.82
CA LEU A 547 30.67 -19.47 6.03
C LEU A 547 31.67 -19.61 4.89
N ILE A 548 31.93 -18.53 4.12
CA ILE A 548 32.75 -18.61 2.92
C ILE A 548 33.83 -17.55 3.01
N ASN A 549 35.00 -17.84 2.42
CA ASN A 549 36.07 -16.87 2.30
C ASN A 549 35.90 -16.12 0.98
N LEU A 550 36.82 -15.18 0.68
CA LEU A 550 36.78 -14.34 -0.51
C LEU A 550 36.78 -15.21 -1.76
N LYS A 551 37.72 -16.16 -1.84
CA LYS A 551 37.90 -16.91 -3.06
C LYS A 551 36.64 -17.71 -3.33
N GLU A 552 36.13 -18.37 -2.28
CA GLU A 552 34.91 -19.15 -2.42
C GLU A 552 33.77 -18.26 -2.93
N ALA A 553 33.67 -17.03 -2.40
CA ALA A 553 32.60 -16.16 -2.84
C ALA A 553 32.78 -15.83 -4.33
N LEU A 554 34.02 -15.53 -4.76
CA LEU A 554 34.27 -15.20 -6.16
C LEU A 554 34.05 -16.40 -7.06
N VAL A 555 34.47 -17.58 -6.59
CA VAL A 555 34.32 -18.82 -7.35
C VAL A 555 32.83 -19.09 -7.66
N HIS A 556 31.98 -18.99 -6.64
CA HIS A 556 30.57 -19.25 -6.84
C HIS A 556 29.99 -18.19 -7.78
N TYR A 557 30.47 -16.96 -7.66
CA TYR A 557 29.95 -15.90 -8.51
C TYR A 557 30.30 -16.22 -9.97
N LEU A 558 31.56 -16.57 -10.21
CA LEU A 558 32.04 -16.88 -11.56
C LEU A 558 31.27 -18.06 -12.15
N GLU A 559 30.99 -19.11 -11.34
CA GLU A 559 30.22 -20.26 -11.81
C GLU A 559 28.80 -19.86 -12.22
N HIS A 560 28.18 -18.99 -11.42
CA HIS A 560 26.86 -18.48 -11.74
C HIS A 560 26.89 -17.77 -13.10
N GLN A 561 27.94 -16.99 -13.39
CA GLN A 561 28.03 -16.25 -14.64
C GLN A 561 28.23 -17.17 -15.84
N LYS A 562 29.03 -18.24 -15.67
CA LYS A 562 29.23 -19.19 -16.75
C LYS A 562 27.89 -19.81 -17.09
N THR A 563 27.13 -20.18 -16.04
CA THR A 563 25.83 -20.79 -16.21
C THR A 563 24.88 -19.83 -16.91
N VAL A 564 24.84 -18.56 -16.47
CA VAL A 564 23.98 -17.57 -17.09
C VAL A 564 24.32 -17.40 -18.57
N VAL A 565 25.60 -17.30 -18.92
CA VAL A 565 25.95 -17.04 -20.31
C VAL A 565 25.72 -18.30 -21.17
N ARG A 566 26.09 -19.48 -20.66
CA ARG A 566 25.83 -20.74 -21.34
C ARG A 566 24.33 -20.88 -21.64
N ARG A 567 23.50 -20.69 -20.60
CA ARG A 567 22.05 -20.79 -20.73
C ARG A 567 21.51 -19.74 -21.69
N ARG A 568 22.03 -18.52 -21.66
CA ARG A 568 21.55 -17.48 -22.55
C ARG A 568 21.88 -17.86 -24.00
N THR A 569 23.08 -18.44 -24.19
CA THR A 569 23.53 -18.88 -25.49
C THR A 569 22.62 -20.00 -25.98
N GLN A 570 22.33 -20.98 -25.12
CA GLN A 570 21.44 -22.06 -25.49
C GLN A 570 20.06 -21.50 -25.87
N TYR A 571 19.58 -20.50 -25.12
CA TYR A 571 18.24 -19.97 -25.33
C TYR A 571 18.17 -19.33 -26.72
N ASN A 572 19.13 -18.45 -27.01
CA ASN A 572 19.21 -17.76 -28.29
C ASN A 572 19.35 -18.78 -29.43
N LEU A 573 20.07 -19.87 -29.20
CA LEU A 573 20.25 -20.85 -30.23
C LEU A 573 18.88 -21.44 -30.57
N ARG A 574 18.18 -21.95 -29.55
CA ARG A 574 16.85 -22.49 -29.75
C ARG A 574 15.96 -21.48 -30.48
N LYS A 575 16.01 -20.20 -30.10
CA LYS A 575 15.09 -19.21 -30.66
C LYS A 575 15.46 -18.92 -32.11
N ALA A 576 16.78 -18.90 -32.40
CA ALA A 576 17.27 -18.68 -33.75
C ALA A 576 16.83 -19.82 -34.66
N LYS A 577 17.04 -21.07 -34.23
CA LYS A 577 16.64 -22.23 -35.02
C LYS A 577 15.13 -22.26 -35.23
N ASP A 578 14.35 -21.84 -34.23
CA ASP A 578 12.90 -21.77 -34.40
C ASP A 578 12.55 -20.73 -35.48
N ARG A 579 13.21 -19.57 -35.42
CA ARG A 579 12.94 -18.50 -36.37
C ARG A 579 13.38 -18.92 -37.78
N ALA A 580 14.56 -19.53 -37.91
CA ALA A 580 15.01 -20.05 -39.19
C ALA A 580 13.98 -21.02 -39.76
N HIS A 581 13.42 -21.92 -38.91
CA HIS A 581 12.40 -22.87 -39.32
C HIS A 581 11.15 -22.16 -39.83
N ILE A 582 10.72 -21.09 -39.14
CA ILE A 582 9.55 -20.36 -39.60
C ILE A 582 9.88 -19.71 -40.95
N LEU A 583 11.09 -19.16 -41.08
CA LEU A 583 11.46 -18.41 -42.27
C LEU A 583 11.48 -19.34 -43.49
N GLU A 584 11.95 -20.57 -43.30
CA GLU A 584 11.90 -21.56 -44.38
C GLU A 584 10.46 -21.79 -44.84
N GLY A 585 9.52 -21.73 -43.89
CA GLY A 585 8.13 -21.96 -44.24
C GLY A 585 7.55 -20.78 -44.99
N LEU A 586 7.91 -19.57 -44.57
CA LEU A 586 7.47 -18.36 -45.23
C LEU A 586 8.05 -18.26 -46.63
N ARG A 587 9.30 -18.68 -46.84
CA ARG A 587 9.94 -18.62 -48.15
C ARG A 587 9.14 -19.43 -49.18
N ILE A 588 8.73 -20.62 -48.75
CA ILE A 588 7.95 -21.55 -49.54
C ILE A 588 6.62 -20.92 -49.87
N ALA A 589 5.95 -20.38 -48.85
CA ALA A 589 4.68 -19.73 -49.02
C ALA A 589 4.78 -18.60 -50.06
N LEU A 590 5.82 -17.77 -49.94
CA LEU A 590 5.93 -16.64 -50.86
C LEU A 590 6.29 -17.12 -52.26
N ASP A 591 7.11 -18.18 -52.38
CA ASP A 591 7.50 -18.68 -53.68
C ASP A 591 6.33 -19.38 -54.39
N HIS A 592 5.31 -19.82 -53.64
CA HIS A 592 4.16 -20.51 -54.22
C HIS A 592 2.85 -19.85 -53.78
N ILE A 593 2.87 -18.53 -53.61
CA ILE A 593 1.76 -17.85 -52.98
C ILE A 593 0.40 -18.13 -53.65
N ASP A 594 0.35 -18.23 -54.98
CA ASP A 594 -0.94 -18.46 -55.62
C ASP A 594 -1.52 -19.81 -55.18
N GLU A 595 -0.70 -20.87 -55.18
CA GLU A 595 -1.18 -22.19 -54.78
C GLU A 595 -1.50 -22.19 -53.28
N ILE A 596 -0.71 -21.47 -52.47
CA ILE A 596 -0.98 -21.36 -51.04
C ILE A 596 -2.38 -20.78 -50.83
N ILE A 597 -2.63 -19.62 -51.43
CA ILE A 597 -3.89 -18.91 -51.27
C ILE A 597 -5.05 -19.81 -51.72
N SER A 598 -4.90 -20.47 -52.88
CA SER A 598 -5.95 -21.35 -53.37
C SER A 598 -6.20 -22.52 -52.42
N THR A 599 -5.13 -23.10 -51.84
CA THR A 599 -5.27 -24.15 -50.84
C THR A 599 -6.13 -23.65 -49.68
N ILE A 600 -5.88 -22.42 -49.21
CA ILE A 600 -6.56 -21.92 -48.03
C ILE A 600 -8.01 -21.64 -48.38
N ARG A 601 -8.25 -21.10 -49.58
CA ARG A 601 -9.56 -20.65 -50.01
C ARG A 601 -10.53 -21.81 -50.20
N GLU A 602 -10.05 -22.96 -50.69
CA GLU A 602 -10.88 -24.15 -50.87
C GLU A 602 -11.09 -24.87 -49.54
N SER A 603 -10.38 -24.47 -48.47
CA SER A 603 -10.53 -25.15 -47.19
C SER A 603 -11.64 -24.51 -46.36
N ASP A 604 -12.52 -25.33 -45.79
CA ASP A 604 -13.67 -24.85 -45.04
C ASP A 604 -13.24 -24.32 -43.68
N THR A 605 -12.26 -25.00 -43.06
CA THR A 605 -11.78 -24.64 -41.73
C THR A 605 -10.27 -24.51 -41.72
N ASP A 606 -9.83 -24.00 -40.56
CA ASP A 606 -8.43 -23.90 -40.18
C ASP A 606 -7.75 -25.26 -40.29
N LYS A 607 -8.32 -26.26 -39.62
CA LYS A 607 -7.72 -27.58 -39.54
C LYS A 607 -7.44 -28.10 -40.95
N VAL A 608 -8.44 -28.02 -41.83
CA VAL A 608 -8.31 -28.53 -43.18
C VAL A 608 -7.13 -27.85 -43.86
N ALA A 609 -7.11 -26.51 -43.82
CA ALA A 609 -6.06 -25.72 -44.46
C ALA A 609 -4.68 -26.17 -43.98
N MET A 610 -4.50 -26.22 -42.65
CA MET A 610 -3.27 -26.66 -42.01
C MET A 610 -2.81 -27.99 -42.60
N GLU A 611 -3.73 -28.98 -42.66
CA GLU A 611 -3.42 -30.30 -43.19
C GLU A 611 -3.01 -30.23 -44.67
N SER A 612 -3.80 -29.52 -45.50
CA SER A 612 -3.52 -29.46 -46.93
C SER A 612 -2.19 -28.74 -47.18
N LEU A 613 -1.93 -27.69 -46.41
CA LEU A 613 -0.70 -26.94 -46.58
C LEU A 613 0.47 -27.88 -46.29
N GLN A 614 0.39 -28.56 -45.14
CA GLN A 614 1.41 -29.47 -44.68
C GLN A 614 1.74 -30.57 -45.68
N GLN A 615 0.71 -31.13 -46.31
CA GLN A 615 0.91 -32.28 -47.20
C GLN A 615 1.45 -31.80 -48.54
N ARG A 616 0.87 -30.71 -49.08
CA ARG A 616 1.21 -30.21 -50.40
C ARG A 616 2.64 -29.64 -50.44
N PHE A 617 3.15 -29.10 -49.32
CA PHE A 617 4.33 -28.25 -49.35
C PHE A 617 5.39 -28.66 -48.33
N LYS A 618 5.25 -29.83 -47.73
CA LYS A 618 6.24 -30.30 -46.77
C LYS A 618 6.43 -29.29 -45.63
N LEU A 619 5.32 -28.78 -45.10
CA LEU A 619 5.37 -27.80 -44.02
C LEU A 619 5.14 -28.51 -42.69
N SER A 620 5.85 -28.08 -41.64
CA SER A 620 5.52 -28.46 -40.28
C SER A 620 4.23 -27.76 -39.86
N GLU A 621 3.74 -28.14 -38.68
CA GLU A 621 2.57 -27.52 -38.10
C GLU A 621 2.88 -26.06 -37.77
N LYS A 622 4.05 -25.79 -37.17
CA LYS A 622 4.40 -24.42 -36.83
C LYS A 622 4.51 -23.57 -38.11
N GLN A 623 5.00 -24.16 -39.21
CA GLN A 623 5.18 -23.42 -40.46
C GLN A 623 3.81 -23.08 -41.02
N ALA A 624 2.92 -24.08 -41.07
CA ALA A 624 1.58 -23.90 -41.60
C ALA A 624 0.83 -22.85 -40.81
N GLN A 625 1.02 -22.85 -39.49
CA GLN A 625 0.35 -21.91 -38.59
C GLN A 625 0.83 -20.48 -38.89
N ALA A 626 2.15 -20.29 -39.01
CA ALA A 626 2.73 -18.97 -39.32
C ALA A 626 2.24 -18.42 -40.66
N ILE A 627 2.05 -19.32 -41.64
CA ILE A 627 1.54 -18.90 -42.93
C ILE A 627 0.09 -18.46 -42.77
N LEU A 628 -0.70 -19.26 -42.06
CA LEU A 628 -2.09 -18.90 -41.83
C LEU A 628 -2.18 -17.58 -41.05
N ASP A 629 -1.18 -17.30 -40.23
CA ASP A 629 -1.15 -16.06 -39.46
C ASP A 629 -0.55 -14.88 -40.22
N MET A 630 0.05 -15.10 -41.41
CA MET A 630 0.64 -14.05 -42.22
C MET A 630 -0.40 -13.01 -42.65
N ARG A 631 -0.06 -11.72 -42.52
CA ARG A 631 -0.94 -10.70 -43.05
C ARG A 631 -0.65 -10.47 -44.53
N LEU A 632 -1.68 -9.96 -45.24
CA LEU A 632 -1.59 -9.65 -46.65
C LEU A 632 -0.48 -8.63 -46.92
N ARG A 633 -0.21 -7.70 -46.00
CA ARG A 633 0.85 -6.74 -46.23
C ARG A 633 2.22 -7.41 -46.40
N ARG A 634 2.40 -8.68 -45.96
CA ARG A 634 3.68 -9.35 -46.12
C ARG A 634 3.88 -9.90 -47.54
N LEU A 635 2.96 -9.63 -48.47
CA LEU A 635 3.11 -10.12 -49.84
C LEU A 635 3.69 -9.04 -50.74
N THR A 636 4.11 -7.90 -50.18
CA THR A 636 4.63 -6.81 -51.01
C THR A 636 6.02 -7.22 -51.51
N GLY A 637 6.56 -6.42 -52.45
CA GLY A 637 7.61 -6.84 -53.36
C GLY A 637 8.95 -7.11 -52.67
N LEU A 638 9.31 -6.29 -51.69
CA LEU A 638 10.63 -6.37 -51.08
C LEU A 638 10.63 -7.34 -49.89
N GLU A 639 9.55 -8.11 -49.70
CA GLU A 639 9.41 -8.94 -48.50
C GLU A 639 10.17 -10.25 -48.70
N ARG A 640 10.11 -10.80 -49.92
CA ARG A 640 10.84 -12.03 -50.18
C ARG A 640 12.34 -11.78 -50.00
N ASP A 641 12.75 -10.51 -50.21
CA ASP A 641 14.14 -10.09 -50.04
C ASP A 641 14.48 -9.95 -48.56
N LYS A 642 13.64 -9.23 -47.80
CA LYS A 642 13.81 -9.06 -46.36
C LYS A 642 13.86 -10.41 -45.63
N ILE A 643 13.06 -11.36 -46.10
CA ILE A 643 13.02 -12.69 -45.52
C ILE A 643 14.31 -13.44 -45.84
N GLU A 644 14.84 -13.26 -47.07
CA GLU A 644 16.08 -13.93 -47.46
C GLU A 644 17.26 -13.40 -46.66
N ALA A 645 17.35 -12.07 -46.52
CA ALA A 645 18.38 -11.41 -45.72
C ALA A 645 18.33 -11.91 -44.27
N GLU A 646 17.16 -11.81 -43.63
CA GLU A 646 17.01 -12.23 -42.25
C GLU A 646 17.50 -13.68 -42.10
N TYR A 647 17.12 -14.53 -43.06
CA TYR A 647 17.47 -15.94 -42.99
C TYR A 647 18.98 -16.11 -43.07
N ASN A 648 19.63 -15.35 -43.95
CA ASN A 648 21.07 -15.44 -44.12
C ASN A 648 21.78 -14.93 -42.87
N GLU A 649 21.33 -13.81 -42.29
CA GLU A 649 21.92 -13.32 -41.05
C GLU A 649 21.72 -14.34 -39.93
N LEU A 650 20.55 -14.99 -39.89
CA LEU A 650 20.22 -15.94 -38.83
C LEU A 650 21.17 -17.13 -38.85
N LEU A 651 21.42 -17.63 -40.06
CA LEU A 651 22.27 -18.80 -40.25
C LEU A 651 23.67 -18.51 -39.73
N ASN A 652 24.15 -17.30 -40.03
CA ASN A 652 25.41 -16.81 -39.49
C ASN A 652 25.35 -16.83 -37.97
N TYR A 653 24.29 -16.22 -37.40
CA TYR A 653 24.16 -16.09 -35.96
C TYR A 653 24.16 -17.46 -35.30
N ILE A 654 23.45 -18.40 -35.92
CA ILE A 654 23.33 -19.74 -35.40
C ILE A 654 24.71 -20.35 -35.24
N SER A 655 25.57 -20.19 -36.26
CA SER A 655 26.84 -20.88 -36.21
C SER A 655 27.76 -20.16 -35.21
N GLU A 656 27.65 -18.83 -35.09
CA GLU A 656 28.36 -18.10 -34.03
C GLU A 656 27.99 -18.65 -32.64
N LEU A 657 26.70 -18.93 -32.38
CA LEU A 657 26.28 -19.42 -31.08
C LEU A 657 26.78 -20.85 -30.85
N GLU A 658 26.83 -21.63 -31.93
CA GLU A 658 27.27 -23.02 -31.83
C GLU A 658 28.74 -23.09 -31.51
N THR A 659 29.51 -22.08 -31.94
CA THR A 659 30.94 -22.00 -31.65
C THR A 659 31.11 -21.82 -30.16
N ILE A 660 30.37 -20.84 -29.63
CA ILE A 660 30.44 -20.49 -28.22
C ILE A 660 30.20 -21.74 -27.37
N LEU A 661 29.21 -22.56 -27.75
CA LEU A 661 28.80 -23.68 -26.91
C LEU A 661 29.71 -24.88 -27.05
N ALA A 662 30.54 -24.91 -28.10
CA ALA A 662 31.36 -26.08 -28.34
C ALA A 662 32.75 -25.89 -27.71
N ASP A 663 33.03 -24.69 -27.18
CA ASP A 663 34.37 -24.38 -26.70
C ASP A 663 34.30 -23.59 -25.40
N GLU A 664 34.53 -24.30 -24.29
CA GLU A 664 34.60 -23.77 -22.94
C GLU A 664 35.41 -22.47 -22.85
N GLU A 665 36.55 -22.41 -23.52
CA GLU A 665 37.42 -21.24 -23.44
C GLU A 665 36.76 -20.04 -24.12
N VAL A 666 36.00 -20.29 -25.21
CA VAL A 666 35.28 -19.23 -25.89
C VAL A 666 34.18 -18.69 -24.96
N LEU A 667 33.45 -19.59 -24.30
CA LEU A 667 32.38 -19.21 -23.38
C LEU A 667 32.94 -18.30 -22.29
N LEU A 668 34.05 -18.75 -21.70
CA LEU A 668 34.68 -18.08 -20.58
C LEU A 668 35.17 -16.70 -21.01
N GLN A 669 35.74 -16.62 -22.22
CA GLN A 669 36.22 -15.34 -22.73
C GLN A 669 35.04 -14.40 -22.93
N LEU A 670 33.89 -14.94 -23.35
CA LEU A 670 32.69 -14.12 -23.49
C LEU A 670 32.22 -13.59 -22.12
N VAL A 671 32.33 -14.41 -21.08
CA VAL A 671 32.09 -13.96 -19.71
C VAL A 671 33.05 -12.83 -19.36
N ARG A 672 34.35 -13.03 -19.66
CA ARG A 672 35.34 -12.03 -19.29
C ARG A 672 34.99 -10.71 -19.95
N ASP A 673 34.67 -10.74 -21.25
CA ASP A 673 34.44 -9.51 -22.01
C ASP A 673 33.23 -8.75 -21.45
N GLU A 674 32.15 -9.46 -21.12
CA GLU A 674 30.97 -8.78 -20.60
C GLU A 674 31.27 -8.14 -19.25
N LEU A 675 32.01 -8.83 -18.38
CA LEU A 675 32.44 -8.26 -17.11
C LEU A 675 33.26 -6.99 -17.33
N THR A 676 34.18 -7.04 -18.31
CA THR A 676 35.09 -5.91 -18.52
C THR A 676 34.28 -4.68 -18.94
N GLU A 677 33.24 -4.91 -19.75
CA GLU A 677 32.41 -3.82 -20.23
C GLU A 677 31.66 -3.19 -19.05
N ILE A 678 31.21 -4.03 -18.11
CA ILE A 678 30.53 -3.54 -16.93
C ILE A 678 31.47 -2.72 -16.05
N ARG A 679 32.69 -3.22 -15.85
CA ARG A 679 33.70 -2.51 -15.08
C ARG A 679 33.95 -1.14 -15.70
N ASP A 680 34.09 -1.10 -17.03
CA ASP A 680 34.42 0.13 -17.73
C ASP A 680 33.25 1.11 -17.62
N ARG A 681 32.03 0.59 -17.51
CA ARG A 681 30.87 1.46 -17.49
C ARG A 681 30.50 1.91 -16.07
N PHE A 682 30.73 1.07 -15.05
CA PHE A 682 30.17 1.31 -13.72
C PHE A 682 31.24 1.39 -12.63
N GLY A 683 32.45 0.89 -12.92
CA GLY A 683 33.55 0.90 -11.98
C GLY A 683 33.97 2.31 -11.61
N ASP A 684 34.36 2.53 -10.36
CA ASP A 684 34.58 3.86 -9.87
C ASP A 684 35.80 3.82 -8.95
N ASP A 685 36.23 4.99 -8.48
CA ASP A 685 37.39 5.05 -7.61
C ASP A 685 37.06 4.49 -6.21
N ARG A 686 38.09 3.97 -5.57
CA ARG A 686 38.03 3.62 -4.17
C ARG A 686 37.71 4.85 -3.34
N ARG A 687 36.85 4.67 -2.32
CA ARG A 687 36.50 5.73 -1.40
C ARG A 687 37.28 5.56 -0.09
N THR A 688 37.27 4.34 0.47
CA THR A 688 37.84 4.05 1.78
C THR A 688 39.36 3.88 1.63
N GLU A 689 40.11 4.63 2.43
CA GLU A 689 41.55 4.52 2.39
C GLU A 689 42.02 3.47 3.39
N ILE A 690 42.83 2.53 2.92
CA ILE A 690 43.46 1.54 3.77
C ILE A 690 44.84 2.06 4.16
N GLN A 691 45.00 2.42 5.44
CA GLN A 691 46.29 2.90 5.95
C GLN A 691 47.07 1.78 6.62
N LEU A 692 48.38 1.72 6.31
CA LEU A 692 49.33 0.75 6.85
C LEU A 692 50.11 1.39 8.00
N LYS B 10 11.10 17.86 19.23
CA LYS B 10 10.88 17.82 17.76
C LYS B 10 11.69 18.91 17.08
N LEU B 11 11.90 20.04 17.78
CA LEU B 11 12.75 21.15 17.35
C LEU B 11 14.15 20.68 16.97
N ALA B 12 14.53 20.89 15.70
CA ALA B 12 15.89 20.77 15.24
C ALA B 12 16.47 22.17 15.05
N ASP B 13 17.12 22.68 16.11
CA ASP B 13 17.49 24.08 16.22
C ASP B 13 18.66 24.37 15.30
N CYS B 14 18.88 25.66 15.03
CA CYS B 14 20.09 26.12 14.35
C CYS B 14 21.20 26.34 15.39
N SER B 15 22.44 26.40 14.90
CA SER B 15 23.62 26.50 15.75
C SER B 15 23.77 27.93 16.29
N SER B 16 23.46 28.92 15.45
CA SER B 16 23.49 30.33 15.85
C SER B 16 22.43 30.64 16.89
N LYS B 17 22.75 31.61 17.74
CA LYS B 17 21.85 32.05 18.81
C LYS B 17 21.62 33.57 18.73
N SER B 18 21.84 34.18 17.55
CA SER B 18 21.50 35.58 17.39
C SER B 18 20.19 35.67 16.61
N PRO B 19 19.05 35.88 17.32
CA PRO B 19 17.72 35.93 16.73
C PRO B 19 17.59 36.61 15.37
N GLU B 20 18.37 37.68 15.17
CA GLU B 20 18.16 38.56 14.02
C GLU B 20 18.47 37.84 12.71
N GLU B 21 19.40 36.86 12.73
CA GLU B 21 19.75 36.13 11.51
C GLU B 21 19.15 34.71 11.49
N CYS B 22 18.43 34.33 12.56
CA CYS B 22 17.87 33.00 12.67
C CYS B 22 16.42 32.94 12.17
N GLU B 23 16.10 31.80 11.56
CA GLU B 23 14.80 31.51 10.96
C GLU B 23 14.30 30.17 11.49
N ILE B 24 12.99 30.07 11.74
CA ILE B 24 12.37 28.80 12.09
C ILE B 24 11.31 28.43 11.04
N PHE B 25 11.45 27.23 10.47
CA PHE B 25 10.47 26.70 9.52
C PHE B 25 9.51 25.75 10.22
N LEU B 26 8.20 26.05 10.10
CA LEU B 26 7.15 25.19 10.60
C LEU B 26 6.63 24.31 9.46
N VAL B 27 6.79 22.99 9.61
CA VAL B 27 6.31 22.06 8.61
C VAL B 27 5.27 21.11 9.20
N GLU B 28 4.59 20.34 8.35
CA GLU B 28 3.44 19.56 8.78
C GLU B 28 3.80 18.33 9.63
N GLY B 29 4.99 17.75 9.45
CA GLY B 29 5.36 16.50 10.10
C GLY B 29 6.75 16.06 9.65
N ASP B 30 7.13 14.82 9.98
CA ASP B 30 8.50 14.35 9.79
C ASP B 30 8.80 13.96 8.35
N SER B 31 7.77 13.61 7.59
CA SER B 31 8.02 13.35 6.19
C SER B 31 8.52 14.64 5.54
N ALA B 32 7.85 15.75 5.85
CA ALA B 32 8.25 17.03 5.29
C ALA B 32 9.53 17.52 5.96
N GLY B 33 9.62 17.26 7.27
CA GLY B 33 10.71 17.71 8.13
C GLY B 33 12.05 17.16 7.64
N GLY B 34 12.03 15.96 7.06
CA GLY B 34 13.24 15.31 6.62
C GLY B 34 13.83 15.96 5.37
N SER B 35 12.98 16.29 4.37
CA SER B 35 13.47 17.02 3.23
C SER B 35 13.99 18.38 3.69
N THR B 36 13.29 18.98 4.66
CA THR B 36 13.64 20.30 5.17
C THR B 36 14.98 20.24 5.89
N LYS B 37 15.16 19.23 6.75
CA LYS B 37 16.34 19.12 7.59
C LYS B 37 17.56 18.90 6.68
N SER B 38 17.38 18.11 5.62
CA SER B 38 18.46 17.81 4.70
C SER B 38 18.85 19.03 3.87
N GLY B 39 17.87 19.87 3.51
CA GLY B 39 18.10 20.94 2.55
C GLY B 39 18.63 22.22 3.21
N ARG B 40 18.44 22.36 4.53
CA ARG B 40 18.51 23.66 5.16
C ARG B 40 19.95 24.13 5.27
N ASP B 41 20.12 25.42 5.56
CA ASP B 41 21.34 25.93 6.18
C ASP B 41 21.22 25.78 7.70
N SER B 42 21.95 24.81 8.23
CA SER B 42 22.00 24.42 9.64
C SER B 42 22.36 25.58 10.57
N ARG B 43 23.08 26.57 10.07
CA ARG B 43 23.62 27.61 10.95
C ARG B 43 22.51 28.53 11.44
N THR B 44 21.58 28.87 10.55
CA THR B 44 20.62 29.94 10.81
C THR B 44 19.17 29.46 10.69
N GLN B 45 18.94 28.22 10.20
CA GLN B 45 17.58 27.77 9.92
C GLN B 45 17.20 26.59 10.81
N ALA B 46 16.28 26.83 11.76
CA ALA B 46 15.69 25.80 12.60
C ALA B 46 14.40 25.22 11.98
N ILE B 47 14.03 24.00 12.41
CA ILE B 47 12.88 23.29 11.85
C ILE B 47 12.05 22.73 12.98
N LEU B 48 10.75 23.05 12.97
CA LEU B 48 9.82 22.46 13.90
C LEU B 48 8.74 21.72 13.11
N PRO B 49 8.80 20.36 13.08
CA PRO B 49 7.69 19.56 12.59
C PRO B 49 6.56 19.51 13.61
N LEU B 50 5.37 19.82 13.12
CA LEU B 50 4.14 19.67 13.87
C LEU B 50 3.60 18.27 13.57
N ARG B 51 2.29 18.07 13.74
CA ARG B 51 1.68 16.77 13.55
C ARG B 51 0.36 16.96 12.85
N GLY B 52 0.37 17.55 11.65
CA GLY B 52 -0.85 17.68 10.87
C GLY B 52 -1.72 18.82 11.40
N LYS B 53 -3.02 18.64 11.35
CA LYS B 53 -3.90 19.75 11.68
C LYS B 53 -3.72 20.11 13.15
N ILE B 54 -3.59 21.41 13.45
CA ILE B 54 -3.41 21.87 14.81
C ILE B 54 -4.76 22.38 15.30
N LEU B 55 -4.86 22.44 16.61
CA LEU B 55 -6.01 22.98 17.30
C LEU B 55 -6.39 24.33 16.71
N ASN B 56 -7.70 24.49 16.46
CA ASN B 56 -8.29 25.77 16.11
C ASN B 56 -8.55 26.52 17.42
N VAL B 57 -7.74 27.52 17.72
CA VAL B 57 -7.83 28.17 19.03
C VAL B 57 -9.02 29.14 19.11
N GLU B 58 -9.67 29.45 17.98
CA GLU B 58 -10.86 30.29 17.98
C GLU B 58 -12.10 29.51 18.44
N LYS B 59 -12.02 28.18 18.53
CA LYS B 59 -13.16 27.35 18.92
C LYS B 59 -12.85 26.59 20.22
N ALA B 60 -11.59 26.53 20.63
CA ALA B 60 -11.19 25.70 21.76
C ALA B 60 -11.19 26.50 23.07
N ARG B 61 -11.34 25.77 24.18
CA ARG B 61 -11.21 26.31 25.52
C ARG B 61 -9.75 26.66 25.78
N LEU B 62 -9.52 27.67 26.63
CA LEU B 62 -8.18 28.18 26.89
C LEU B 62 -7.27 27.06 27.43
N ASP B 63 -7.80 26.20 28.29
CA ASP B 63 -6.97 25.25 28.98
C ASP B 63 -6.56 24.14 28.02
N ARG B 64 -7.45 23.81 27.07
CA ARG B 64 -7.15 22.85 26.02
C ARG B 64 -5.99 23.38 25.17
N ILE B 65 -6.02 24.70 24.90
CA ILE B 65 -4.99 25.32 24.09
C ILE B 65 -3.65 25.16 24.83
N LEU B 66 -3.61 25.53 26.11
CA LEU B 66 -2.37 25.64 26.85
C LEU B 66 -1.79 24.27 27.16
N ASN B 67 -2.62 23.22 27.13
CA ASN B 67 -2.17 21.85 27.33
C ASN B 67 -1.90 21.13 26.00
N ASN B 68 -2.20 21.76 24.86
CA ASN B 68 -2.00 21.12 23.58
C ASN B 68 -0.51 21.04 23.28
N ASN B 69 -0.02 19.86 22.87
CA ASN B 69 1.41 19.58 22.80
C ASN B 69 2.08 20.38 21.68
N GLU B 70 1.40 20.58 20.54
CA GLU B 70 2.03 21.28 19.42
C GLU B 70 2.07 22.79 19.74
N ILE B 71 1.03 23.31 20.41
CA ILE B 71 0.96 24.70 20.85
C ILE B 71 2.11 24.98 21.82
N ARG B 72 2.30 24.09 22.80
CA ARG B 72 3.38 24.22 23.76
C ARG B 72 4.75 24.26 23.07
N GLN B 73 4.96 23.41 22.07
CA GLN B 73 6.26 23.32 21.43
C GLN B 73 6.57 24.59 20.64
N MET B 74 5.56 25.17 19.99
CA MET B 74 5.75 26.41 19.27
C MET B 74 6.09 27.52 20.27
N ILE B 75 5.40 27.58 21.41
CA ILE B 75 5.63 28.61 22.42
C ILE B 75 7.06 28.51 22.95
N THR B 76 7.46 27.31 23.37
CA THR B 76 8.80 27.05 23.84
C THR B 76 9.83 27.43 22.78
N ALA B 77 9.60 27.07 21.50
CA ALA B 77 10.56 27.37 20.45
C ALA B 77 10.73 28.88 20.29
N PHE B 78 9.63 29.63 20.32
CA PHE B 78 9.68 31.06 20.05
C PHE B 78 10.25 31.81 21.26
N GLY B 79 9.98 31.29 22.46
CA GLY B 79 10.58 31.79 23.69
C GLY B 79 9.94 33.09 24.18
N THR B 80 8.79 33.49 23.61
CA THR B 80 8.22 34.81 23.84
C THR B 80 7.11 34.80 24.87
N GLY B 81 6.72 33.61 25.37
CA GLY B 81 5.46 33.49 26.11
C GLY B 81 4.25 33.94 25.26
N ILE B 82 3.06 34.01 25.88
CA ILE B 82 1.82 34.23 25.14
C ILE B 82 0.93 35.28 25.81
N GLY B 83 0.15 35.97 24.96
CA GLY B 83 -0.91 36.87 25.38
C GLY B 83 -0.38 38.08 26.15
N GLY B 84 -0.79 38.18 27.43
CA GLY B 84 -0.31 39.20 28.34
C GLY B 84 1.21 39.20 28.47
N ASP B 85 1.80 38.04 28.80
CA ASP B 85 3.21 37.96 29.16
C ASP B 85 4.11 37.91 27.92
N PHE B 86 3.53 38.22 26.76
CA PHE B 86 4.22 38.12 25.49
C PHE B 86 5.32 39.17 25.45
N ASP B 87 6.58 38.73 25.37
CA ASP B 87 7.71 39.62 25.38
C ASP B 87 8.50 39.48 24.08
N LEU B 88 8.38 40.50 23.23
CA LEU B 88 8.92 40.45 21.88
C LEU B 88 10.43 40.28 21.89
N ALA B 89 11.11 40.90 22.87
CA ALA B 89 12.56 40.97 22.83
C ALA B 89 13.16 39.61 23.23
N LYS B 90 12.32 38.65 23.62
CA LYS B 90 12.81 37.31 23.91
C LYS B 90 12.67 36.36 22.71
N ALA B 91 12.24 36.88 21.55
CA ALA B 91 12.04 36.04 20.39
C ALA B 91 13.35 35.38 19.99
N ARG B 92 13.33 34.05 19.82
CA ARG B 92 14.55 33.31 19.52
C ARG B 92 14.83 33.31 18.02
N TYR B 93 13.88 33.79 17.20
CA TYR B 93 13.99 33.83 15.75
C TYR B 93 13.29 35.12 15.34
N HIS B 94 13.75 35.77 14.26
CA HIS B 94 13.10 36.97 13.74
C HIS B 94 12.36 36.66 12.44
N LYS B 95 12.50 35.42 11.94
CA LYS B 95 11.60 34.89 10.93
C LYS B 95 11.00 33.57 11.43
N ILE B 96 9.68 33.56 11.62
CA ILE B 96 8.88 32.36 11.77
C ILE B 96 8.22 32.11 10.41
N VAL B 97 8.56 30.99 9.77
CA VAL B 97 8.14 30.72 8.41
C VAL B 97 7.15 29.55 8.39
N ILE B 98 5.92 29.83 8.00
CA ILE B 98 4.93 28.80 7.79
C ILE B 98 5.21 28.14 6.45
N MET B 99 5.57 26.85 6.50
CA MET B 99 5.88 26.08 5.30
C MET B 99 5.07 24.79 5.34
N THR B 100 3.77 24.92 5.07
CA THR B 100 2.90 23.77 4.95
C THR B 100 3.01 23.22 3.51
N ASP B 101 2.42 22.05 3.29
CA ASP B 101 2.47 21.42 1.99
C ASP B 101 1.62 22.23 1.01
N ALA B 102 1.95 22.11 -0.28
CA ALA B 102 1.29 22.86 -1.34
C ALA B 102 0.01 22.16 -1.81
N ASP B 103 -0.92 21.98 -0.88
CA ASP B 103 -2.21 21.36 -1.15
C ASP B 103 -3.25 22.07 -0.28
N VAL B 104 -4.54 21.78 -0.47
CA VAL B 104 -5.59 22.51 0.23
C VAL B 104 -5.50 22.32 1.75
N ASP B 105 -5.07 21.13 2.21
CA ASP B 105 -4.99 20.87 3.63
C ASP B 105 -3.82 21.67 4.20
N GLY B 106 -2.72 21.76 3.47
CA GLY B 106 -1.66 22.72 3.76
C GLY B 106 -2.20 24.15 3.95
N ALA B 107 -3.05 24.62 3.03
CA ALA B 107 -3.68 25.92 3.20
C ALA B 107 -4.46 26.00 4.51
N HIS B 108 -5.21 24.94 4.85
CA HIS B 108 -6.01 24.93 6.07
C HIS B 108 -5.10 25.05 7.28
N ILE B 109 -4.00 24.29 7.27
CA ILE B 109 -3.08 24.30 8.40
C ILE B 109 -2.46 25.70 8.56
N ARG B 110 -2.26 26.40 7.43
CA ARG B 110 -1.78 27.78 7.48
C ARG B 110 -2.83 28.68 8.14
N THR B 111 -4.12 28.52 7.80
CA THR B 111 -5.14 29.38 8.39
C THR B 111 -5.20 29.12 9.88
N LEU B 112 -4.96 27.86 10.29
CA LEU B 112 -5.01 27.46 11.69
C LEU B 112 -3.86 28.10 12.45
N LEU B 113 -2.65 28.02 11.88
CA LEU B 113 -1.45 28.58 12.48
C LEU B 113 -1.55 30.11 12.64
N LEU B 114 -2.08 30.79 11.63
CA LEU B 114 -2.22 32.24 11.66
C LEU B 114 -3.20 32.63 12.76
N THR B 115 -4.28 31.84 12.92
CA THR B 115 -5.27 32.09 13.95
C THR B 115 -4.60 32.08 15.32
N PHE B 116 -3.76 31.08 15.54
CA PHE B 116 -3.06 30.95 16.81
C PHE B 116 -2.14 32.15 17.01
N PHE B 117 -1.35 32.51 16.00
CA PHE B 117 -0.42 33.63 16.13
C PHE B 117 -1.18 34.92 16.42
N TYR B 118 -2.29 35.15 15.72
CA TYR B 118 -3.04 36.40 15.84
C TYR B 118 -3.64 36.52 17.23
N ARG B 119 -4.14 35.40 17.77
CA ARG B 119 -4.90 35.44 19.01
C ARG B 119 -3.95 35.43 20.20
N PHE B 120 -2.76 34.85 20.05
CA PHE B 120 -1.91 34.57 21.21
C PHE B 120 -0.55 35.25 21.08
N MET B 121 -0.23 35.80 19.91
CA MET B 121 1.08 36.35 19.67
C MET B 121 0.97 37.45 18.61
N ARG B 122 -0.07 38.27 18.71
CA ARG B 122 -0.31 39.33 17.72
C ARG B 122 0.95 40.18 17.52
N PRO B 123 1.71 40.57 18.58
CA PRO B 123 2.88 41.43 18.39
C PRO B 123 3.92 40.85 17.44
N LEU B 124 4.05 39.52 17.45
CA LEU B 124 4.90 38.80 16.51
C LEU B 124 4.55 39.16 15.07
N ILE B 125 3.25 39.29 14.78
CA ILE B 125 2.79 39.64 13.45
C ILE B 125 3.11 41.11 13.15
N GLU B 126 2.73 41.98 14.10
CA GLU B 126 2.97 43.43 14.03
C GLU B 126 4.45 43.73 13.73
N ALA B 127 5.38 43.04 14.40
CA ALA B 127 6.81 43.27 14.22
C ALA B 127 7.37 42.68 12.91
N GLY B 128 6.55 42.06 12.05
CA GLY B 128 6.99 41.62 10.73
C GLY B 128 7.81 40.31 10.76
N TYR B 129 7.65 39.53 11.82
CA TYR B 129 8.39 38.30 12.02
C TYR B 129 7.72 37.06 11.39
N VAL B 130 6.52 37.20 10.81
CA VAL B 130 5.78 36.02 10.37
C VAL B 130 5.76 36.01 8.85
N TYR B 131 6.16 34.87 8.29
CA TYR B 131 6.32 34.70 6.86
C TYR B 131 5.59 33.44 6.41
N ILE B 132 5.25 33.42 5.12
CA ILE B 132 4.69 32.27 4.44
C ILE B 132 5.64 31.87 3.33
N ALA B 133 6.14 30.63 3.38
CA ALA B 133 6.99 30.09 2.33
C ALA B 133 6.11 29.70 1.15
N GLN B 134 6.72 29.53 -0.02
CA GLN B 134 5.98 29.28 -1.25
C GLN B 134 6.59 28.09 -1.99
N PRO B 135 6.47 26.86 -1.45
CA PRO B 135 7.01 25.69 -2.13
C PRO B 135 6.28 25.44 -3.44
N PRO B 136 6.87 24.71 -4.42
CA PRO B 136 6.19 24.50 -5.69
C PRO B 136 4.98 23.57 -5.59
N THR B 137 3.93 23.89 -6.35
CA THR B 137 2.75 23.03 -6.45
C THR B 137 3.16 21.76 -7.21
N GLY B 138 2.22 20.83 -7.37
CA GLY B 138 2.49 19.56 -8.04
C GLY B 138 3.34 18.61 -7.19
N TYR B 139 3.49 18.89 -5.90
CA TYR B 139 3.97 17.90 -4.95
C TYR B 139 2.92 17.71 -3.85
N LYS B 140 2.74 16.47 -3.38
CA LYS B 140 1.75 16.13 -2.36
C LYS B 140 2.18 16.65 -0.99
N GLY B 141 3.49 16.72 -0.78
CA GLY B 141 4.11 17.12 0.47
C GLY B 141 5.59 17.37 0.25
N LEU B 142 6.25 17.99 1.23
CA LEU B 142 7.65 18.39 1.05
C LEU B 142 8.53 17.13 1.01
N GLY B 143 8.03 16.02 1.58
CA GLY B 143 8.75 14.75 1.63
C GLY B 143 8.83 14.12 0.25
N GLU B 144 8.04 14.66 -0.70
CA GLU B 144 8.09 14.21 -2.08
C GLU B 144 9.24 14.91 -2.83
N MET B 145 9.70 16.06 -2.30
CA MET B 145 10.77 16.82 -2.93
C MET B 145 12.13 16.35 -2.44
N ASN B 146 13.12 16.36 -3.35
CA ASN B 146 14.50 16.19 -2.94
C ASN B 146 14.92 17.42 -2.16
N ALA B 147 15.84 17.22 -1.20
CA ALA B 147 16.31 18.29 -0.33
C ALA B 147 16.84 19.49 -1.14
N ASP B 148 17.57 19.23 -2.21
CA ASP B 148 18.18 20.28 -3.02
C ASP B 148 17.09 21.06 -3.76
N GLN B 149 16.03 20.40 -4.23
CA GLN B 149 14.93 21.11 -4.87
C GLN B 149 14.29 22.05 -3.86
N LEU B 150 14.06 21.56 -2.63
CA LEU B 150 13.39 22.35 -1.61
C LEU B 150 14.21 23.58 -1.25
N TRP B 151 15.51 23.36 -1.02
CA TRP B 151 16.47 24.43 -0.75
C TRP B 151 16.42 25.52 -1.83
N GLU B 152 16.59 25.14 -3.10
CA GLU B 152 16.71 26.12 -4.18
C GLU B 152 15.41 26.90 -4.39
N THR B 153 14.24 26.23 -4.28
CA THR B 153 12.96 26.85 -4.61
C THR B 153 12.40 27.64 -3.43
N THR B 154 12.65 27.21 -2.18
CA THR B 154 11.79 27.62 -1.07
C THR B 154 12.59 28.18 0.09
N MET B 155 13.80 27.63 0.36
CA MET B 155 14.50 27.92 1.60
C MET B 155 15.72 28.83 1.43
N ASN B 156 16.33 28.85 0.24
CA ASN B 156 17.59 29.54 0.00
C ASN B 156 17.33 31.05 -0.04
N PRO B 157 17.89 31.85 0.90
CA PRO B 157 17.66 33.31 0.92
C PRO B 157 17.84 34.01 -0.43
N GLU B 158 18.68 33.46 -1.30
CA GLU B 158 19.04 34.14 -2.54
C GLU B 158 18.02 33.97 -3.66
N HIS B 159 17.08 33.01 -3.56
CA HIS B 159 16.17 32.76 -4.69
C HIS B 159 14.72 32.63 -4.24
N ARG B 160 14.50 32.37 -2.96
CA ARG B 160 13.16 32.13 -2.45
C ARG B 160 12.32 33.39 -2.51
N ALA B 161 10.99 33.19 -2.59
CA ALA B 161 10.02 34.25 -2.46
C ALA B 161 9.18 34.06 -1.20
N LEU B 162 9.68 34.53 -0.05
CA LEU B 162 8.90 34.55 1.18
C LEU B 162 7.84 35.64 1.07
N LEU B 163 6.66 35.37 1.66
CA LEU B 163 5.63 36.38 1.85
C LEU B 163 5.68 36.81 3.29
N GLN B 164 5.90 38.11 3.55
CA GLN B 164 5.86 38.61 4.92
C GLN B 164 4.43 38.99 5.27
N VAL B 165 3.95 38.51 6.42
CA VAL B 165 2.55 38.68 6.77
C VAL B 165 2.35 40.06 7.37
N LYS B 166 1.42 40.83 6.79
CA LYS B 166 1.16 42.20 7.19
C LYS B 166 -0.24 42.33 7.79
N LEU B 167 -0.32 42.91 9.00
CA LEU B 167 -1.57 43.34 9.59
C LEU B 167 -1.82 44.81 9.26
N GLU B 168 -2.88 45.11 8.50
CA GLU B 168 -3.32 46.49 8.32
C GLU B 168 -4.35 46.81 9.41
N ASP B 169 -5.61 46.46 9.13
CA ASP B 169 -6.73 46.90 9.93
C ASP B 169 -7.06 45.85 10.99
N ALA B 170 -6.80 46.18 12.26
CA ALA B 170 -7.03 45.28 13.39
C ALA B 170 -8.52 44.94 13.58
N ILE B 171 -9.42 45.84 13.17
CA ILE B 171 -10.87 45.60 13.27
C ILE B 171 -11.29 44.55 12.23
N GLU B 172 -10.89 44.76 10.98
CA GLU B 172 -11.26 43.87 9.90
C GLU B 172 -10.64 42.50 10.12
N ALA B 173 -9.40 42.48 10.63
CA ALA B 173 -8.76 41.25 11.00
C ALA B 173 -9.56 40.48 12.04
N ASP B 174 -10.00 41.16 13.13
CA ASP B 174 -10.73 40.52 14.21
C ASP B 174 -12.01 39.87 13.67
N GLN B 175 -12.70 40.60 12.79
CA GLN B 175 -13.93 40.12 12.18
C GLN B 175 -13.64 38.95 11.23
N THR B 176 -12.47 38.98 10.55
CA THR B 176 -12.12 37.94 9.61
C THR B 176 -11.88 36.64 10.37
N PHE B 177 -11.05 36.67 11.42
CA PHE B 177 -10.75 35.46 12.17
C PHE B 177 -12.04 34.90 12.79
N GLU B 178 -12.85 35.78 13.37
CA GLU B 178 -14.09 35.35 14.01
C GLU B 178 -15.01 34.68 13.01
N MET B 179 -15.21 35.31 11.84
CA MET B 179 -16.10 34.77 10.81
C MET B 179 -15.60 33.42 10.28
N LEU B 180 -14.36 33.34 9.84
CA LEU B 180 -13.83 32.15 9.19
C LEU B 180 -13.62 31.00 10.18
N MET B 181 -13.10 31.30 11.36
CA MET B 181 -12.56 30.29 12.24
C MET B 181 -13.41 30.08 13.49
N GLY B 182 -14.50 30.86 13.64
CA GLY B 182 -15.29 30.83 14.88
C GLY B 182 -16.42 29.82 14.79
N ASP B 183 -17.15 29.68 15.91
CA ASP B 183 -18.15 28.64 16.08
C ASP B 183 -19.44 28.93 15.32
N VAL B 184 -19.66 30.13 14.78
CA VAL B 184 -20.91 30.42 14.11
C VAL B 184 -20.84 30.01 12.64
N VAL B 185 -21.49 28.91 12.30
CA VAL B 185 -21.38 28.33 10.96
C VAL B 185 -22.01 29.27 9.92
N GLU B 186 -23.14 29.90 10.26
CA GLU B 186 -23.94 30.57 9.25
C GLU B 186 -23.16 31.70 8.58
N ASN B 187 -22.27 32.41 9.30
CA ASN B 187 -21.54 33.51 8.69
C ASN B 187 -20.50 32.97 7.71
N ARG B 188 -19.86 31.86 8.09
CA ARG B 188 -18.91 31.17 7.25
C ARG B 188 -19.62 30.62 6.02
N ARG B 189 -20.84 30.09 6.20
CA ARG B 189 -21.60 29.56 5.07
C ARG B 189 -21.85 30.69 4.09
N GLN B 190 -22.19 31.87 4.62
CA GLN B 190 -22.56 33.02 3.79
C GLN B 190 -21.36 33.52 3.00
N PHE B 191 -20.22 33.62 3.70
CA PHE B 191 -18.94 33.96 3.10
C PHE B 191 -18.66 33.05 1.90
N ILE B 192 -18.83 31.74 2.05
CA ILE B 192 -18.54 30.78 0.98
C ILE B 192 -19.45 31.04 -0.22
N GLU B 193 -20.77 31.14 0.01
CA GLU B 193 -21.74 31.30 -1.05
C GLU B 193 -21.49 32.58 -1.85
N ASP B 194 -21.10 33.66 -1.15
CA ASP B 194 -20.82 34.95 -1.76
C ASP B 194 -19.48 34.97 -2.51
N ASN B 195 -18.52 34.09 -2.17
CA ASN B 195 -17.19 34.18 -2.76
C ASN B 195 -16.86 32.97 -3.64
N ALA B 196 -17.65 31.90 -3.53
CA ALA B 196 -17.41 30.70 -4.29
C ALA B 196 -17.48 31.00 -5.79
N VAL B 197 -16.47 30.53 -6.53
CA VAL B 197 -16.50 30.52 -7.98
C VAL B 197 -16.39 29.07 -8.47
N TYR B 198 -17.25 28.69 -9.40
CA TYR B 198 -17.24 27.33 -9.94
C TYR B 198 -16.82 27.37 -11.42
N ASN B 212 7.92 39.91 -0.73
CA ASN B 212 6.94 41.02 -0.62
C ASN B 212 5.89 40.69 0.43
N GLU B 213 4.95 41.62 0.62
CA GLU B 213 4.02 41.56 1.74
C GLU B 213 2.74 40.85 1.31
N ARG B 214 2.07 40.28 2.31
CA ARG B 214 0.76 39.68 2.12
C ARG B 214 -0.12 40.11 3.30
N ASN B 215 -1.23 40.75 2.99
CA ASN B 215 -2.20 41.17 3.99
C ASN B 215 -2.80 39.93 4.69
N ILE B 216 -2.78 39.88 6.03
CA ILE B 216 -3.25 38.72 6.76
C ILE B 216 -4.73 38.41 6.51
N THR B 217 -5.56 39.43 6.32
CA THR B 217 -6.97 39.25 6.03
C THR B 217 -7.13 38.65 4.65
N SER B 218 -6.40 39.16 3.66
CA SER B 218 -6.43 38.61 2.31
C SER B 218 -5.96 37.15 2.29
N GLU B 219 -4.93 36.84 3.09
CA GLU B 219 -4.38 35.50 3.17
C GLU B 219 -5.36 34.49 3.78
N MET B 220 -5.92 34.85 4.93
CA MET B 220 -6.91 34.05 5.62
C MET B 220 -8.12 33.78 4.73
N ARG B 221 -8.63 34.80 4.04
CA ARG B 221 -9.83 34.65 3.24
C ARG B 221 -9.59 33.73 2.02
N GLU B 222 -8.49 33.97 1.29
CA GLU B 222 -8.23 33.23 0.08
C GLU B 222 -7.84 31.79 0.42
N SER B 223 -7.10 31.59 1.52
CA SER B 223 -6.63 30.27 1.88
C SER B 223 -7.82 29.44 2.39
N PHE B 224 -8.63 30.07 3.24
CA PHE B 224 -9.76 29.39 3.88
C PHE B 224 -10.81 29.04 2.82
N LEU B 225 -11.11 29.97 1.90
CA LEU B 225 -12.00 29.66 0.79
C LEU B 225 -11.45 28.52 -0.07
N ASP B 226 -10.12 28.52 -0.33
CA ASP B 226 -9.53 27.44 -1.12
C ASP B 226 -9.84 26.07 -0.53
N TYR B 227 -9.59 25.90 0.77
CA TYR B 227 -9.94 24.72 1.53
C TYR B 227 -11.44 24.44 1.51
N ALA B 228 -12.28 25.41 1.94
CA ALA B 228 -13.73 25.22 2.05
C ALA B 228 -14.31 24.67 0.74
N MET B 229 -13.97 25.34 -0.36
CA MET B 229 -14.44 24.96 -1.67
C MET B 229 -14.04 23.52 -2.02
N SER B 230 -12.77 23.16 -1.81
CA SER B 230 -12.32 21.83 -2.17
C SER B 230 -13.02 20.76 -1.33
N VAL B 231 -13.39 21.06 -0.09
CA VAL B 231 -14.03 20.06 0.75
C VAL B 231 -15.47 19.88 0.31
N ILE B 232 -16.08 20.99 -0.11
CA ILE B 232 -17.45 21.00 -0.56
C ILE B 232 -17.58 20.26 -1.88
N VAL B 233 -16.76 20.63 -2.87
CA VAL B 233 -16.99 20.10 -4.21
C VAL B 233 -16.14 18.86 -4.46
N ALA B 234 -15.15 18.55 -3.62
CA ALA B 234 -14.22 17.47 -3.97
C ALA B 234 -13.78 16.69 -2.72
N ARG B 235 -14.70 16.46 -1.78
CA ARG B 235 -14.39 15.55 -0.70
C ARG B 235 -15.64 15.01 -0.01
N ALA B 236 -16.42 15.91 0.62
CA ALA B 236 -17.32 15.51 1.71
C ALA B 236 -18.75 15.35 1.23
N LEU B 237 -19.08 15.92 0.05
CA LEU B 237 -20.45 15.84 -0.43
C LEU B 237 -20.55 14.93 -1.64
N PRO B 238 -21.65 14.15 -1.76
CA PRO B 238 -21.88 13.29 -2.91
C PRO B 238 -22.46 14.03 -4.10
N ASP B 239 -22.25 13.48 -5.29
CA ASP B 239 -22.89 14.00 -6.50
C ASP B 239 -24.32 13.46 -6.57
N VAL B 240 -25.26 14.30 -6.97
CA VAL B 240 -26.65 13.88 -7.05
C VAL B 240 -26.84 12.75 -8.06
N ARG B 241 -26.00 12.69 -9.11
CA ARG B 241 -26.23 11.75 -10.19
C ARG B 241 -25.82 10.33 -9.83
N ASP B 242 -24.64 10.12 -9.21
CA ASP B 242 -24.23 8.74 -8.92
C ASP B 242 -24.20 8.45 -7.42
N GLY B 243 -24.47 9.46 -6.60
CA GLY B 243 -24.49 9.30 -5.16
C GLY B 243 -23.10 9.16 -4.53
N LEU B 244 -22.03 9.49 -5.26
CA LEU B 244 -20.70 9.17 -4.75
C LEU B 244 -19.95 10.44 -4.37
N LYS B 245 -19.07 10.28 -3.38
CA LYS B 245 -18.00 11.23 -3.15
C LYS B 245 -16.78 10.78 -3.97
N PRO B 246 -15.82 11.69 -4.22
CA PRO B 246 -14.62 11.38 -4.97
C PRO B 246 -13.92 10.09 -4.55
N VAL B 247 -13.72 9.90 -3.25
CA VAL B 247 -12.91 8.77 -2.83
C VAL B 247 -13.64 7.50 -3.25
N HIS B 248 -14.97 7.49 -3.16
CA HIS B 248 -15.70 6.27 -3.47
C HIS B 248 -15.67 6.07 -4.98
N ARG B 249 -15.82 7.16 -5.74
CA ARG B 249 -15.86 7.02 -7.18
C ARG B 249 -14.53 6.43 -7.68
N ARG B 250 -13.43 6.91 -7.13
CA ARG B 250 -12.10 6.52 -7.55
C ARG B 250 -11.79 5.09 -7.12
N ILE B 251 -12.31 4.65 -5.99
CA ILE B 251 -12.12 3.26 -5.60
C ILE B 251 -12.84 2.37 -6.60
N LEU B 252 -14.10 2.71 -6.90
CA LEU B 252 -14.89 1.83 -7.74
C LEU B 252 -14.29 1.83 -9.14
N TYR B 253 -13.93 3.02 -9.64
CA TYR B 253 -13.31 3.15 -10.94
C TYR B 253 -12.03 2.30 -10.98
N GLY B 254 -11.25 2.33 -9.89
CA GLY B 254 -10.01 1.59 -9.79
C GLY B 254 -10.23 0.08 -9.84
N LEU B 255 -11.22 -0.39 -9.11
CA LEU B 255 -11.63 -1.78 -9.19
C LEU B 255 -11.95 -2.15 -10.64
N ASN B 256 -12.62 -1.24 -11.37
CA ASN B 256 -13.07 -1.48 -12.73
C ASN B 256 -11.88 -1.60 -13.69
N GLU B 257 -10.92 -0.67 -13.59
CA GLU B 257 -9.73 -0.66 -14.43
C GLU B 257 -8.84 -1.88 -14.19
N GLN B 258 -8.76 -2.35 -12.95
CA GLN B 258 -8.01 -3.56 -12.66
C GLN B 258 -8.84 -4.82 -12.91
N GLY B 259 -9.98 -4.72 -13.61
CA GLY B 259 -10.85 -5.86 -13.88
C GLY B 259 -11.23 -6.70 -12.65
N MET B 260 -11.46 -6.07 -11.49
CA MET B 260 -11.79 -6.81 -10.27
C MET B 260 -13.30 -7.03 -10.16
N THR B 261 -13.85 -7.77 -11.13
CA THR B 261 -15.27 -8.03 -11.24
C THR B 261 -15.64 -9.20 -10.34
N PRO B 262 -16.95 -9.38 -10.02
CA PRO B 262 -17.39 -10.43 -9.10
C PRO B 262 -17.02 -11.85 -9.52
N ASP B 263 -16.83 -12.06 -10.83
CA ASP B 263 -16.50 -13.34 -11.43
C ASP B 263 -15.04 -13.70 -11.21
N LYS B 264 -14.16 -12.71 -11.03
CA LYS B 264 -12.75 -12.98 -10.85
C LYS B 264 -12.47 -13.11 -9.37
N SER B 265 -11.27 -13.56 -9.03
CA SER B 265 -10.90 -13.80 -7.64
C SER B 265 -10.70 -12.47 -6.90
N TYR B 266 -10.76 -12.55 -5.57
CA TYR B 266 -10.55 -11.39 -4.73
C TYR B 266 -9.15 -10.85 -4.97
N LYS B 267 -8.93 -9.54 -4.79
CA LYS B 267 -7.60 -8.94 -4.90
C LYS B 267 -7.20 -8.25 -3.58
N LYS B 268 -5.91 -8.31 -3.26
CA LYS B 268 -5.42 -7.80 -2.00
C LYS B 268 -5.76 -6.30 -1.87
N SER B 269 -6.27 -5.90 -0.70
CA SER B 269 -6.71 -4.54 -0.45
C SER B 269 -5.57 -3.53 -0.59
N ALA B 270 -4.38 -3.92 -0.13
CA ALA B 270 -3.19 -3.08 -0.16
C ALA B 270 -2.85 -2.70 -1.59
N ARG B 271 -3.10 -3.63 -2.50
CA ARG B 271 -2.83 -3.38 -3.90
C ARG B 271 -3.88 -2.47 -4.51
N ILE B 272 -5.17 -2.66 -4.14
CA ILE B 272 -6.22 -1.74 -4.59
C ILE B 272 -5.92 -0.32 -4.11
N VAL B 273 -5.55 -0.18 -2.84
CA VAL B 273 -5.37 1.13 -2.24
C VAL B 273 -4.17 1.83 -2.89
N GLY B 274 -3.04 1.11 -2.95
CA GLY B 274 -1.82 1.59 -3.62
C GLY B 274 -2.15 2.14 -5.00
N ASP B 275 -2.90 1.36 -5.79
CA ASP B 275 -3.29 1.74 -7.14
C ASP B 275 -4.15 3.02 -7.16
N VAL B 276 -5.18 3.08 -6.29
CA VAL B 276 -6.11 4.21 -6.25
C VAL B 276 -5.38 5.48 -5.84
N MET B 277 -4.52 5.36 -4.83
CA MET B 277 -3.75 6.47 -4.31
C MET B 277 -2.83 7.02 -5.40
N GLY B 278 -2.12 6.12 -6.09
CA GLY B 278 -1.16 6.55 -7.10
C GLY B 278 -1.86 7.23 -8.28
N LYS B 279 -2.91 6.60 -8.82
CA LYS B 279 -3.53 7.07 -10.04
C LYS B 279 -4.50 8.23 -9.83
N TYR B 280 -5.20 8.30 -8.68
CA TYR B 280 -6.43 9.09 -8.64
C TYR B 280 -6.60 9.90 -7.36
N HIS B 281 -6.10 9.44 -6.21
CA HIS B 281 -6.57 9.99 -4.95
C HIS B 281 -5.36 10.28 -4.08
N PRO B 282 -4.81 11.51 -4.14
CA PRO B 282 -3.53 11.80 -3.51
C PRO B 282 -3.69 12.17 -2.05
N HIS B 283 -4.05 11.16 -1.25
CA HIS B 283 -4.31 11.36 0.17
C HIS B 283 -3.88 10.10 0.88
N GLY B 284 -4.08 10.09 2.19
CA GLY B 284 -3.56 9.02 3.03
C GLY B 284 -4.29 7.70 2.79
N ASP B 285 -3.58 6.60 3.08
CA ASP B 285 -4.04 5.25 2.88
C ASP B 285 -5.27 4.98 3.76
N SER B 286 -5.28 5.55 4.97
CA SER B 286 -6.37 5.28 5.88
C SER B 286 -7.68 5.78 5.28
N SER B 287 -7.64 6.92 4.57
CA SER B 287 -8.85 7.51 4.02
C SER B 287 -9.42 6.59 2.94
N ILE B 288 -8.53 6.00 2.14
CA ILE B 288 -8.96 5.19 1.00
C ILE B 288 -9.46 3.85 1.52
N TYR B 289 -8.68 3.22 2.41
CA TYR B 289 -8.98 1.88 2.85
C TYR B 289 -10.29 1.89 3.63
N GLU B 290 -10.44 2.87 4.51
CA GLU B 290 -11.65 2.93 5.33
C GLU B 290 -12.90 3.24 4.50
N ALA B 291 -12.77 4.04 3.46
CA ALA B 291 -13.93 4.28 2.63
C ALA B 291 -14.31 2.97 1.93
N MET B 292 -13.33 2.19 1.48
CA MET B 292 -13.62 0.93 0.80
C MET B 292 -14.27 -0.04 1.76
N VAL B 293 -13.72 -0.07 2.97
CA VAL B 293 -14.23 -0.94 4.02
C VAL B 293 -15.71 -0.66 4.29
N ARG B 294 -16.09 0.61 4.48
CA ARG B 294 -17.48 0.94 4.73
C ARG B 294 -18.36 0.42 3.60
N MET B 295 -17.90 0.48 2.33
CA MET B 295 -18.67 0.06 1.18
C MET B 295 -18.91 -1.44 1.15
N ALA B 296 -18.16 -2.20 1.96
CA ALA B 296 -18.28 -3.65 2.05
C ALA B 296 -19.08 -4.10 3.27
N GLN B 297 -19.47 -3.17 4.15
CA GLN B 297 -20.17 -3.52 5.38
C GLN B 297 -21.68 -3.56 5.16
N ASP B 298 -22.30 -4.72 5.42
CA ASP B 298 -23.73 -4.87 5.21
C ASP B 298 -24.55 -4.19 6.33
N PHE B 299 -23.89 -3.73 7.38
CA PHE B 299 -24.59 -2.92 8.37
C PHE B 299 -24.42 -1.43 8.06
N SER B 300 -23.65 -1.06 7.02
CA SER B 300 -23.44 0.35 6.71
C SER B 300 -24.10 0.71 5.39
N TYR B 301 -23.94 -0.17 4.40
CA TYR B 301 -24.46 0.03 3.06
C TYR B 301 -25.66 -0.89 2.83
N ARG B 302 -26.78 -0.25 2.46
CA ARG B 302 -28.04 -0.91 2.18
C ARG B 302 -27.92 -1.80 0.95
N TYR B 303 -27.02 -1.43 0.01
CA TYR B 303 -26.67 -2.24 -1.14
C TYR B 303 -25.15 -2.17 -1.25
N PRO B 304 -24.40 -3.05 -0.56
CA PRO B 304 -22.95 -2.93 -0.52
C PRO B 304 -22.31 -2.91 -1.92
N LEU B 305 -21.27 -2.08 -2.08
CA LEU B 305 -20.65 -1.80 -3.37
C LEU B 305 -19.35 -2.57 -3.49
N VAL B 306 -18.85 -3.02 -2.34
CA VAL B 306 -17.62 -3.78 -2.32
C VAL B 306 -17.88 -5.12 -1.64
N ASP B 307 -17.30 -6.17 -2.21
CA ASP B 307 -17.37 -7.54 -1.71
C ASP B 307 -16.03 -7.85 -1.04
N GLY B 308 -16.04 -7.94 0.29
CA GLY B 308 -14.80 -8.04 1.05
C GLY B 308 -14.57 -9.47 1.53
N GLN B 309 -13.31 -9.88 1.50
CA GLN B 309 -12.90 -11.16 2.06
C GLN B 309 -12.06 -10.89 3.29
N GLY B 310 -12.45 -11.45 4.43
CA GLY B 310 -11.72 -11.27 5.67
C GLY B 310 -12.47 -10.39 6.64
N ASN B 311 -11.77 -9.88 7.65
CA ASN B 311 -12.37 -9.08 8.71
C ASN B 311 -12.62 -7.64 8.21
N PHE B 312 -13.88 -7.26 8.02
CA PHE B 312 -14.22 -5.92 7.53
C PHE B 312 -14.94 -5.11 8.62
N GLY B 313 -14.69 -5.46 9.90
CA GLY B 313 -15.25 -4.73 11.04
C GLY B 313 -16.63 -5.26 11.45
N SER B 314 -17.20 -4.68 12.51
CA SER B 314 -18.45 -5.14 13.11
C SER B 314 -19.29 -3.94 13.56
N MET B 315 -20.53 -4.23 13.90
CA MET B 315 -21.45 -3.27 14.49
C MET B 315 -21.02 -2.84 15.89
N ASP B 316 -19.99 -3.47 16.48
CA ASP B 316 -19.48 -3.06 17.78
C ASP B 316 -18.28 -2.12 17.62
N GLY B 317 -18.03 -1.66 16.39
CA GLY B 317 -17.07 -0.60 16.15
C GLY B 317 -15.63 -1.13 16.12
N ASP B 318 -15.47 -2.44 16.13
CA ASP B 318 -14.26 -3.08 15.64
C ASP B 318 -13.98 -2.57 14.23
N GLY B 319 -12.72 -2.21 13.99
CA GLY B 319 -12.31 -1.82 12.66
C GLY B 319 -11.99 -3.06 11.81
N ALA B 320 -11.84 -2.83 10.51
CA ALA B 320 -11.41 -3.88 9.62
C ALA B 320 -10.04 -4.35 10.10
N ALA B 321 -9.68 -5.58 9.72
CA ALA B 321 -8.29 -5.98 9.72
C ALA B 321 -7.49 -4.98 8.89
N ALA B 322 -6.19 -4.90 9.20
CA ALA B 322 -5.27 -4.10 8.40
C ALA B 322 -5.30 -4.58 6.95
N MET B 323 -5.08 -3.63 6.03
CA MET B 323 -5.30 -3.85 4.61
C MET B 323 -4.33 -4.89 4.02
N ARG B 324 -3.24 -5.22 4.72
CA ARG B 324 -2.35 -6.28 4.25
C ARG B 324 -3.05 -7.64 4.32
N PHE B 325 -4.08 -7.78 5.16
CA PHE B 325 -4.76 -9.06 5.34
C PHE B 325 -5.98 -9.25 4.43
N THR B 326 -6.67 -8.18 4.05
CA THR B 326 -7.98 -8.36 3.45
C THR B 326 -7.85 -8.34 1.94
N GLU B 327 -8.92 -8.75 1.28
CA GLU B 327 -9.06 -8.67 -0.16
C GLU B 327 -10.48 -8.23 -0.49
N ALA B 328 -10.71 -7.86 -1.75
CA ALA B 328 -11.95 -7.24 -2.15
C ALA B 328 -12.09 -7.37 -3.65
N ARG B 329 -13.34 -7.14 -4.07
CA ARG B 329 -13.72 -7.00 -5.46
C ARG B 329 -15.06 -6.27 -5.47
N MET B 330 -15.57 -5.96 -6.65
CA MET B 330 -16.89 -5.39 -6.81
C MET B 330 -17.98 -6.39 -6.42
N THR B 331 -19.10 -5.87 -5.92
CA THR B 331 -20.34 -6.62 -5.86
C THR B 331 -20.96 -6.59 -7.25
N LYS B 332 -21.92 -7.49 -7.46
CA LYS B 332 -22.69 -7.54 -8.69
C LYS B 332 -23.41 -6.23 -8.92
N ILE B 333 -23.92 -5.57 -7.87
CA ILE B 333 -24.68 -4.35 -8.11
C ILE B 333 -23.76 -3.20 -8.53
N THR B 334 -22.50 -3.21 -8.08
CA THR B 334 -21.54 -2.20 -8.53
C THR B 334 -21.27 -2.28 -10.04
N LEU B 335 -21.37 -3.47 -10.62
CA LEU B 335 -21.33 -3.55 -12.08
C LEU B 335 -22.36 -2.61 -12.72
N GLU B 336 -23.53 -2.42 -12.08
CA GLU B 336 -24.55 -1.52 -12.62
C GLU B 336 -24.19 -0.06 -12.45
N LEU B 337 -23.31 0.28 -11.49
CA LEU B 337 -22.84 1.65 -11.36
C LEU B 337 -21.87 2.01 -12.49
N LEU B 338 -21.06 1.02 -12.89
CA LEU B 338 -20.00 1.18 -13.87
C LEU B 338 -20.43 0.79 -15.29
N ARG B 339 -21.61 0.19 -15.45
CA ARG B 339 -22.07 -0.32 -16.74
C ARG B 339 -22.01 0.79 -17.80
N ASP B 340 -21.25 0.54 -18.88
CA ASP B 340 -21.21 1.35 -20.10
C ASP B 340 -20.39 2.62 -19.89
N ILE B 341 -19.52 2.62 -18.89
CA ILE B 341 -18.61 3.74 -18.66
C ILE B 341 -17.61 3.92 -19.82
N ASN B 342 -17.38 2.86 -20.61
CA ASN B 342 -16.48 2.93 -21.75
C ASN B 342 -17.24 3.10 -23.07
N LYS B 343 -18.47 3.61 -23.01
CA LYS B 343 -19.28 3.84 -24.21
C LYS B 343 -19.63 5.31 -24.28
N ASP B 344 -18.69 6.12 -23.83
CA ASP B 344 -18.80 7.55 -23.96
C ASP B 344 -20.11 8.07 -23.35
N THR B 345 -20.44 7.57 -22.16
CA THR B 345 -21.69 7.88 -21.48
C THR B 345 -21.48 9.04 -20.51
N ILE B 346 -20.26 9.14 -19.98
CA ILE B 346 -19.90 10.15 -19.00
C ILE B 346 -18.56 10.76 -19.41
N ASP B 347 -18.35 12.01 -18.98
CA ASP B 347 -17.14 12.76 -19.27
C ASP B 347 -16.01 12.38 -18.31
N PHE B 348 -14.89 12.01 -18.90
CA PHE B 348 -13.62 11.86 -18.22
C PHE B 348 -12.90 13.21 -18.10
N ILE B 349 -12.03 13.32 -17.11
CA ILE B 349 -11.24 14.51 -16.85
C ILE B 349 -9.82 14.05 -16.55
N ASP B 350 -8.89 14.98 -16.50
CA ASP B 350 -7.56 14.67 -16.05
C ASP B 350 -7.58 14.41 -14.56
N ASN B 351 -6.75 13.47 -14.14
CA ASN B 351 -6.46 13.22 -12.74
C ASN B 351 -5.63 14.36 -12.18
N TYR B 352 -5.11 14.19 -10.96
CA TYR B 352 -4.54 15.28 -10.18
C TYR B 352 -3.20 15.74 -10.78
N ASP B 353 -2.50 14.88 -11.53
CA ASP B 353 -1.17 15.19 -12.01
C ASP B 353 -1.07 15.10 -13.54
N GLY B 354 -2.19 14.91 -14.23
CA GLY B 354 -2.18 14.93 -15.68
C GLY B 354 -1.64 13.64 -16.29
N ASN B 355 -1.33 12.61 -15.49
CA ASN B 355 -0.83 11.36 -16.07
C ASN B 355 -1.92 10.30 -16.25
N GLU B 356 -3.15 10.58 -15.81
CA GLU B 356 -4.22 9.59 -15.92
C GLU B 356 -5.54 10.31 -16.23
N ARG B 357 -6.52 9.52 -16.67
CA ARG B 357 -7.87 10.03 -16.84
C ARG B 357 -8.74 9.35 -15.77
N GLU B 358 -9.77 10.07 -15.29
CA GLU B 358 -10.72 9.56 -14.30
C GLU B 358 -12.13 10.03 -14.65
N PRO B 359 -13.19 9.29 -14.25
CA PRO B 359 -14.54 9.71 -14.58
C PRO B 359 -15.00 10.88 -13.72
N SER B 360 -15.70 11.85 -14.34
CA SER B 360 -16.30 12.92 -13.56
C SER B 360 -17.45 12.34 -12.75
N VAL B 361 -18.07 11.25 -13.20
CA VAL B 361 -19.29 10.71 -12.61
C VAL B 361 -19.50 9.32 -13.22
N LEU B 362 -20.18 8.43 -12.50
CA LEU B 362 -20.42 7.07 -12.96
C LEU B 362 -21.78 7.01 -13.64
N PRO B 363 -21.97 6.11 -14.64
CA PRO B 363 -23.24 5.91 -15.30
C PRO B 363 -24.38 5.69 -14.31
N ALA B 364 -24.11 4.91 -13.27
CA ALA B 364 -25.03 4.81 -12.14
C ALA B 364 -26.43 4.37 -12.60
N ARG B 365 -26.56 3.11 -13.04
CA ARG B 365 -27.79 2.61 -13.64
C ARG B 365 -28.84 2.23 -12.59
N PHE B 366 -28.54 2.43 -11.29
CA PHE B 366 -29.59 2.55 -10.27
C PHE B 366 -29.39 3.81 -9.41
N PRO B 367 -30.44 4.32 -8.72
CA PRO B 367 -30.37 5.58 -7.96
C PRO B 367 -29.67 5.49 -6.60
N ASN B 368 -28.34 5.51 -6.69
CA ASN B 368 -27.46 5.10 -5.63
C ASN B 368 -27.46 6.14 -4.51
N LEU B 369 -27.61 7.43 -4.84
CA LEU B 369 -27.60 8.46 -3.82
C LEU B 369 -28.64 8.13 -2.75
N LEU B 370 -29.87 7.88 -3.20
CA LEU B 370 -30.95 7.59 -2.29
C LEU B 370 -30.85 6.15 -1.80
N ALA B 371 -30.44 5.21 -2.65
CA ALA B 371 -30.37 3.81 -2.22
C ALA B 371 -29.43 3.63 -1.03
N ASN B 372 -28.20 4.16 -1.10
CA ASN B 372 -27.20 3.93 -0.06
C ASN B 372 -27.12 5.10 0.92
N GLY B 373 -27.67 6.25 0.54
CA GLY B 373 -27.57 7.45 1.34
C GLY B 373 -26.16 8.01 1.38
N ALA B 374 -25.91 8.97 2.28
CA ALA B 374 -24.64 9.65 2.37
C ALA B 374 -24.62 10.44 3.67
N SER B 375 -23.46 10.46 4.33
CA SER B 375 -23.24 11.39 5.41
C SER B 375 -21.89 12.05 5.24
N GLY B 376 -21.82 13.37 5.38
CA GLY B 376 -20.59 14.07 5.06
C GLY B 376 -20.51 15.40 5.81
N ILE B 377 -19.36 15.63 6.45
CA ILE B 377 -19.11 16.90 7.14
C ILE B 377 -18.18 17.76 6.28
N ALA B 378 -18.74 18.86 5.75
CA ALA B 378 -17.99 19.74 4.88
C ALA B 378 -17.52 20.96 5.65
N VAL B 379 -17.50 22.13 5.02
CA VAL B 379 -17.24 23.40 5.67
C VAL B 379 -18.40 24.33 5.33
N GLY B 380 -19.00 24.97 6.34
CA GLY B 380 -20.16 25.81 6.11
C GLY B 380 -21.46 25.01 5.94
N MET B 381 -21.35 23.68 5.90
CA MET B 381 -22.51 22.82 5.66
C MET B 381 -22.09 21.34 5.80
N ALA B 382 -23.10 20.46 5.83
CA ALA B 382 -22.97 19.03 6.01
C ALA B 382 -24.07 18.34 5.20
N THR B 383 -24.07 17.01 5.17
CA THR B 383 -25.12 16.28 4.48
C THR B 383 -25.44 15.05 5.29
N ASN B 384 -26.71 14.64 5.23
CA ASN B 384 -27.14 13.44 5.94
C ASN B 384 -28.39 12.92 5.23
N ILE B 385 -28.18 11.95 4.36
CA ILE B 385 -29.22 11.40 3.51
C ILE B 385 -29.36 9.94 3.86
N PRO B 386 -30.53 9.48 4.27
CA PRO B 386 -30.68 8.10 4.66
C PRO B 386 -30.82 7.17 3.46
N PRO B 387 -30.52 5.88 3.64
CA PRO B 387 -30.73 4.88 2.60
C PRO B 387 -32.19 4.49 2.43
N HIS B 388 -32.49 3.94 1.25
CA HIS B 388 -33.84 3.60 0.82
C HIS B 388 -33.88 2.21 0.18
N ASN B 389 -35.10 1.70 0.07
CA ASN B 389 -35.34 0.44 -0.59
C ASN B 389 -35.24 0.64 -2.10
N LEU B 390 -34.48 -0.22 -2.76
CA LEU B 390 -34.24 0.00 -4.17
C LEU B 390 -35.49 -0.25 -5.02
N THR B 391 -36.34 -1.23 -4.64
CA THR B 391 -37.58 -1.51 -5.36
C THR B 391 -38.48 -0.28 -5.37
N GLU B 392 -38.68 0.30 -4.19
CA GLU B 392 -39.50 1.50 -4.00
C GLU B 392 -38.93 2.65 -4.82
N LEU B 393 -37.61 2.86 -4.70
CA LEU B 393 -36.95 3.95 -5.41
C LEU B 393 -37.18 3.81 -6.91
N ILE B 394 -36.96 2.61 -7.47
CA ILE B 394 -37.08 2.44 -8.92
C ILE B 394 -38.56 2.61 -9.31
N ASN B 395 -39.48 2.16 -8.45
CA ASN B 395 -40.88 2.35 -8.77
C ASN B 395 -41.17 3.85 -8.79
N GLY B 396 -40.56 4.59 -7.85
CA GLY B 396 -40.65 6.04 -7.82
C GLY B 396 -40.17 6.71 -9.11
N VAL B 397 -39.03 6.23 -9.64
CA VAL B 397 -38.43 6.80 -10.83
C VAL B 397 -39.35 6.51 -12.02
N LEU B 398 -39.87 5.28 -12.10
CA LEU B 398 -40.82 4.90 -13.15
C LEU B 398 -42.07 5.78 -13.14
N SER B 399 -42.67 6.02 -11.95
CA SER B 399 -43.83 6.90 -11.83
C SER B 399 -43.53 8.33 -12.30
N LEU B 400 -42.39 8.88 -11.86
CA LEU B 400 -41.97 10.20 -12.32
C LEU B 400 -41.78 10.24 -13.84
N SER B 401 -41.27 9.14 -14.40
CA SER B 401 -40.93 9.07 -15.83
C SER B 401 -42.19 9.19 -16.66
N LYS B 402 -43.33 8.75 -16.10
CA LYS B 402 -44.60 8.77 -16.79
C LYS B 402 -45.37 10.03 -16.39
N ASN B 403 -44.85 10.84 -15.44
CA ASN B 403 -45.61 11.99 -14.99
C ASN B 403 -44.68 13.03 -14.38
N PRO B 404 -44.17 13.98 -15.20
CA PRO B 404 -43.22 14.98 -14.72
C PRO B 404 -43.75 15.89 -13.61
N ASP B 405 -45.07 15.98 -13.52
CA ASP B 405 -45.77 16.84 -12.59
C ASP B 405 -46.19 16.10 -11.31
N ILE B 406 -45.68 14.88 -11.10
CA ILE B 406 -46.05 14.09 -9.93
C ILE B 406 -45.71 14.85 -8.66
N SER B 407 -46.51 14.64 -7.61
CA SER B 407 -46.31 15.33 -6.33
C SER B 407 -45.44 14.47 -5.42
N ILE B 408 -44.86 15.11 -4.38
CA ILE B 408 -44.12 14.39 -3.36
C ILE B 408 -45.03 13.34 -2.70
N ALA B 409 -46.30 13.69 -2.47
CA ALA B 409 -47.25 12.80 -1.85
C ALA B 409 -47.49 11.58 -2.72
N GLU B 410 -47.60 11.75 -4.05
CA GLU B 410 -47.79 10.61 -4.95
C GLU B 410 -46.52 9.76 -4.99
N LEU B 411 -45.33 10.36 -4.98
CA LEU B 411 -44.08 9.63 -4.93
C LEU B 411 -44.02 8.77 -3.66
N MET B 412 -44.56 9.27 -2.54
CA MET B 412 -44.53 8.53 -1.29
C MET B 412 -45.45 7.30 -1.33
N GLU B 413 -46.28 7.17 -2.37
CA GLU B 413 -47.01 5.92 -2.58
C GLU B 413 -46.03 4.83 -3.04
N ASP B 414 -44.92 5.18 -3.69
CA ASP B 414 -43.89 4.20 -4.02
C ASP B 414 -42.83 4.17 -2.93
N ILE B 415 -42.36 5.33 -2.51
CA ILE B 415 -41.26 5.46 -1.57
C ILE B 415 -41.84 5.80 -0.19
N GLU B 416 -41.96 4.80 0.68
CA GLU B 416 -42.64 4.95 1.95
C GLU B 416 -41.81 5.78 2.92
N GLY B 417 -40.49 5.63 2.85
CA GLY B 417 -39.58 6.33 3.71
C GLY B 417 -38.22 5.62 3.65
N PRO B 418 -37.28 5.98 4.53
CA PRO B 418 -35.99 5.32 4.56
C PRO B 418 -36.13 3.84 4.83
N ASP B 419 -35.11 3.10 4.45
CA ASP B 419 -35.01 1.67 4.65
C ASP B 419 -33.56 1.37 5.01
N PHE B 420 -33.30 1.19 6.29
CA PHE B 420 -31.94 1.10 6.78
C PHE B 420 -31.44 -0.35 6.66
N PRO B 421 -30.12 -0.58 6.41
CA PRO B 421 -29.61 -1.94 6.36
C PRO B 421 -29.81 -2.72 7.67
N THR B 422 -29.87 -2.00 8.80
CA THR B 422 -30.02 -2.54 10.14
C THR B 422 -31.49 -2.67 10.56
N ALA B 423 -32.43 -2.42 9.62
CA ALA B 423 -33.86 -2.65 9.84
C ALA B 423 -34.40 -1.68 10.89
N GLY B 424 -34.98 -2.19 11.98
CA GLY B 424 -35.49 -1.36 13.04
C GLY B 424 -36.86 -0.75 12.68
N LEU B 425 -37.30 0.21 13.50
CA LEU B 425 -38.58 0.90 13.35
C LEU B 425 -38.36 2.40 13.13
N ILE B 426 -39.23 3.00 12.31
CA ILE B 426 -39.41 4.44 12.30
C ILE B 426 -40.77 4.77 12.92
N LEU B 427 -40.82 5.83 13.74
CA LEU B 427 -42.02 6.26 14.40
C LEU B 427 -42.68 7.38 13.63
N GLY B 428 -43.79 7.07 12.95
CA GLY B 428 -44.63 8.08 12.32
C GLY B 428 -44.08 8.46 10.96
N LYS B 429 -44.87 9.25 10.24
CA LYS B 429 -44.56 9.65 8.89
C LYS B 429 -44.24 11.14 8.80
N SER B 430 -44.40 11.91 9.88
CA SER B 430 -44.40 13.35 9.68
C SER B 430 -42.96 13.88 9.50
N GLY B 431 -41.96 13.21 10.11
CA GLY B 431 -40.58 13.55 9.87
C GLY B 431 -40.17 13.21 8.43
N ILE B 432 -40.57 12.05 7.97
CA ILE B 432 -40.25 11.59 6.63
C ILE B 432 -40.84 12.57 5.61
N ARG B 433 -42.09 12.94 5.84
CA ARG B 433 -42.82 13.81 4.94
C ARG B 433 -42.10 15.16 4.82
N ARG B 434 -41.74 15.74 5.96
CA ARG B 434 -41.07 17.03 5.97
C ARG B 434 -39.72 16.95 5.25
N ALA B 435 -38.92 15.90 5.56
CA ALA B 435 -37.65 15.65 4.87
C ALA B 435 -37.85 15.51 3.35
N TYR B 436 -38.86 14.77 2.89
CA TYR B 436 -39.08 14.61 1.46
C TYR B 436 -39.56 15.90 0.81
N GLU B 437 -40.29 16.75 1.56
CA GLU B 437 -40.84 17.97 1.01
C GLU B 437 -39.79 19.08 0.95
N THR B 438 -38.90 19.16 1.94
CA THR B 438 -38.03 20.31 2.13
C THR B 438 -36.56 19.90 2.08
N GLY B 439 -36.25 18.61 2.19
CA GLY B 439 -34.87 18.16 2.30
C GLY B 439 -34.39 18.09 3.75
N ARG B 440 -35.18 18.58 4.71
CA ARG B 440 -34.81 18.51 6.12
C ARG B 440 -35.98 18.06 7.00
N GLY B 441 -35.68 17.20 7.97
CA GLY B 441 -36.70 16.68 8.85
C GLY B 441 -36.06 15.74 9.85
N SER B 442 -36.75 15.51 10.96
CA SER B 442 -36.23 14.67 12.03
C SER B 442 -36.99 13.34 12.01
N ILE B 443 -36.25 12.22 11.94
CA ILE B 443 -36.86 10.91 11.84
C ILE B 443 -36.47 10.12 13.08
N GLN B 444 -37.48 9.69 13.87
CA GLN B 444 -37.25 8.99 15.12
C GLN B 444 -37.15 7.50 14.80
N MET B 445 -36.03 6.88 15.17
CA MET B 445 -35.80 5.47 14.93
C MET B 445 -35.85 4.71 16.25
N ARG B 446 -36.34 3.47 16.21
CA ARG B 446 -36.28 2.62 17.39
C ARG B 446 -35.78 1.24 17.02
N SER B 447 -35.06 0.64 17.97
CA SER B 447 -34.79 -0.78 17.99
C SER B 447 -36.06 -1.58 17.85
N ARG B 448 -35.91 -2.79 17.30
CA ARG B 448 -36.90 -3.83 17.43
C ARG B 448 -36.61 -4.54 18.75
N ALA B 449 -37.55 -4.35 19.69
CA ALA B 449 -37.50 -4.92 21.03
C ALA B 449 -38.86 -5.51 21.39
N VAL B 450 -38.85 -6.68 22.04
CA VAL B 450 -40.04 -7.35 22.52
C VAL B 450 -39.84 -7.76 23.97
N ILE B 451 -40.95 -7.99 24.66
CA ILE B 451 -40.90 -8.47 26.03
C ILE B 451 -41.41 -9.90 26.03
N GLU B 452 -40.67 -10.77 26.68
CA GLU B 452 -40.97 -12.19 26.67
C GLU B 452 -40.64 -12.79 28.03
N GLU B 453 -41.31 -13.89 28.33
CA GLU B 453 -41.10 -14.61 29.57
C GLU B 453 -39.79 -15.37 29.50
N ARG B 454 -39.14 -15.52 30.65
CA ARG B 454 -37.94 -16.35 30.74
C ARG B 454 -38.09 -17.44 31.80
N GLY B 455 -39.28 -17.57 32.43
CA GLY B 455 -39.49 -18.65 33.38
C GLY B 455 -39.57 -18.15 34.83
N GLY B 456 -40.29 -18.92 35.66
CA GLY B 456 -40.50 -18.58 37.06
C GLY B 456 -41.28 -17.27 37.20
N GLY B 457 -42.12 -16.94 36.21
CA GLY B 457 -42.87 -15.70 36.20
C GLY B 457 -42.00 -14.45 36.02
N ARG B 458 -40.78 -14.63 35.48
CA ARG B 458 -39.87 -13.53 35.19
C ARG B 458 -39.92 -13.18 33.70
N GLN B 459 -39.44 -11.98 33.35
CA GLN B 459 -39.39 -11.52 31.97
C GLN B 459 -38.00 -11.01 31.61
N ARG B 460 -37.87 -10.78 30.30
CA ARG B 460 -36.73 -10.09 29.72
C ARG B 460 -37.20 -9.26 28.53
N ILE B 461 -36.35 -8.30 28.15
CA ILE B 461 -36.49 -7.51 26.94
C ILE B 461 -35.47 -8.09 25.99
N VAL B 462 -35.89 -8.37 24.76
CA VAL B 462 -34.99 -8.90 23.76
C VAL B 462 -34.93 -7.95 22.56
N VAL B 463 -33.73 -7.44 22.24
CA VAL B 463 -33.53 -6.51 21.14
C VAL B 463 -32.87 -7.27 19.99
N THR B 464 -33.48 -7.25 18.79
CA THR B 464 -32.97 -8.00 17.66
C THR B 464 -32.57 -7.08 16.50
N GLU B 465 -32.87 -5.79 16.57
CA GLU B 465 -32.44 -4.86 15.54
C GLU B 465 -32.15 -3.54 16.25
N ILE B 466 -31.10 -2.84 15.85
CA ILE B 466 -30.78 -1.57 16.50
C ILE B 466 -30.86 -0.47 15.44
N PRO B 467 -30.91 0.83 15.83
CA PRO B 467 -30.95 1.92 14.87
C PRO B 467 -29.66 2.04 14.07
N PHE B 468 -29.83 2.55 12.85
CA PHE B 468 -28.77 2.84 11.91
C PHE B 468 -27.72 3.72 12.59
N GLN B 469 -26.46 3.32 12.38
CA GLN B 469 -25.25 4.01 12.80
C GLN B 469 -25.04 4.01 14.32
N VAL B 470 -25.66 3.08 15.04
CA VAL B 470 -25.48 2.99 16.49
C VAL B 470 -24.52 1.85 16.76
N ASN B 471 -23.54 2.12 17.63
CA ASN B 471 -22.57 1.12 17.99
C ASN B 471 -23.20 0.23 19.06
N LYS B 472 -23.37 -1.06 18.75
CA LYS B 472 -24.11 -1.96 19.61
C LYS B 472 -23.42 -2.10 20.98
N ALA B 473 -22.09 -2.29 20.97
CA ALA B 473 -21.35 -2.46 22.21
C ALA B 473 -21.38 -1.17 23.03
N ARG B 474 -21.37 -0.01 22.37
CA ARG B 474 -21.46 1.27 23.06
C ARG B 474 -22.80 1.37 23.76
N MET B 475 -23.86 0.94 23.07
CA MET B 475 -25.20 1.07 23.58
C MET B 475 -25.35 0.22 24.85
N ILE B 476 -24.76 -0.98 24.81
CA ILE B 476 -24.82 -1.91 25.94
C ILE B 476 -24.03 -1.34 27.13
N GLU B 477 -22.88 -0.74 26.88
CA GLU B 477 -22.07 -0.17 27.97
C GLU B 477 -22.86 0.97 28.61
N LYS B 478 -23.54 1.78 27.80
CA LYS B 478 -24.40 2.85 28.29
C LYS B 478 -25.48 2.29 29.23
N ILE B 479 -26.08 1.13 28.90
CA ILE B 479 -27.08 0.55 29.78
C ILE B 479 -26.38 0.07 31.05
N ALA B 480 -25.23 -0.59 30.92
CA ALA B 480 -24.50 -1.09 32.08
C ALA B 480 -24.18 0.06 33.04
N GLU B 481 -23.90 1.23 32.46
CA GLU B 481 -23.55 2.43 33.20
C GLU B 481 -24.78 2.94 33.95
N LEU B 482 -25.91 3.09 33.24
CA LEU B 482 -27.16 3.51 33.87
C LEU B 482 -27.51 2.61 35.06
N VAL B 483 -27.29 1.29 34.92
CA VAL B 483 -27.63 0.34 35.96
C VAL B 483 -26.69 0.50 37.16
N ARG B 484 -25.41 0.75 36.88
CA ARG B 484 -24.42 0.92 37.94
C ARG B 484 -24.64 2.24 38.68
N ASP B 485 -24.93 3.34 37.96
CA ASP B 485 -25.20 4.64 38.58
C ASP B 485 -26.61 4.68 39.18
N LYS B 486 -27.32 3.54 39.11
CA LYS B 486 -28.66 3.37 39.65
C LYS B 486 -29.62 4.41 39.07
N LYS B 487 -29.43 4.78 37.79
CA LYS B 487 -30.30 5.74 37.10
C LYS B 487 -31.39 5.03 36.31
N ILE B 488 -31.39 3.69 36.32
CA ILE B 488 -32.50 2.94 35.78
C ILE B 488 -32.81 1.81 36.76
N ASP B 489 -34.10 1.67 37.08
CA ASP B 489 -34.54 0.60 37.97
C ASP B 489 -35.02 -0.60 37.16
N GLY B 490 -34.76 -1.81 37.67
CA GLY B 490 -35.52 -2.99 37.25
C GLY B 490 -34.67 -4.05 36.56
N ILE B 491 -33.41 -3.76 36.26
CA ILE B 491 -32.62 -4.61 35.39
C ILE B 491 -31.68 -5.49 36.22
N THR B 492 -31.80 -6.81 36.06
CA THR B 492 -31.02 -7.76 36.84
C THR B 492 -29.87 -8.36 36.03
N ASP B 493 -29.88 -8.26 34.70
CA ASP B 493 -28.77 -8.77 33.90
C ASP B 493 -28.82 -8.22 32.48
N LEU B 494 -27.70 -8.30 31.77
CA LEU B 494 -27.56 -7.67 30.47
C LEU B 494 -26.52 -8.44 29.68
N ARG B 495 -26.89 -8.96 28.52
CA ARG B 495 -26.01 -9.86 27.78
C ARG B 495 -26.17 -9.63 26.28
N ASP B 496 -25.06 -9.63 25.56
CA ASP B 496 -25.09 -9.66 24.12
C ASP B 496 -25.00 -11.12 23.68
N GLU B 497 -26.10 -11.66 23.15
CA GLU B 497 -26.10 -13.04 22.68
C GLU B 497 -26.05 -13.06 21.17
N THR B 498 -25.55 -11.97 20.55
CA THR B 498 -25.42 -11.90 19.11
C THR B 498 -24.50 -13.02 18.66
N SER B 499 -24.81 -13.62 17.51
CA SER B 499 -23.91 -14.55 16.87
C SER B 499 -24.24 -14.59 15.39
N LEU B 500 -23.32 -15.12 14.58
CA LEU B 500 -23.56 -15.29 13.16
C LEU B 500 -24.80 -16.16 12.93
N ARG B 501 -24.95 -17.20 13.76
CA ARG B 501 -26.01 -18.18 13.56
C ARG B 501 -27.36 -17.60 14.03
N THR B 502 -27.39 -16.80 15.09
CA THR B 502 -28.67 -16.31 15.61
C THR B 502 -28.96 -14.89 15.13
N GLY B 503 -27.98 -14.12 14.66
CA GLY B 503 -28.20 -12.70 14.42
C GLY B 503 -28.10 -11.85 15.71
N VAL B 504 -28.39 -10.55 15.58
CA VAL B 504 -28.33 -9.63 16.70
C VAL B 504 -29.31 -10.08 17.77
N ARG B 505 -28.85 -10.18 19.02
CA ARG B 505 -29.76 -10.51 20.10
C ARG B 505 -29.20 -9.96 21.40
N VAL B 506 -29.81 -8.88 21.90
CA VAL B 506 -29.39 -8.27 23.14
C VAL B 506 -30.51 -8.49 24.17
N VAL B 507 -30.14 -9.05 25.32
CA VAL B 507 -31.10 -9.53 26.30
C VAL B 507 -30.92 -8.72 27.58
N ILE B 508 -32.02 -8.14 28.07
CA ILE B 508 -32.05 -7.39 29.31
C ILE B 508 -33.02 -8.10 30.25
N ASP B 509 -32.49 -8.78 31.27
CA ASP B 509 -33.36 -9.45 32.23
C ASP B 509 -33.99 -8.41 33.17
N VAL B 510 -35.26 -8.61 33.51
CA VAL B 510 -35.98 -7.69 34.36
C VAL B 510 -36.32 -8.38 35.69
N ARG B 511 -36.34 -7.57 36.75
CA ARG B 511 -36.57 -8.08 38.09
C ARG B 511 -38.00 -8.59 38.17
N LYS B 512 -38.19 -9.74 38.84
CA LYS B 512 -39.50 -10.32 39.02
C LYS B 512 -40.50 -9.29 39.54
N ASP B 513 -41.68 -9.24 38.89
CA ASP B 513 -42.77 -8.36 39.24
C ASP B 513 -42.50 -6.90 38.89
N ALA B 514 -41.33 -6.56 38.34
CA ALA B 514 -41.13 -5.23 37.76
C ALA B 514 -41.85 -5.19 36.42
N ASN B 515 -42.29 -3.99 36.02
CA ASN B 515 -42.97 -3.77 34.76
C ASN B 515 -41.94 -3.59 33.64
N ALA B 516 -41.91 -4.53 32.69
CA ALA B 516 -40.90 -4.58 31.65
C ALA B 516 -41.13 -3.49 30.62
N SER B 517 -42.39 -3.18 30.37
CA SER B 517 -42.71 -2.10 29.45
C SER B 517 -42.25 -0.73 29.96
N VAL B 518 -42.26 -0.51 31.28
CA VAL B 518 -41.81 0.77 31.84
C VAL B 518 -40.31 0.85 31.66
N ILE B 519 -39.62 -0.25 31.96
CA ILE B 519 -38.18 -0.30 31.84
C ILE B 519 -37.78 -0.05 30.38
N LEU B 520 -38.50 -0.67 29.43
CA LEU B 520 -38.24 -0.49 28.00
C LEU B 520 -38.40 0.99 27.64
N ASN B 521 -39.54 1.61 28.00
CA ASN B 521 -39.74 3.04 27.76
C ASN B 521 -38.62 3.88 28.37
N ASN B 522 -38.13 3.51 29.56
CA ASN B 522 -37.00 4.23 30.15
C ASN B 522 -35.73 4.07 29.29
N LEU B 523 -35.49 2.88 28.72
CA LEU B 523 -34.31 2.65 27.91
C LEU B 523 -34.35 3.47 26.63
N TYR B 524 -35.54 3.59 26.02
CA TYR B 524 -35.74 4.42 24.83
C TYR B 524 -35.42 5.88 25.11
N LYS B 525 -35.78 6.36 26.31
CA LYS B 525 -35.56 7.74 26.70
C LYS B 525 -34.07 8.00 26.96
N GLN B 526 -33.37 7.03 27.53
CA GLN B 526 -32.07 7.29 28.13
C GLN B 526 -30.91 6.64 27.37
N THR B 527 -31.17 5.93 26.26
CA THR B 527 -30.08 5.27 25.54
C THR B 527 -30.33 5.38 24.05
N PRO B 528 -29.36 4.97 23.20
CA PRO B 528 -29.54 4.94 21.76
C PRO B 528 -30.46 3.84 21.24
N LEU B 529 -31.11 3.06 22.12
CA LEU B 529 -32.17 2.17 21.68
C LEU B 529 -33.20 2.93 20.86
N GLN B 530 -33.37 4.22 21.17
CA GLN B 530 -34.06 5.15 20.31
C GLN B 530 -33.06 6.25 19.93
N THR B 531 -33.06 6.63 18.65
CA THR B 531 -32.11 7.59 18.11
C THR B 531 -32.82 8.33 16.98
N SER B 532 -32.46 9.59 16.79
CA SER B 532 -33.01 10.34 15.68
C SER B 532 -32.02 10.37 14.51
N PHE B 533 -32.57 10.40 13.30
CA PHE B 533 -31.84 10.67 12.09
C PHE B 533 -32.28 12.05 11.62
N GLY B 534 -31.36 13.01 11.65
CA GLY B 534 -31.63 14.35 11.14
C GLY B 534 -31.29 14.45 9.67
N VAL B 535 -32.33 14.45 8.86
CA VAL B 535 -32.18 14.50 7.42
C VAL B 535 -31.79 15.91 7.03
N ASN B 536 -30.71 15.99 6.23
CA ASN B 536 -30.20 17.23 5.67
C ASN B 536 -29.64 16.93 4.27
N MET B 537 -30.49 17.03 3.24
CA MET B 537 -30.23 16.42 1.95
C MET B 537 -29.52 17.40 1.01
N ILE B 538 -28.20 17.54 1.23
CA ILE B 538 -27.36 18.38 0.39
C ILE B 538 -26.52 17.48 -0.51
N ALA B 539 -26.58 17.72 -1.83
CA ALA B 539 -25.72 17.03 -2.78
C ALA B 539 -25.22 18.03 -3.82
N LEU B 540 -24.20 17.60 -4.57
CA LEU B 540 -23.69 18.40 -5.67
C LEU B 540 -24.62 18.29 -6.88
N VAL B 541 -25.15 19.45 -7.29
CA VAL B 541 -25.94 19.60 -8.50
C VAL B 541 -25.23 20.61 -9.40
N ASN B 542 -24.89 20.19 -10.62
CA ASN B 542 -24.06 21.02 -11.50
C ASN B 542 -22.82 21.49 -10.76
N GLY B 543 -22.22 20.61 -9.95
CA GLY B 543 -20.98 20.93 -9.25
C GLY B 543 -21.13 21.95 -8.10
N ARG B 544 -22.36 22.23 -7.66
CA ARG B 544 -22.58 23.17 -6.59
C ARG B 544 -23.40 22.51 -5.48
N PRO B 545 -23.10 22.80 -4.18
CA PRO B 545 -23.89 22.24 -3.10
C PRO B 545 -25.30 22.78 -3.12
N LYS B 546 -26.28 21.92 -2.89
CA LYS B 546 -27.66 22.37 -2.83
C LYS B 546 -28.49 21.42 -1.99
N LEU B 547 -29.35 22.03 -1.17
CA LEU B 547 -30.38 21.33 -0.43
C LEU B 547 -31.49 20.93 -1.38
N ILE B 548 -31.76 19.62 -1.50
CA ILE B 548 -32.76 19.12 -2.43
C ILE B 548 -33.85 18.32 -1.71
N ASN B 549 -35.02 18.23 -2.34
CA ASN B 549 -36.11 17.43 -1.83
C ASN B 549 -36.13 16.08 -2.55
N LEU B 550 -37.04 15.18 -2.16
CA LEU B 550 -37.12 13.86 -2.78
C LEU B 550 -37.33 13.97 -4.29
N LYS B 551 -38.26 14.82 -4.74
CA LYS B 551 -38.60 14.87 -6.16
C LYS B 551 -37.40 15.32 -6.99
N GLU B 552 -36.71 16.38 -6.54
CA GLU B 552 -35.53 16.89 -7.21
C GLU B 552 -34.40 15.84 -7.28
N ALA B 553 -34.13 15.10 -6.20
CA ALA B 553 -33.18 14.01 -6.26
C ALA B 553 -33.54 13.03 -7.40
N LEU B 554 -34.81 12.66 -7.48
CA LEU B 554 -35.24 11.70 -8.50
C LEU B 554 -35.18 12.31 -9.90
N VAL B 555 -35.47 13.62 -10.03
CA VAL B 555 -35.47 14.30 -11.31
C VAL B 555 -34.03 14.39 -11.83
N HIS B 556 -33.09 14.78 -10.96
CA HIS B 556 -31.70 14.83 -11.38
C HIS B 556 -31.20 13.42 -11.76
N TYR B 557 -31.65 12.38 -11.03
CA TYR B 557 -31.25 11.02 -11.33
C TYR B 557 -31.76 10.61 -12.73
N LEU B 558 -33.05 10.83 -12.98
CA LEU B 558 -33.66 10.44 -14.23
C LEU B 558 -33.02 11.16 -15.42
N GLU B 559 -32.79 12.46 -15.30
CA GLU B 559 -32.13 13.20 -16.37
C GLU B 559 -30.76 12.58 -16.66
N HIS B 560 -30.01 12.20 -15.63
CA HIS B 560 -28.72 11.54 -15.82
C HIS B 560 -28.86 10.26 -16.64
N GLN B 561 -29.88 9.45 -16.33
CA GLN B 561 -30.16 8.20 -17.02
C GLN B 561 -30.51 8.42 -18.49
N LYS B 562 -31.36 9.40 -18.78
CA LYS B 562 -31.67 9.70 -20.17
C LYS B 562 -30.40 10.02 -20.97
N THR B 563 -29.54 10.86 -20.40
CA THR B 563 -28.31 11.29 -21.05
C THR B 563 -27.39 10.10 -21.26
N VAL B 564 -27.18 9.29 -20.22
CA VAL B 564 -26.30 8.13 -20.31
C VAL B 564 -26.80 7.20 -21.41
N VAL B 565 -28.10 6.93 -21.46
CA VAL B 565 -28.57 5.92 -22.41
C VAL B 565 -28.50 6.49 -23.82
N ARG B 566 -28.76 7.79 -23.95
CA ARG B 566 -28.73 8.43 -25.24
C ARG B 566 -27.30 8.41 -25.75
N ARG B 567 -26.35 8.77 -24.88
CA ARG B 567 -24.96 8.84 -25.29
C ARG B 567 -24.44 7.44 -25.61
N ARG B 568 -24.89 6.43 -24.88
CA ARG B 568 -24.47 5.07 -25.15
C ARG B 568 -24.97 4.67 -26.55
N THR B 569 -26.25 4.97 -26.84
CA THR B 569 -26.82 4.70 -28.15
C THR B 569 -26.00 5.37 -29.27
N GLN B 570 -25.66 6.65 -29.12
CA GLN B 570 -24.86 7.37 -30.11
C GLN B 570 -23.47 6.74 -30.25
N TYR B 571 -22.91 6.25 -29.15
CA TYR B 571 -21.58 5.68 -29.19
C TYR B 571 -21.66 4.37 -29.94
N ASN B 572 -22.67 3.56 -29.62
CA ASN B 572 -22.81 2.25 -30.23
C ASN B 572 -23.04 2.42 -31.73
N LEU B 573 -23.80 3.46 -32.13
CA LEU B 573 -24.08 3.77 -33.52
C LEU B 573 -22.80 4.13 -34.28
N ARG B 574 -22.02 5.09 -33.77
CA ARG B 574 -20.77 5.47 -34.42
C ARG B 574 -19.90 4.24 -34.63
N LYS B 575 -19.74 3.43 -33.57
CA LYS B 575 -18.78 2.33 -33.59
C LYS B 575 -19.24 1.25 -34.56
N ALA B 576 -20.55 0.98 -34.54
CA ALA B 576 -21.14 0.00 -35.43
C ALA B 576 -20.99 0.44 -36.89
N LYS B 577 -21.15 1.73 -37.17
CA LYS B 577 -20.94 2.29 -38.49
C LYS B 577 -19.48 2.13 -38.91
N ASP B 578 -18.54 2.40 -37.98
CA ASP B 578 -17.12 2.27 -38.28
C ASP B 578 -16.81 0.84 -38.70
N ARG B 579 -17.33 -0.11 -37.92
CA ARG B 579 -17.07 -1.52 -38.10
C ARG B 579 -17.75 -1.98 -39.40
N ALA B 580 -18.95 -1.50 -39.69
CA ALA B 580 -19.58 -1.89 -40.95
C ALA B 580 -18.73 -1.40 -42.12
N HIS B 581 -18.15 -0.22 -41.96
CA HIS B 581 -17.35 0.39 -42.99
C HIS B 581 -16.15 -0.51 -43.30
N ILE B 582 -15.44 -0.96 -42.23
CA ILE B 582 -14.34 -1.90 -42.36
C ILE B 582 -14.84 -3.19 -43.01
N LEU B 583 -15.98 -3.73 -42.58
CA LEU B 583 -16.46 -5.00 -43.10
C LEU B 583 -16.78 -4.90 -44.60
N GLU B 584 -17.21 -3.72 -45.05
CA GLU B 584 -17.51 -3.52 -46.47
C GLU B 584 -16.21 -3.64 -47.26
N GLY B 585 -15.12 -3.11 -46.68
CA GLY B 585 -13.80 -3.21 -47.25
C GLY B 585 -13.37 -4.68 -47.40
N LEU B 586 -13.53 -5.45 -46.32
CA LEU B 586 -13.16 -6.86 -46.35
C LEU B 586 -14.02 -7.65 -47.34
N ARG B 587 -15.31 -7.26 -47.46
CA ARG B 587 -16.23 -7.94 -48.35
C ARG B 587 -15.80 -7.71 -49.81
N ILE B 588 -15.39 -6.49 -50.14
CA ILE B 588 -14.87 -6.13 -51.44
C ILE B 588 -13.64 -6.98 -51.72
N ALA B 589 -12.76 -7.10 -50.73
CA ALA B 589 -11.54 -7.84 -50.92
C ALA B 589 -11.82 -9.32 -51.20
N LEU B 590 -12.75 -9.92 -50.45
CA LEU B 590 -13.18 -11.30 -50.67
C LEU B 590 -13.80 -11.48 -52.07
N ASP B 591 -14.53 -10.47 -52.55
CA ASP B 591 -15.19 -10.51 -53.85
C ASP B 591 -14.17 -10.45 -54.99
N HIS B 592 -12.98 -9.90 -54.73
CA HIS B 592 -12.02 -9.64 -55.80
C HIS B 592 -10.62 -10.11 -55.38
N ILE B 593 -10.55 -11.27 -54.73
CA ILE B 593 -9.37 -11.58 -53.94
C ILE B 593 -8.13 -11.72 -54.83
N ASP B 594 -8.28 -12.25 -56.06
CA ASP B 594 -7.14 -12.40 -56.97
C ASP B 594 -6.61 -11.03 -57.39
N GLU B 595 -7.48 -10.07 -57.71
CA GLU B 595 -7.03 -8.71 -57.98
C GLU B 595 -6.41 -8.09 -56.73
N ILE B 596 -6.95 -8.37 -55.53
CA ILE B 596 -6.38 -7.77 -54.33
C ILE B 596 -4.93 -8.25 -54.17
N ILE B 597 -4.73 -9.55 -54.31
CA ILE B 597 -3.41 -10.15 -54.12
C ILE B 597 -2.43 -9.59 -55.14
N SER B 598 -2.82 -9.66 -56.42
CA SER B 598 -2.07 -9.05 -57.51
C SER B 598 -1.72 -7.59 -57.20
N THR B 599 -2.66 -6.78 -56.70
CA THR B 599 -2.35 -5.39 -56.43
C THR B 599 -1.21 -5.27 -55.40
N ILE B 600 -1.28 -6.10 -54.37
CA ILE B 600 -0.32 -6.02 -53.29
C ILE B 600 1.05 -6.56 -53.75
N ARG B 601 1.04 -7.66 -54.51
CA ARG B 601 2.30 -8.29 -54.91
C ARG B 601 3.13 -7.36 -55.80
N GLU B 602 2.43 -6.56 -56.63
CA GLU B 602 3.08 -5.64 -57.56
C GLU B 602 3.51 -4.36 -56.86
N SER B 603 3.15 -4.20 -55.58
CA SER B 603 3.52 -3.01 -54.85
C SER B 603 4.86 -3.27 -54.14
N ASP B 604 5.79 -2.33 -54.20
CA ASP B 604 7.06 -2.49 -53.49
C ASP B 604 6.90 -2.34 -51.98
N THR B 605 6.08 -1.38 -51.54
CA THR B 605 5.98 -1.03 -50.13
C THR B 605 4.53 -1.14 -49.69
N ASP B 606 4.31 -1.05 -48.37
CA ASP B 606 2.98 -0.95 -47.79
C ASP B 606 2.27 0.30 -48.31
N LYS B 607 3.02 1.41 -48.35
CA LYS B 607 2.47 2.71 -48.72
C LYS B 607 1.89 2.66 -50.13
N VAL B 608 2.63 2.02 -51.04
CA VAL B 608 2.26 1.93 -52.44
C VAL B 608 1.04 1.01 -52.58
N ALA B 609 1.06 -0.10 -51.82
CA ALA B 609 -0.05 -1.05 -51.76
C ALA B 609 -1.32 -0.35 -51.27
N MET B 610 -1.18 0.35 -50.16
CA MET B 610 -2.29 1.12 -49.60
C MET B 610 -2.87 2.09 -50.63
N GLU B 611 -2.01 2.76 -51.42
CA GLU B 611 -2.46 3.75 -52.38
C GLU B 611 -3.19 3.07 -53.53
N SER B 612 -2.58 2.02 -54.08
CA SER B 612 -3.18 1.26 -55.17
C SER B 612 -4.51 0.63 -54.77
N LEU B 613 -4.59 0.09 -53.54
CA LEU B 613 -5.83 -0.51 -53.05
C LEU B 613 -6.92 0.55 -53.02
N GLN B 614 -6.60 1.78 -52.54
CA GLN B 614 -7.59 2.85 -52.44
C GLN B 614 -8.08 3.29 -53.83
N GLN B 615 -7.14 3.38 -54.79
CA GLN B 615 -7.51 3.85 -56.12
C GLN B 615 -8.22 2.75 -56.92
N ARG B 616 -7.72 1.52 -56.91
CA ARG B 616 -8.31 0.49 -57.77
C ARG B 616 -9.71 0.08 -57.30
N PHE B 617 -9.93 0.03 -55.97
CA PHE B 617 -11.17 -0.54 -55.46
C PHE B 617 -12.01 0.50 -54.71
N LYS B 618 -11.68 1.79 -54.84
CA LYS B 618 -12.46 2.87 -54.24
C LYS B 618 -12.61 2.68 -52.74
N LEU B 619 -11.50 2.40 -52.06
CA LEU B 619 -11.51 2.14 -50.63
C LEU B 619 -11.03 3.38 -49.89
N SER B 620 -11.46 3.50 -48.62
CA SER B 620 -10.88 4.50 -47.74
C SER B 620 -9.51 4.01 -47.29
N GLU B 621 -8.73 4.91 -46.72
CA GLU B 621 -7.50 4.56 -46.03
C GLU B 621 -7.78 3.51 -44.95
N LYS B 622 -8.87 3.65 -44.17
CA LYS B 622 -9.13 2.68 -43.11
C LYS B 622 -9.41 1.28 -43.68
N GLN B 623 -10.15 1.23 -44.78
CA GLN B 623 -10.47 -0.03 -45.40
C GLN B 623 -9.23 -0.70 -45.98
N ALA B 624 -8.39 0.07 -46.67
CA ALA B 624 -7.20 -0.48 -47.29
C ALA B 624 -6.29 -1.06 -46.23
N GLN B 625 -6.12 -0.33 -45.12
CA GLN B 625 -5.29 -0.75 -44.00
C GLN B 625 -5.83 -2.06 -43.39
N ALA B 626 -7.16 -2.18 -43.33
CA ALA B 626 -7.76 -3.38 -42.76
C ALA B 626 -7.50 -4.58 -43.67
N ILE B 627 -7.56 -4.37 -44.99
CA ILE B 627 -7.29 -5.44 -45.94
C ILE B 627 -5.82 -5.85 -45.83
N LEU B 628 -4.91 -4.87 -45.75
CA LEU B 628 -3.51 -5.17 -45.57
C LEU B 628 -3.27 -5.88 -44.23
N ASP B 629 -4.18 -5.72 -43.24
CA ASP B 629 -3.96 -6.29 -41.92
C ASP B 629 -4.58 -7.69 -41.81
N MET B 630 -5.34 -8.08 -42.83
CA MET B 630 -6.08 -9.33 -42.82
C MET B 630 -5.09 -10.50 -42.91
N ARG B 631 -5.23 -11.48 -42.00
CA ARG B 631 -4.44 -12.70 -42.07
C ARG B 631 -4.99 -13.69 -43.10
N LEU B 632 -4.12 -14.58 -43.61
CA LEU B 632 -4.50 -15.52 -44.65
C LEU B 632 -5.61 -16.47 -44.19
N ARG B 633 -5.60 -16.83 -42.91
CA ARG B 633 -6.62 -17.71 -42.36
C ARG B 633 -8.01 -17.15 -42.61
N ARG B 634 -8.16 -15.83 -42.80
CA ARG B 634 -9.49 -15.26 -42.97
C ARG B 634 -10.06 -15.58 -44.35
N LEU B 635 -9.26 -16.27 -45.18
CA LEU B 635 -9.72 -16.68 -46.50
C LEU B 635 -10.40 -18.05 -46.48
N THR B 636 -10.40 -18.78 -45.35
CA THR B 636 -11.05 -20.08 -45.27
C THR B 636 -12.57 -19.88 -45.30
N GLY B 637 -13.28 -20.94 -45.66
CA GLY B 637 -14.73 -20.87 -45.83
C GLY B 637 -15.43 -20.29 -44.59
N LEU B 638 -15.12 -20.82 -43.41
CA LEU B 638 -15.85 -20.44 -42.20
C LEU B 638 -15.51 -18.99 -41.87
N GLU B 639 -14.27 -18.57 -42.15
CA GLU B 639 -13.88 -17.20 -41.89
C GLU B 639 -14.55 -16.24 -42.86
N ARG B 640 -14.69 -16.62 -44.14
CA ARG B 640 -15.39 -15.76 -45.08
C ARG B 640 -16.85 -15.55 -44.63
N ASP B 641 -17.49 -16.63 -44.16
CA ASP B 641 -18.89 -16.58 -43.75
C ASP B 641 -19.06 -15.71 -42.52
N LYS B 642 -18.13 -15.78 -41.57
CA LYS B 642 -18.19 -14.97 -40.36
C LYS B 642 -18.18 -13.47 -40.69
N ILE B 643 -17.32 -13.06 -41.63
CA ILE B 643 -17.28 -11.66 -42.07
C ILE B 643 -18.66 -11.18 -42.54
N GLU B 644 -19.40 -12.06 -43.23
CA GLU B 644 -20.67 -11.67 -43.85
C GLU B 644 -21.79 -11.65 -42.80
N ALA B 645 -21.81 -12.66 -41.94
CA ALA B 645 -22.71 -12.76 -40.79
C ALA B 645 -22.55 -11.55 -39.86
N GLU B 646 -21.31 -11.17 -39.55
CA GLU B 646 -21.09 -10.04 -38.67
C GLU B 646 -21.65 -8.79 -39.34
N TYR B 647 -21.49 -8.67 -40.66
CA TYR B 647 -21.96 -7.49 -41.38
C TYR B 647 -23.49 -7.40 -41.36
N ASN B 648 -24.18 -8.53 -41.56
CA ASN B 648 -25.64 -8.50 -41.67
C ASN B 648 -26.25 -8.23 -40.29
N GLU B 649 -25.60 -8.77 -39.27
CA GLU B 649 -25.98 -8.56 -37.88
C GLU B 649 -25.81 -7.08 -37.53
N LEU B 650 -24.69 -6.48 -37.97
CA LEU B 650 -24.43 -5.07 -37.73
C LEU B 650 -25.45 -4.13 -38.40
N LEU B 651 -25.90 -4.44 -39.62
CA LEU B 651 -26.88 -3.62 -40.34
C LEU B 651 -28.20 -3.54 -39.58
N ASN B 652 -28.65 -4.68 -39.10
CA ASN B 652 -29.75 -4.76 -38.17
C ASN B 652 -29.55 -3.89 -36.93
N TYR B 653 -28.41 -4.11 -36.27
CA TYR B 653 -28.10 -3.42 -35.04
C TYR B 653 -28.18 -1.91 -35.28
N ILE B 654 -27.60 -1.46 -36.41
CA ILE B 654 -27.57 -0.04 -36.73
C ILE B 654 -28.99 0.49 -36.85
N SER B 655 -29.92 -0.28 -37.44
CA SER B 655 -31.26 0.24 -37.67
C SER B 655 -32.06 0.27 -36.36
N GLU B 656 -31.76 -0.66 -35.44
CA GLU B 656 -32.32 -0.62 -34.09
C GLU B 656 -31.88 0.64 -33.34
N LEU B 657 -30.57 0.92 -33.39
CA LEU B 657 -30.01 2.10 -32.74
C LEU B 657 -30.66 3.36 -33.27
N GLU B 658 -30.90 3.41 -34.59
CA GLU B 658 -31.40 4.63 -35.23
C GLU B 658 -32.84 4.90 -34.81
N THR B 659 -33.61 3.83 -34.65
CA THR B 659 -34.99 3.89 -34.20
C THR B 659 -35.05 4.58 -32.84
N ILE B 660 -34.10 4.19 -31.96
CA ILE B 660 -34.06 4.72 -30.61
C ILE B 660 -33.83 6.22 -30.66
N LEU B 661 -32.83 6.65 -31.44
CA LEU B 661 -32.43 8.05 -31.49
C LEU B 661 -33.44 8.93 -32.25
N ALA B 662 -34.33 8.33 -33.06
CA ALA B 662 -35.28 9.12 -33.84
C ALA B 662 -36.53 9.44 -33.04
N ASP B 663 -36.67 8.89 -31.81
CA ASP B 663 -37.90 8.94 -31.07
C ASP B 663 -37.58 8.99 -29.57
N GLU B 664 -37.79 10.16 -28.96
CA GLU B 664 -37.51 10.40 -27.55
C GLU B 664 -38.35 9.47 -26.66
N GLU B 665 -39.53 9.04 -27.10
CA GLU B 665 -40.36 8.17 -26.31
C GLU B 665 -39.80 6.76 -26.31
N VAL B 666 -39.21 6.35 -27.43
CA VAL B 666 -38.59 5.04 -27.51
C VAL B 666 -37.39 5.01 -26.55
N LEU B 667 -36.61 6.11 -26.55
CA LEU B 667 -35.44 6.21 -25.69
C LEU B 667 -35.91 6.10 -24.23
N LEU B 668 -36.94 6.88 -23.88
CA LEU B 668 -37.38 6.96 -22.48
C LEU B 668 -37.86 5.58 -22.04
N GLN B 669 -38.59 4.89 -22.92
CA GLN B 669 -39.07 3.55 -22.65
C GLN B 669 -37.91 2.58 -22.38
N LEU B 670 -36.80 2.77 -23.12
CA LEU B 670 -35.61 1.93 -22.98
C LEU B 670 -35.05 2.13 -21.58
N VAL B 671 -34.96 3.40 -21.14
CA VAL B 671 -34.54 3.73 -19.78
C VAL B 671 -35.44 3.01 -18.76
N ARG B 672 -36.77 3.03 -18.98
CA ARG B 672 -37.68 2.36 -18.06
C ARG B 672 -37.45 0.84 -18.03
N ASP B 673 -37.22 0.23 -19.20
CA ASP B 673 -37.09 -1.22 -19.26
C ASP B 673 -35.80 -1.65 -18.58
N GLU B 674 -34.75 -0.82 -18.70
CA GLU B 674 -33.46 -1.12 -18.10
C GLU B 674 -33.53 -0.95 -16.57
N LEU B 675 -34.23 0.08 -16.08
CA LEU B 675 -34.48 0.24 -14.65
C LEU B 675 -35.29 -0.95 -14.10
N THR B 676 -36.31 -1.37 -14.86
CA THR B 676 -37.18 -2.47 -14.46
C THR B 676 -36.36 -3.76 -14.31
N GLU B 677 -35.44 -4.00 -15.24
CA GLU B 677 -34.61 -5.19 -15.18
C GLU B 677 -33.74 -5.17 -13.91
N ILE B 678 -33.16 -4.02 -13.57
CA ILE B 678 -32.35 -3.92 -12.36
C ILE B 678 -33.23 -4.08 -11.12
N ARG B 679 -34.44 -3.54 -11.14
CA ARG B 679 -35.36 -3.72 -10.04
C ARG B 679 -35.66 -5.21 -9.84
N ASP B 680 -36.02 -5.90 -10.93
CA ASP B 680 -36.32 -7.32 -10.83
C ASP B 680 -35.12 -8.13 -10.36
N ARG B 681 -33.89 -7.75 -10.72
CA ARG B 681 -32.74 -8.58 -10.37
C ARG B 681 -32.21 -8.24 -8.98
N PHE B 682 -32.27 -6.97 -8.56
CA PHE B 682 -31.61 -6.52 -7.34
C PHE B 682 -32.58 -6.02 -6.26
N GLY B 683 -33.81 -5.69 -6.64
CA GLY B 683 -34.82 -5.24 -5.69
C GLY B 683 -35.02 -6.27 -4.60
N ASP B 684 -35.18 -5.81 -3.34
CA ASP B 684 -35.33 -6.71 -2.20
C ASP B 684 -36.40 -6.15 -1.28
N ASP B 685 -36.73 -6.92 -0.24
CA ASP B 685 -37.78 -6.51 0.70
C ASP B 685 -37.35 -5.34 1.60
N ARG B 686 -38.34 -4.54 2.00
CA ARG B 686 -38.20 -3.53 3.03
C ARG B 686 -37.74 -4.17 4.32
N ARG B 687 -36.80 -3.53 5.00
CA ARG B 687 -36.29 -4.04 6.26
C ARG B 687 -36.86 -3.24 7.43
N THR B 688 -36.87 -1.91 7.32
CA THR B 688 -37.30 -1.03 8.39
C THR B 688 -38.81 -0.85 8.34
N GLU B 689 -39.47 -0.97 9.49
CA GLU B 689 -40.91 -0.89 9.55
C GLU B 689 -41.25 0.54 9.94
N ILE B 690 -42.11 1.16 9.14
CA ILE B 690 -42.61 2.49 9.44
C ILE B 690 -43.92 2.34 10.21
N GLN B 691 -43.88 2.62 11.52
CA GLN B 691 -45.04 2.48 12.37
C GLN B 691 -45.84 3.77 12.46
N LEU B 692 -47.17 3.64 12.39
CA LEU B 692 -48.09 4.78 12.36
C LEU B 692 -48.60 5.03 13.79
#